data_7ALA
#
_entry.id   7ALA
#
_cell.length_a   162.745
_cell.length_b   114.013
_cell.length_c   113.83
_cell.angle_alpha   90
_cell.angle_beta   130.34
_cell.angle_gamma   90
#
_symmetry.space_group_name_H-M   'C 1 2 1'
#
loop_
_entity.id
_entity.type
_entity.pdbx_description
1 polymer 'GTP cyclohydrolase 1'
2 polymer 'GTP cyclohydrolase 1 feedback regulatory protein'
3 non-polymer 'ZINC ION'
4 non-polymer 2-azanyl-8-[(4-fluorophenyl)methylsulfanyl]-1,7-dihydropurin-6-one
5 non-polymer 'SODIUM ION'
6 water water
#
loop_
_entity_poly.entity_id
_entity_poly.type
_entity_poly.pdbx_seq_one_letter_code
_entity_poly.pdbx_strand_id
1 'polypeptide(L)'
;PEAKSAQPADGWKGERPRSEEDNELNLPNLAAAYSSILSSLGENPQRQGLLKTPWRAASAMQFFTKGYQETISDVLNDAI
FDEDHDEMVIVKDIDMFSMCEHHLVPFVGKVHIGYLPNKQVLGLSKLARIVEIYSRRLQVQERLTKQIAVAITEALRPAG
VGVVVEATHMCMVMRGVQKMNSKTVTSTMLGVFREDPKTREEFLTLIRS
;
A,B,C,D,E
2 'polypeptide(L)'
;GSHMPYLLISTQIRMEVGPTMVGDEQSDPELMQHLGASKRRALGNNFYEYYVDDPPRIVLDKLERRGFRVLSMTGVGQTL
VWCLHKE
;
F,G,H,I,J
#
loop_
_chem_comp.id
_chem_comp.type
_chem_comp.name
_chem_comp.formula
5RW non-polymer 2-azanyl-8-[(4-fluorophenyl)methylsulfanyl]-1,7-dihydropurin-6-one 'C12 H10 F N5 O S'
NA non-polymer 'SODIUM ION' 'Na 1'
ZN non-polymer 'ZINC ION' 'Zn 2'
#
# COMPACT_ATOMS: atom_id res chain seq x y z
N PRO A 17 10.16 36.17 25.60
CA PRO A 17 9.45 35.05 26.23
C PRO A 17 9.00 35.37 27.64
N ARG A 18 8.00 34.64 28.11
CA ARG A 18 7.47 34.77 29.46
C ARG A 18 8.54 34.34 30.47
N SER A 19 8.74 35.13 31.52
CA SER A 19 9.75 34.81 32.53
C SER A 19 9.13 34.32 33.83
N GLU A 20 9.95 33.74 34.73
CA GLU A 20 9.45 33.33 36.04
C GLU A 20 9.04 34.53 36.90
N GLU A 21 9.56 35.75 36.60
CA GLU A 21 9.18 36.98 37.31
C GLU A 21 7.75 37.36 36.91
N ASP A 22 7.44 37.28 35.59
CA ASP A 22 6.10 37.54 35.07
C ASP A 22 5.08 36.60 35.72
N ASN A 23 5.48 35.33 35.94
CA ASN A 23 4.62 34.33 36.56
C ASN A 23 4.32 34.67 38.01
N GLU A 24 5.34 35.04 38.80
CA GLU A 24 5.14 35.39 40.20
C GLU A 24 4.24 36.62 40.32
N LEU A 25 4.49 37.61 39.48
CA LEU A 25 3.71 38.84 39.45
C LEU A 25 2.25 38.62 39.05
N ASN A 26 1.99 37.73 38.09
CA ASN A 26 0.62 37.52 37.61
C ASN A 26 -0.15 36.43 38.32
N LEU A 27 0.51 35.61 39.17
CA LEU A 27 -0.17 34.59 39.93
C LEU A 27 -1.35 35.12 40.76
N PRO A 28 -1.22 36.25 41.51
CA PRO A 28 -2.38 36.73 42.28
C PRO A 28 -3.52 37.22 41.41
N ASN A 29 -3.21 37.79 40.23
CA ASN A 29 -4.25 38.24 39.30
C ASN A 29 -5.00 37.04 38.71
N LEU A 30 -4.29 35.93 38.46
CA LEU A 30 -4.89 34.71 37.95
C LEU A 30 -5.78 34.11 39.02
N ALA A 31 -5.29 34.05 40.29
CA ALA A 31 -6.04 33.51 41.42
C ALA A 31 -7.29 34.33 41.67
N ALA A 32 -7.22 35.64 41.53
CA ALA A 32 -8.37 36.52 41.71
C ALA A 32 -9.43 36.25 40.65
N ALA A 33 -9.02 36.03 39.40
CA ALA A 33 -9.96 35.72 38.33
C ALA A 33 -10.62 34.35 38.55
N TYR A 34 -9.86 33.36 39.03
CA TYR A 34 -10.41 32.03 39.30
C TYR A 34 -11.36 32.05 40.51
N SER A 35 -11.08 32.93 41.51
CA SER A 35 -11.97 33.11 42.66
C SER A 35 -13.30 33.72 42.17
N SER A 36 -13.21 34.72 41.28
CA SER A 36 -14.37 35.36 40.66
C SER A 36 -15.22 34.31 39.91
N ILE A 37 -14.57 33.44 39.11
CA ILE A 37 -15.24 32.38 38.36
C ILE A 37 -16.01 31.43 39.30
N LEU A 38 -15.42 31.02 40.45
CA LEU A 38 -16.12 30.14 41.38
C LEU A 38 -17.41 30.79 41.87
N SER A 39 -17.36 32.09 42.16
CA SER A 39 -18.53 32.83 42.63
C SER A 39 -19.58 33.01 41.51
N SER A 40 -19.13 33.31 40.30
CA SER A 40 -20.03 33.49 39.17
C SER A 40 -20.73 32.20 38.75
N LEU A 41 -20.13 31.03 39.04
CA LEU A 41 -20.74 29.73 38.71
C LEU A 41 -21.84 29.28 39.68
N GLY A 42 -22.02 30.00 40.79
CA GLY A 42 -23.00 29.63 41.81
C GLY A 42 -22.39 28.82 42.95
N GLU A 43 -21.09 28.57 42.89
CA GLU A 43 -20.40 27.81 43.90
C GLU A 43 -19.99 28.64 45.11
N ASN A 44 -19.62 27.94 46.18
CA ASN A 44 -19.18 28.52 47.41
C ASN A 44 -17.66 28.41 47.46
N PRO A 45 -16.93 29.50 47.15
CA PRO A 45 -15.45 29.43 47.23
C PRO A 45 -14.88 29.19 48.64
N GLN A 46 -15.73 29.20 49.68
CA GLN A 46 -15.31 28.99 51.07
C GLN A 46 -15.39 27.54 51.55
N ARG A 47 -16.02 26.63 50.78
CA ARG A 47 -16.08 25.23 51.18
C ARG A 47 -14.69 24.59 51.10
N GLN A 48 -14.45 23.56 51.92
CA GLN A 48 -13.18 22.84 52.01
C GLN A 48 -12.49 22.58 50.65
N GLY A 49 -13.23 22.02 49.69
CA GLY A 49 -12.73 21.66 48.38
C GLY A 49 -12.35 22.80 47.46
N LEU A 50 -12.93 23.99 47.65
CA LEU A 50 -12.62 25.13 46.78
C LEU A 50 -11.73 26.18 47.40
N LEU A 51 -11.37 26.06 48.70
CA LEU A 51 -10.56 27.04 49.39
C LEU A 51 -9.27 27.40 48.70
N LYS A 52 -8.48 26.40 48.30
CA LYS A 52 -7.19 26.65 47.63
C LYS A 52 -7.26 26.62 46.09
N THR A 53 -8.46 26.43 45.52
CA THR A 53 -8.69 26.31 44.09
C THR A 53 -8.26 27.55 43.29
N PRO A 54 -8.51 28.81 43.74
CA PRO A 54 -8.02 29.95 42.95
C PRO A 54 -6.52 29.90 42.68
N TRP A 55 -5.72 29.47 43.68
CA TRP A 55 -4.28 29.36 43.50
C TRP A 55 -3.88 28.10 42.71
N ARG A 56 -4.52 26.95 42.97
CA ARG A 56 -4.22 25.71 42.26
C ARG A 56 -4.56 25.80 40.78
N ALA A 57 -5.72 26.38 40.44
CA ALA A 57 -6.15 26.57 39.05
C ALA A 57 -5.23 27.53 38.34
N ALA A 58 -4.78 28.61 39.04
CA ALA A 58 -3.87 29.60 38.48
C ALA A 58 -2.51 28.98 38.19
N SER A 59 -1.96 28.19 39.13
CA SER A 59 -0.67 27.55 38.92
C SER A 59 -0.76 26.50 37.81
N ALA A 60 -1.89 25.76 37.74
CA ALA A 60 -2.11 24.78 36.69
C ALA A 60 -2.13 25.46 35.33
N MET A 61 -2.91 26.56 35.16
CA MET A 61 -3.00 27.28 33.91
C MET A 61 -1.66 27.90 33.49
N GLN A 62 -0.78 28.23 34.46
CA GLN A 62 0.56 28.75 34.14
C GLN A 62 1.42 27.60 33.61
N PHE A 63 1.34 26.44 34.25
CA PHE A 63 2.08 25.27 33.80
C PHE A 63 1.61 24.80 32.40
N PHE A 64 0.30 24.84 32.15
CA PHE A 64 -0.25 24.43 30.84
C PHE A 64 0.19 25.36 29.70
N THR A 65 0.49 26.63 30.02
CA THR A 65 0.95 27.60 29.05
C THR A 65 2.44 27.94 29.26
N LYS A 66 3.22 26.98 29.80
CA LYS A 66 4.66 27.20 30.04
C LYS A 66 5.52 27.23 28.75
N GLY A 67 4.93 26.93 27.61
CA GLY A 67 5.61 26.98 26.33
C GLY A 67 5.98 28.40 25.94
N TYR A 68 5.20 29.39 26.41
CA TYR A 68 5.48 30.80 26.17
C TYR A 68 6.77 31.25 26.87
N GLN A 69 7.30 30.47 27.84
CA GLN A 69 8.50 30.88 28.54
C GLN A 69 9.80 30.29 27.94
N GLU A 70 9.70 29.68 26.77
CA GLU A 70 10.83 29.06 26.09
C GLU A 70 10.82 29.37 24.59
N THR A 71 12.01 29.48 24.00
CA THR A 71 12.11 29.69 22.55
C THR A 71 12.73 28.47 21.86
N ILE A 72 12.47 28.32 20.56
CA ILE A 72 13.00 27.22 19.77
C ILE A 72 14.54 27.16 19.84
N SER A 73 15.21 28.33 19.97
CA SER A 73 16.65 28.40 20.09
C SER A 73 17.17 27.73 21.37
N ASP A 74 16.47 27.91 22.50
CA ASP A 74 16.81 27.27 23.76
C ASP A 74 16.75 25.74 23.63
N VAL A 75 15.75 25.24 22.91
CA VAL A 75 15.56 23.81 22.69
C VAL A 75 16.72 23.23 21.86
N LEU A 76 17.19 23.97 20.87
CA LEU A 76 18.24 23.51 19.95
C LEU A 76 19.65 23.50 20.52
N ASN A 77 19.83 23.87 21.77
CA ASN A 77 21.11 23.82 22.44
C ASN A 77 21.54 22.35 22.59
N ASP A 78 22.73 22.03 22.08
CA ASP A 78 23.31 20.68 22.09
C ASP A 78 22.36 19.63 21.44
N ALA A 79 21.52 20.08 20.51
CA ALA A 79 20.55 19.21 19.87
C ALA A 79 20.98 18.70 18.52
N ILE A 80 21.82 19.45 17.79
CA ILE A 80 22.23 19.07 16.44
C ILE A 80 23.49 18.21 16.41
N PHE A 81 23.50 17.20 15.56
CA PHE A 81 24.64 16.30 15.40
C PHE A 81 24.90 16.12 13.92
N ASP A 82 26.13 16.33 13.47
CA ASP A 82 26.48 16.11 12.06
C ASP A 82 26.71 14.62 11.91
N GLU A 83 25.90 14.00 11.06
CA GLU A 83 25.96 12.57 10.84
C GLU A 83 25.68 12.23 9.40
N ASP A 84 26.24 11.11 8.93
CA ASP A 84 26.01 10.60 7.58
C ASP A 84 25.25 9.26 7.77
N HIS A 85 23.91 9.30 7.99
CA HIS A 85 23.21 8.04 8.23
C HIS A 85 22.40 7.53 7.00
N ASP A 86 21.53 8.35 6.45
CA ASP A 86 20.65 7.95 5.36
C ASP A 86 19.67 6.83 5.82
N GLU A 87 18.72 7.22 6.64
CA GLU A 87 17.69 6.34 7.16
C GLU A 87 16.53 7.18 7.64
N MET A 88 15.32 6.60 7.65
CA MET A 88 14.19 7.34 8.21
C MET A 88 14.26 7.26 9.74
N VAL A 89 14.09 8.40 10.40
CA VAL A 89 14.11 8.46 11.86
C VAL A 89 12.71 8.87 12.31
N ILE A 90 12.09 8.07 13.19
CA ILE A 90 10.77 8.34 13.69
C ILE A 90 10.73 8.32 15.22
N VAL A 91 10.01 9.26 15.82
CA VAL A 91 9.72 9.21 17.24
C VAL A 91 8.20 9.21 17.30
N LYS A 92 7.59 8.09 17.68
CA LYS A 92 6.14 7.98 17.72
C LYS A 92 5.57 7.92 19.14
N ASP A 93 4.26 8.16 19.29
CA ASP A 93 3.55 8.13 20.57
C ASP A 93 4.11 9.13 21.58
N ILE A 94 4.45 10.34 21.13
CA ILE A 94 4.92 11.38 22.04
C ILE A 94 3.67 11.95 22.67
N ASP A 95 3.52 11.84 24.00
CA ASP A 95 2.34 12.37 24.68
C ASP A 95 2.26 13.87 24.51
N MET A 96 1.06 14.35 24.24
CA MET A 96 0.85 15.75 23.93
C MET A 96 -0.35 16.24 24.68
N PHE A 97 -0.19 17.37 25.37
CA PHE A 97 -1.24 17.99 26.15
C PHE A 97 -1.20 19.43 25.76
N SER A 98 -2.28 19.89 25.15
CA SER A 98 -2.40 21.28 24.76
C SER A 98 -3.69 21.88 25.30
N MET A 99 -3.92 23.14 25.06
CA MET A 99 -5.08 23.84 25.55
C MET A 99 -5.77 24.47 24.36
N CYS A 100 -7.07 24.23 24.23
CA CYS A 100 -7.83 24.81 23.11
C CYS A 100 -7.88 26.33 23.31
N GLU A 101 -7.43 27.12 22.33
CA GLU A 101 -7.45 28.58 22.42
C GLU A 101 -8.86 29.17 22.34
N HIS A 102 -9.84 28.42 21.81
CA HIS A 102 -11.22 28.90 21.71
C HIS A 102 -12.01 28.75 23.00
N HIS A 103 -11.85 27.63 23.72
CA HIS A 103 -12.65 27.37 24.92
C HIS A 103 -11.87 27.25 26.22
N LEU A 104 -10.53 27.23 26.18
CA LEU A 104 -9.64 27.05 27.32
C LEU A 104 -9.86 25.72 28.04
N VAL A 105 -10.13 24.67 27.27
CA VAL A 105 -10.34 23.29 27.72
C VAL A 105 -9.24 22.47 27.05
N PRO A 106 -8.62 21.48 27.75
CA PRO A 106 -7.55 20.72 27.10
C PRO A 106 -7.93 19.85 25.89
N PHE A 107 -6.98 19.71 24.98
CA PHE A 107 -7.04 18.73 23.92
C PHE A 107 -5.77 17.93 24.10
N VAL A 108 -5.92 16.62 24.18
CA VAL A 108 -4.83 15.73 24.52
C VAL A 108 -4.70 14.60 23.54
N GLY A 109 -3.49 14.07 23.44
CA GLY A 109 -3.24 12.94 22.56
C GLY A 109 -1.78 12.62 22.39
N LYS A 110 -1.39 12.38 21.11
CA LYS A 110 -0.08 11.92 20.71
C LYS A 110 0.37 12.59 19.43
N VAL A 111 1.69 12.71 19.28
CA VAL A 111 2.33 13.22 18.10
C VAL A 111 3.32 12.15 17.61
N HIS A 112 3.36 11.91 16.29
CA HIS A 112 4.29 10.98 15.64
C HIS A 112 5.09 11.82 14.66
N ILE A 113 6.41 11.80 14.80
CA ILE A 113 7.27 12.60 13.94
C ILE A 113 8.23 11.71 13.15
N GLY A 114 8.41 12.02 11.89
CA GLY A 114 9.35 11.32 11.04
C GLY A 114 10.17 12.31 10.24
N TYR A 115 11.40 11.94 9.92
CA TYR A 115 12.22 12.77 9.06
C TYR A 115 13.33 11.98 8.39
N LEU A 116 13.78 12.48 7.24
CA LEU A 116 14.87 11.85 6.53
C LEU A 116 15.95 12.90 6.53
N PRO A 117 17.01 12.67 7.30
CA PRO A 117 18.05 13.71 7.40
C PRO A 117 18.87 13.91 6.15
N ASN A 118 19.46 15.08 6.02
CA ASN A 118 20.37 15.38 4.93
C ASN A 118 21.75 15.17 5.57
N LYS A 119 22.33 16.18 6.24
CA LYS A 119 23.62 16.01 6.89
C LYS A 119 23.56 16.16 8.42
N GLN A 120 22.38 16.45 8.99
CA GLN A 120 22.26 16.64 10.43
C GLN A 120 21.07 15.91 11.05
N VAL A 121 21.29 15.35 12.25
CA VAL A 121 20.24 14.70 13.00
C VAL A 121 20.01 15.47 14.32
N LEU A 122 18.83 15.33 14.91
CA LEU A 122 18.52 15.92 16.19
C LEU A 122 18.64 14.85 17.24
N GLY A 123 18.93 15.25 18.49
CA GLY A 123 18.86 14.31 19.61
C GLY A 123 17.40 13.87 19.77
N LEU A 124 17.12 12.54 19.92
CA LEU A 124 15.73 12.08 19.94
C LEU A 124 14.83 12.81 20.94
N SER A 125 15.33 13.13 22.12
CA SER A 125 14.55 13.86 23.12
C SER A 125 14.18 15.27 22.68
N LYS A 126 15.02 15.90 21.82
CA LYS A 126 14.78 17.25 21.33
C LYS A 126 13.54 17.34 20.45
N LEU A 127 13.16 16.24 19.76
CA LEU A 127 11.92 16.19 18.98
C LEU A 127 10.73 16.35 19.97
N ALA A 128 10.80 15.70 21.14
CA ALA A 128 9.76 15.82 22.17
C ALA A 128 9.71 17.22 22.76
N ARG A 129 10.89 17.84 22.95
CA ARG A 129 11.02 19.20 23.46
C ARG A 129 10.37 20.21 22.48
N ILE A 130 10.36 19.90 21.16
CA ILE A 130 9.69 20.73 20.17
C ILE A 130 8.17 20.64 20.33
N VAL A 131 7.64 19.41 20.54
CA VAL A 131 6.21 19.22 20.79
C VAL A 131 5.83 19.98 22.08
N GLU A 132 6.67 19.88 23.11
CA GLU A 132 6.45 20.59 24.37
C GLU A 132 6.30 22.12 24.26
N ILE A 133 7.24 22.85 23.63
CA ILE A 133 7.14 24.30 23.60
C ILE A 133 5.93 24.82 22.82
N TYR A 134 5.49 24.13 21.74
CA TYR A 134 4.31 24.57 20.99
C TYR A 134 2.98 24.08 21.60
N SER A 135 2.94 22.85 22.13
CA SER A 135 1.69 22.32 22.67
C SER A 135 1.34 22.99 24.01
N ARG A 136 2.35 23.42 24.79
CA ARG A 136 2.07 24.08 26.08
C ARG A 136 1.72 25.57 25.90
N ARG A 137 0.72 25.85 25.06
CA ARG A 137 0.23 27.17 24.67
C ARG A 137 -1.29 27.08 24.37
N LEU A 138 -1.95 28.21 24.21
CA LEU A 138 -3.34 28.26 23.77
C LEU A 138 -3.23 28.01 22.25
N GLN A 139 -3.79 26.89 21.80
CA GLN A 139 -3.59 26.42 20.45
C GLN A 139 -4.84 25.92 19.70
N VAL A 140 -4.67 25.72 18.38
CA VAL A 140 -5.55 25.00 17.48
C VAL A 140 -4.64 23.90 16.92
N GLN A 141 -5.13 22.66 16.87
CA GLN A 141 -4.32 21.52 16.45
C GLN A 141 -3.56 21.72 15.13
N GLU A 142 -4.19 22.38 14.13
CA GLU A 142 -3.58 22.63 12.82
C GLU A 142 -2.34 23.52 12.94
N ARG A 143 -2.38 24.57 13.79
CA ARG A 143 -1.23 25.45 13.94
C ARG A 143 -0.11 24.70 14.66
N LEU A 144 -0.45 23.94 15.68
CA LEU A 144 0.49 23.14 16.46
C LEU A 144 1.25 22.17 15.54
N THR A 145 0.52 21.45 14.67
CA THR A 145 1.11 20.49 13.75
C THR A 145 2.14 21.18 12.83
N LYS A 146 1.74 22.33 12.28
CA LYS A 146 2.59 23.10 11.39
C LYS A 146 3.85 23.62 12.11
N GLN A 147 3.69 24.17 13.32
CA GLN A 147 4.82 24.70 14.07
C GLN A 147 5.89 23.64 14.34
N ILE A 148 5.49 22.42 14.70
CA ILE A 148 6.43 21.32 14.92
C ILE A 148 7.20 21.01 13.62
N ALA A 149 6.47 20.83 12.51
CA ALA A 149 7.10 20.50 11.23
C ALA A 149 8.03 21.59 10.73
N VAL A 150 7.61 22.86 10.87
CA VAL A 150 8.42 24.00 10.45
C VAL A 150 9.70 24.10 11.29
N ALA A 151 9.59 23.84 12.62
CA ALA A 151 10.76 23.91 13.48
C ALA A 151 11.77 22.86 13.12
N ILE A 152 11.34 21.63 12.82
CA ILE A 152 12.26 20.57 12.43
C ILE A 152 12.90 20.86 11.06
N THR A 153 12.10 21.34 10.12
CA THR A 153 12.58 21.64 8.76
C THR A 153 13.64 22.73 8.80
N GLU A 154 13.38 23.77 9.60
CA GLU A 154 14.31 24.90 9.69
C GLU A 154 15.57 24.59 10.50
N ALA A 155 15.48 23.74 11.53
CA ALA A 155 16.63 23.36 12.33
C ALA A 155 17.58 22.38 11.63
N LEU A 156 17.07 21.51 10.75
CA LEU A 156 17.91 20.49 10.13
C LEU A 156 18.07 20.56 8.64
N ARG A 157 17.18 21.29 7.93
CA ARG A 157 17.12 21.28 6.46
C ARG A 157 17.11 19.86 5.89
N PRO A 158 16.18 19.02 6.38
CA PRO A 158 16.20 17.62 5.97
C PRO A 158 15.59 17.41 4.60
N ALA A 159 15.73 16.18 4.06
CA ALA A 159 15.12 15.84 2.77
C ALA A 159 13.57 15.82 2.88
N GLY A 160 13.05 15.57 4.09
CA GLY A 160 11.62 15.49 4.34
C GLY A 160 11.26 15.34 5.80
N VAL A 161 10.04 15.76 6.14
CA VAL A 161 9.49 15.68 7.51
C VAL A 161 8.02 15.28 7.41
N GLY A 162 7.57 14.44 8.34
CA GLY A 162 6.19 14.04 8.50
C GLY A 162 5.79 14.28 9.94
N VAL A 163 4.69 14.99 10.17
CA VAL A 163 4.18 15.23 11.52
C VAL A 163 2.71 14.86 11.57
N VAL A 164 2.33 13.95 12.46
CA VAL A 164 0.95 13.52 12.62
C VAL A 164 0.56 13.74 14.09
N VAL A 165 -0.47 14.56 14.31
CA VAL A 165 -1.02 14.77 15.65
C VAL A 165 -2.40 14.08 15.71
N GLU A 166 -2.67 13.31 16.78
N GLU A 166 -2.66 13.30 16.77
CA GLU A 166 -3.95 12.65 17.03
CA GLU A 166 -3.97 12.71 17.00
C GLU A 166 -4.41 13.13 18.42
C GLU A 166 -4.40 13.17 18.41
N ALA A 167 -5.57 13.80 18.51
CA ALA A 167 -6.04 14.34 19.77
C ALA A 167 -7.54 14.29 20.00
N THR A 168 -7.94 14.20 21.28
CA THR A 168 -9.33 14.27 21.72
C THR A 168 -9.53 15.69 22.25
N HIS A 169 -10.59 16.37 21.83
CA HIS A 169 -10.87 17.72 22.27
C HIS A 169 -11.96 17.70 23.36
N MET A 170 -11.64 18.08 24.60
CA MET A 170 -12.63 18.05 25.69
C MET A 170 -13.82 18.98 25.46
N CYS A 171 -13.65 20.02 24.63
CA CYS A 171 -14.72 20.95 24.32
C CYS A 171 -15.68 20.24 23.37
N SER A 182 -15.12 11.19 19.23
CA SER A 182 -14.45 11.56 17.97
C SER A 182 -13.01 12.08 18.19
N LYS A 183 -12.10 11.75 17.24
CA LYS A 183 -10.70 12.17 17.35
C LYS A 183 -10.30 13.03 16.19
N THR A 184 -9.43 14.03 16.42
CA THR A 184 -8.94 14.89 15.37
C THR A 184 -7.51 14.49 15.04
N VAL A 185 -7.27 14.22 13.77
CA VAL A 185 -5.95 13.85 13.30
C VAL A 185 -5.53 14.89 12.27
N THR A 186 -4.37 15.49 12.45
CA THR A 186 -3.82 16.46 11.52
C THR A 186 -2.48 15.91 11.06
N SER A 187 -2.16 16.11 9.78
CA SER A 187 -0.98 15.54 9.21
C SER A 187 -0.26 16.48 8.23
N THR A 188 1.00 16.78 8.51
CA THR A 188 1.85 17.59 7.64
C THR A 188 2.89 16.68 6.98
N MET A 189 2.96 16.67 5.65
CA MET A 189 3.94 15.90 4.91
C MET A 189 4.77 16.88 4.08
N LEU A 190 6.09 16.99 4.34
CA LEU A 190 6.95 17.93 3.62
C LEU A 190 8.11 17.21 2.91
N GLY A 191 8.62 17.82 1.84
CA GLY A 191 9.77 17.28 1.11
C GLY A 191 9.47 15.91 0.55
N VAL A 192 10.40 14.97 0.72
CA VAL A 192 10.24 13.61 0.18
C VAL A 192 9.05 12.86 0.84
N PHE A 193 8.62 13.28 2.05
CA PHE A 193 7.44 12.66 2.70
C PHE A 193 6.19 13.02 1.88
N ARG A 194 6.15 14.19 1.25
CA ARG A 194 5.05 14.59 0.40
C ARG A 194 5.20 13.94 -0.98
N GLU A 195 6.38 14.04 -1.60
CA GLU A 195 6.62 13.63 -2.98
C GLU A 195 6.73 12.15 -3.26
N ASP A 196 7.42 11.41 -2.41
CA ASP A 196 7.69 10.00 -2.68
C ASP A 196 6.61 9.07 -2.06
N PRO A 197 5.89 8.30 -2.88
CA PRO A 197 4.86 7.38 -2.30
C PRO A 197 5.48 6.34 -1.38
N LYS A 198 6.70 5.86 -1.69
CA LYS A 198 7.38 4.87 -0.88
C LYS A 198 7.71 5.44 0.49
N THR A 199 8.21 6.66 0.54
CA THR A 199 8.56 7.34 1.78
C THR A 199 7.33 7.55 2.65
N ARG A 200 6.22 8.07 2.06
CA ARG A 200 5.04 8.36 2.86
C ARG A 200 4.41 7.07 3.41
N GLU A 201 4.39 6.03 2.61
CA GLU A 201 3.83 4.74 2.99
C GLU A 201 4.66 4.12 4.12
N GLU A 202 5.98 4.21 4.02
CA GLU A 202 6.89 3.69 5.02
C GLU A 202 6.65 4.39 6.38
N PHE A 203 6.55 5.72 6.38
CA PHE A 203 6.31 6.48 7.59
C PHE A 203 4.96 6.09 8.24
N LEU A 204 3.90 6.05 7.42
CA LEU A 204 2.57 5.75 7.92
C LEU A 204 2.45 4.32 8.43
N THR A 205 3.20 3.38 7.83
CA THR A 205 3.19 1.99 8.31
C THR A 205 3.94 1.90 9.65
N LEU A 206 5.13 2.51 9.72
CA LEU A 206 5.96 2.44 10.90
C LEU A 206 5.39 3.17 12.11
N ILE A 207 4.50 4.17 11.93
CA ILE A 207 3.92 4.86 13.09
C ILE A 207 2.76 4.08 13.74
N ARG A 208 2.36 2.91 13.18
CA ARG A 208 1.30 2.11 13.80
C ARG A 208 1.72 1.65 15.21
N LEU B 27 -48.18 15.25 15.51
CA LEU B 27 -48.00 14.38 16.68
C LEU B 27 -49.22 13.49 16.99
N PRO B 28 -50.48 13.99 17.12
CA PRO B 28 -51.61 13.08 17.39
C PRO B 28 -51.86 12.09 16.24
N ASN B 29 -51.57 12.50 15.00
CA ASN B 29 -51.72 11.60 13.86
C ASN B 29 -50.69 10.47 13.93
N LEU B 30 -49.48 10.78 14.41
CA LEU B 30 -48.43 9.79 14.58
C LEU B 30 -48.81 8.82 15.69
N ALA B 31 -49.32 9.36 16.83
CA ALA B 31 -49.76 8.54 17.97
C ALA B 31 -50.93 7.63 17.59
N ALA B 32 -51.84 8.12 16.73
CA ALA B 32 -52.97 7.32 16.26
C ALA B 32 -52.49 6.15 15.40
N ALA B 33 -51.49 6.39 14.54
CA ALA B 33 -50.92 5.33 13.71
C ALA B 33 -50.17 4.31 14.57
N TYR B 34 -49.44 4.76 15.59
CA TYR B 34 -48.74 3.83 16.49
C TYR B 34 -49.70 3.02 17.34
N SER B 35 -50.85 3.61 17.72
CA SER B 35 -51.88 2.90 18.45
C SER B 35 -52.47 1.81 17.54
N SER B 36 -52.72 2.14 16.26
CA SER B 36 -53.21 1.20 15.27
C SER B 36 -52.23 0.02 15.11
N ILE B 37 -50.91 0.31 14.99
CA ILE B 37 -49.84 -0.70 14.89
C ILE B 37 -49.86 -1.63 16.10
N LEU B 38 -50.03 -1.07 17.31
CA LEU B 38 -50.08 -1.85 18.55
C LEU B 38 -51.23 -2.86 18.52
N SER B 39 -52.38 -2.48 17.94
CA SER B 39 -53.53 -3.36 17.81
C SER B 39 -53.34 -4.39 16.70
N SER B 40 -52.78 -3.97 15.58
CA SER B 40 -52.56 -4.86 14.45
C SER B 40 -51.52 -5.94 14.73
N LEU B 41 -50.60 -5.70 15.68
CA LEU B 41 -49.57 -6.69 16.06
C LEU B 41 -50.08 -7.82 16.96
N GLY B 42 -51.31 -7.66 17.49
CA GLY B 42 -51.91 -8.63 18.40
C GLY B 42 -51.68 -8.30 19.86
N GLU B 43 -51.23 -7.08 20.14
CA GLU B 43 -50.94 -6.65 21.50
C GLU B 43 -52.10 -5.81 22.07
N ASN B 44 -52.20 -5.74 23.40
CA ASN B 44 -53.24 -5.01 24.13
C ASN B 44 -52.76 -3.59 24.39
N PRO B 45 -53.25 -2.59 23.65
CA PRO B 45 -52.80 -1.20 23.88
C PRO B 45 -53.33 -0.55 25.14
N GLN B 46 -54.06 -1.31 25.96
CA GLN B 46 -54.58 -0.83 27.22
C GLN B 46 -53.78 -1.30 28.43
N ARG B 47 -52.84 -2.26 28.26
CA ARG B 47 -52.04 -2.71 29.41
C ARG B 47 -51.09 -1.60 29.86
N GLN B 48 -50.76 -1.60 31.14
CA GLN B 48 -49.91 -0.61 31.79
C GLN B 48 -48.69 -0.17 30.98
N GLY B 49 -47.90 -1.13 30.49
CA GLY B 49 -46.69 -0.85 29.74
C GLY B 49 -46.88 -0.27 28.35
N LEU B 50 -48.10 -0.37 27.82
CA LEU B 50 -48.37 0.14 26.48
C LEU B 50 -49.26 1.35 26.42
N LEU B 51 -49.84 1.79 27.53
CA LEU B 51 -50.75 2.95 27.51
C LEU B 51 -50.11 4.23 26.90
N LYS B 52 -48.87 4.56 27.27
CA LYS B 52 -48.21 5.77 26.75
C LYS B 52 -47.35 5.55 25.49
N THR B 53 -47.22 4.29 25.03
CA THR B 53 -46.43 3.91 23.85
C THR B 53 -46.82 4.67 22.55
N PRO B 54 -48.11 4.86 22.18
CA PRO B 54 -48.41 5.63 20.95
C PRO B 54 -47.78 7.02 20.94
N TRP B 55 -47.76 7.71 22.08
CA TRP B 55 -47.15 9.03 22.20
C TRP B 55 -45.64 8.99 22.25
N ARG B 56 -45.06 8.03 23.01
CA ARG B 56 -43.59 7.90 23.14
C ARG B 56 -42.95 7.51 21.82
N ALA B 57 -43.58 6.58 21.07
CA ALA B 57 -43.08 6.16 19.76
C ALA B 57 -43.18 7.30 18.74
N ALA B 58 -44.26 8.10 18.82
CA ALA B 58 -44.46 9.23 17.92
C ALA B 58 -43.42 10.33 18.19
N SER B 59 -43.14 10.63 19.47
CA SER B 59 -42.14 11.63 19.81
C SER B 59 -40.74 11.14 19.44
N ALA B 60 -40.48 9.84 19.59
CA ALA B 60 -39.19 9.27 19.25
C ALA B 60 -38.97 9.41 17.74
N MET B 61 -39.95 9.01 16.91
CA MET B 61 -39.86 9.11 15.46
C MET B 61 -39.70 10.56 14.97
N GLN B 62 -40.25 11.54 15.71
CA GLN B 62 -40.06 12.95 15.36
C GLN B 62 -38.63 13.38 15.68
N PHE B 63 -38.09 12.94 16.82
CA PHE B 63 -36.72 13.24 17.20
C PHE B 63 -35.73 12.59 16.22
N PHE B 64 -35.99 11.33 15.79
CA PHE B 64 -35.12 10.64 14.83
C PHE B 64 -35.08 11.34 13.47
N THR B 65 -36.11 12.15 13.16
CA THR B 65 -36.18 12.88 11.90
C THR B 65 -36.11 14.41 12.10
N LYS B 66 -35.51 14.87 13.23
CA LYS B 66 -35.37 16.31 13.51
C LYS B 66 -34.49 17.09 12.50
N GLY B 67 -33.78 16.37 11.63
CA GLY B 67 -32.92 16.95 10.61
C GLY B 67 -33.68 17.67 9.52
N TYR B 68 -34.94 17.25 9.28
CA TYR B 68 -35.81 17.94 8.33
C TYR B 68 -36.14 19.38 8.79
N GLN B 69 -35.90 19.71 10.07
CA GLN B 69 -36.16 21.04 10.62
C GLN B 69 -34.99 22.00 10.40
N GLU B 70 -33.82 21.51 9.96
CA GLU B 70 -32.63 22.34 9.78
C GLU B 70 -32.21 22.49 8.32
N THR B 71 -31.45 23.53 8.02
CA THR B 71 -30.89 23.78 6.69
C THR B 71 -29.36 23.83 6.81
N ILE B 72 -28.64 23.51 5.73
CA ILE B 72 -27.18 23.56 5.73
C ILE B 72 -26.66 25.01 5.94
N SER B 73 -27.46 26.00 5.51
CA SER B 73 -27.11 27.40 5.66
C SER B 73 -27.09 27.81 7.13
N HIS B 85 -3.89 26.93 5.42
CA HIS B 85 -3.20 25.81 6.07
C HIS B 85 -2.83 24.75 5.06
N ASP B 86 -1.70 24.03 5.24
CA ASP B 86 -1.35 22.96 4.29
C ASP B 86 -1.12 21.63 4.99
N GLU B 87 -2.20 21.04 5.46
CA GLU B 87 -2.18 19.76 6.16
C GLU B 87 -3.49 19.04 5.94
N MET B 88 -3.48 17.71 6.05
CA MET B 88 -4.72 16.96 5.99
C MET B 88 -5.41 17.05 7.37
N VAL B 89 -6.70 17.39 7.36
CA VAL B 89 -7.48 17.51 8.57
C VAL B 89 -8.49 16.38 8.57
N ILE B 90 -8.51 15.59 9.67
CA ILE B 90 -9.43 14.46 9.80
C ILE B 90 -10.19 14.52 11.10
N VAL B 91 -11.49 14.24 11.07
CA VAL B 91 -12.28 14.07 12.28
C VAL B 91 -12.85 12.65 12.12
N LYS B 92 -12.36 11.73 12.93
CA LYS B 92 -12.78 10.34 12.83
C LYS B 92 -13.64 9.87 14.01
N ASP B 93 -14.36 8.77 13.84
CA ASP B 93 -15.23 8.19 14.85
C ASP B 93 -16.36 9.11 15.30
N ILE B 94 -16.97 9.82 14.37
CA ILE B 94 -18.11 10.69 14.68
C ILE B 94 -19.31 9.76 14.77
N ASP B 95 -19.95 9.67 15.95
CA ASP B 95 -21.11 8.79 16.11
C ASP B 95 -22.24 9.21 15.23
N MET B 96 -22.90 8.22 14.62
CA MET B 96 -23.94 8.50 13.65
C MET B 96 -25.13 7.59 13.93
N PHE B 97 -26.33 8.17 13.99
CA PHE B 97 -27.58 7.42 14.16
C PHE B 97 -28.53 7.90 13.05
N SER B 98 -28.94 6.98 12.18
CA SER B 98 -29.88 7.30 11.13
C SER B 98 -31.05 6.28 11.07
N MET B 99 -32.07 6.53 10.21
CA MET B 99 -33.23 5.66 10.06
C MET B 99 -33.30 5.13 8.64
N CYS B 100 -33.45 3.80 8.47
CA CYS B 100 -33.59 3.22 7.13
C CYS B 100 -34.89 3.68 6.53
N GLU B 101 -34.87 4.28 5.34
CA GLU B 101 -36.09 4.72 4.69
C GLU B 101 -36.92 3.57 4.13
N HIS B 102 -36.31 2.41 3.84
CA HIS B 102 -37.06 1.27 3.31
C HIS B 102 -37.82 0.50 4.38
N HIS B 103 -37.23 0.32 5.58
CA HIS B 103 -37.85 -0.48 6.63
C HIS B 103 -38.24 0.27 7.91
N LEU B 104 -37.82 1.54 8.05
CA LEU B 104 -38.06 2.40 9.23
C LEU B 104 -37.47 1.81 10.51
N VAL B 105 -36.29 1.17 10.37
CA VAL B 105 -35.51 0.57 11.46
C VAL B 105 -34.18 1.32 11.46
N PRO B 106 -33.57 1.62 12.62
CA PRO B 106 -32.31 2.37 12.62
C PRO B 106 -31.09 1.69 12.00
N PHE B 107 -30.19 2.50 11.51
CA PHE B 107 -28.87 2.10 11.09
C PHE B 107 -27.95 3.02 11.84
N VAL B 108 -27.00 2.44 12.56
N VAL B 108 -27.01 2.43 12.57
CA VAL B 108 -26.12 3.20 13.43
CA VAL B 108 -26.14 3.14 13.52
C VAL B 108 -24.66 2.87 13.17
C VAL B 108 -24.66 2.85 13.21
N GLY B 109 -23.79 3.81 13.47
CA GLY B 109 -22.37 3.61 13.28
C GLY B 109 -21.52 4.84 13.48
N LYS B 110 -20.53 5.03 12.59
CA LYS B 110 -19.54 6.08 12.66
C LYS B 110 -19.26 6.68 11.29
N VAL B 111 -18.87 7.96 11.27
CA VAL B 111 -18.45 8.71 10.10
C VAL B 111 -17.01 9.19 10.33
N HIS B 112 -16.16 9.08 9.31
CA HIS B 112 -14.78 9.56 9.31
C HIS B 112 -14.68 10.55 8.17
N ILE B 113 -14.30 11.79 8.46
CA ILE B 113 -14.19 12.83 7.44
C ILE B 113 -12.76 13.35 7.34
N GLY B 114 -12.31 13.57 6.12
CA GLY B 114 -11.00 14.12 5.87
C GLY B 114 -11.08 15.16 4.77
N TYR B 115 -10.19 16.15 4.84
CA TYR B 115 -10.12 17.16 3.79
C TYR B 115 -8.78 17.85 3.77
N LEU B 116 -8.42 18.38 2.59
CA LEU B 116 -7.20 19.12 2.42
C LEU B 116 -7.66 20.50 2.06
N PRO B 117 -7.53 21.45 2.99
CA PRO B 117 -8.05 22.80 2.70
C PRO B 117 -7.30 23.55 1.62
N ASN B 118 -8.00 24.50 1.01
CA ASN B 118 -7.42 25.42 0.06
C ASN B 118 -7.17 26.68 0.90
N LYS B 119 -8.18 27.54 1.11
CA LYS B 119 -7.99 28.75 1.89
C LYS B 119 -8.65 28.71 3.26
N GLN B 120 -9.92 28.26 3.33
CA GLN B 120 -10.60 28.22 4.63
C GLN B 120 -10.87 26.82 5.16
N VAL B 121 -10.77 26.69 6.49
CA VAL B 121 -10.96 25.52 7.31
C VAL B 121 -12.32 25.60 8.04
N LEU B 122 -12.90 24.45 8.35
CA LEU B 122 -14.19 24.35 9.02
C LEU B 122 -13.99 23.97 10.49
N GLY B 123 -14.73 24.63 11.39
CA GLY B 123 -14.69 24.37 12.82
C GLY B 123 -15.05 22.94 13.11
N LEU B 124 -14.26 22.26 13.95
CA LEU B 124 -14.39 20.83 14.25
C LEU B 124 -15.82 20.41 14.60
N SER B 125 -16.53 21.21 15.42
CA SER B 125 -17.90 20.93 15.83
C SER B 125 -18.91 21.05 14.69
N LYS B 126 -18.59 21.84 13.67
CA LYS B 126 -19.49 22.02 12.52
C LYS B 126 -19.54 20.80 11.63
N LEU B 127 -18.44 20.01 11.57
CA LEU B 127 -18.42 18.77 10.81
C LEU B 127 -19.42 17.79 11.37
N ALA B 128 -19.52 17.70 12.71
CA ALA B 128 -20.48 16.81 13.37
C ALA B 128 -21.92 17.37 13.22
N ARG B 129 -22.08 18.69 13.17
CA ARG B 129 -23.38 19.30 12.96
C ARG B 129 -23.89 18.97 11.53
N ILE B 130 -22.97 18.89 10.53
CA ILE B 130 -23.32 18.51 9.16
C ILE B 130 -23.80 17.05 9.19
N VAL B 131 -23.07 16.18 9.91
CA VAL B 131 -23.41 14.76 10.06
C VAL B 131 -24.81 14.62 10.64
N GLU B 132 -25.12 15.41 11.66
CA GLU B 132 -26.39 15.44 12.35
C GLU B 132 -27.60 15.82 11.47
N ILE B 133 -27.52 16.92 10.70
CA ILE B 133 -28.63 17.36 9.85
C ILE B 133 -29.07 16.28 8.84
N TYR B 134 -28.11 15.62 8.18
CA TYR B 134 -28.47 14.60 7.18
C TYR B 134 -28.80 13.23 7.77
N SER B 135 -28.13 12.82 8.87
CA SER B 135 -28.38 11.52 9.45
C SER B 135 -29.71 11.46 10.18
N ARG B 136 -30.16 12.58 10.77
CA ARG B 136 -31.46 12.62 11.47
C ARG B 136 -32.60 12.77 10.49
N ARG B 137 -32.75 11.81 9.54
CA ARG B 137 -33.77 11.78 8.48
C ARG B 137 -33.97 10.31 7.99
N LEU B 138 -35.02 10.04 7.18
CA LEU B 138 -35.22 8.73 6.56
C LEU B 138 -34.19 8.70 5.46
N GLN B 139 -33.27 7.76 5.54
CA GLN B 139 -32.12 7.73 4.66
C GLN B 139 -31.79 6.36 4.06
N VAL B 140 -30.85 6.39 3.14
CA VAL B 140 -30.08 5.29 2.62
C VAL B 140 -28.64 5.74 2.86
N GLN B 141 -27.78 4.85 3.38
CA GLN B 141 -26.40 5.21 3.70
C GLN B 141 -25.64 5.91 2.57
N GLU B 142 -25.86 5.49 1.31
CA GLU B 142 -25.20 6.08 0.16
C GLU B 142 -25.55 7.57 -0.02
N ARG B 143 -26.82 7.93 0.16
CA ARG B 143 -27.24 9.32 0.01
C ARG B 143 -26.66 10.16 1.13
N LEU B 144 -26.70 9.63 2.37
CA LEU B 144 -26.16 10.27 3.56
C LEU B 144 -24.67 10.60 3.36
N THR B 145 -23.89 9.62 2.89
CA THR B 145 -22.45 9.80 2.66
C THR B 145 -22.19 10.94 1.68
N LYS B 146 -22.94 10.95 0.56
CA LYS B 146 -22.82 11.96 -0.47
C LYS B 146 -23.17 13.34 0.05
N GLN B 147 -24.28 13.45 0.79
CA GLN B 147 -24.73 14.72 1.33
C GLN B 147 -23.69 15.39 2.23
N ILE B 148 -23.02 14.61 3.08
CA ILE B 148 -21.96 15.14 3.93
C ILE B 148 -20.79 15.66 3.10
N ALA B 149 -20.29 14.85 2.15
CA ALA B 149 -19.18 15.24 1.30
C ALA B 149 -19.50 16.47 0.46
N VAL B 150 -20.73 16.55 -0.09
CA VAL B 150 -21.14 17.69 -0.90
C VAL B 150 -21.21 18.96 -0.06
N ALA B 151 -21.72 18.86 1.17
CA ALA B 151 -21.82 20.00 2.06
C ALA B 151 -20.43 20.55 2.41
N ILE B 152 -19.45 19.67 2.69
CA ILE B 152 -18.08 20.11 3.00
C ILE B 152 -17.40 20.73 1.76
N THR B 153 -17.58 20.09 0.59
CA THR B 153 -16.99 20.56 -0.66
C THR B 153 -17.50 21.96 -1.00
N GLU B 154 -18.80 22.18 -0.83
CA GLU B 154 -19.41 23.45 -1.17
C GLU B 154 -19.11 24.55 -0.15
N ALA B 155 -18.99 24.19 1.13
CA ALA B 155 -18.66 25.18 2.16
C ALA B 155 -17.21 25.65 2.13
N LEU B 156 -16.27 24.79 1.72
CA LEU B 156 -14.85 25.15 1.76
C LEU B 156 -14.11 25.20 0.47
N ARG B 157 -14.66 24.63 -0.63
CA ARG B 157 -13.95 24.50 -1.91
C ARG B 157 -12.53 23.96 -1.74
N PRO B 158 -12.38 22.82 -1.05
CA PRO B 158 -11.03 22.33 -0.74
C PRO B 158 -10.36 21.60 -1.89
N ALA B 159 -9.07 21.30 -1.74
CA ALA B 159 -8.35 20.51 -2.73
C ALA B 159 -8.93 19.07 -2.81
N GLY B 160 -9.53 18.59 -1.72
CA GLY B 160 -10.12 17.26 -1.67
C GLY B 160 -10.88 16.98 -0.39
N VAL B 161 -11.82 16.02 -0.45
CA VAL B 161 -12.63 15.57 0.69
C VAL B 161 -12.74 14.05 0.62
N GLY B 162 -12.76 13.42 1.79
CA GLY B 162 -12.96 11.99 1.94
C GLY B 162 -14.00 11.78 3.01
N VAL B 163 -15.05 11.00 2.71
CA VAL B 163 -16.09 10.69 3.70
C VAL B 163 -16.33 9.19 3.72
N VAL B 164 -16.15 8.55 4.87
CA VAL B 164 -16.38 7.12 5.03
C VAL B 164 -17.41 6.90 6.15
N VAL B 165 -18.50 6.21 5.82
CA VAL B 165 -19.52 5.87 6.80
C VAL B 165 -19.51 4.36 7.01
N GLU B 166 -19.47 3.89 8.27
CA GLU B 166 -19.49 2.48 8.66
C GLU B 166 -20.72 2.31 9.54
N ALA B 167 -21.65 1.43 9.17
CA ALA B 167 -22.88 1.28 9.92
C ALA B 167 -23.44 -0.14 9.96
N THR B 168 -24.21 -0.45 11.03
CA THR B 168 -24.92 -1.70 11.21
C THR B 168 -26.38 -1.38 10.91
N HIS B 169 -27.00 -2.12 9.99
CA HIS B 169 -28.40 -1.92 9.63
C HIS B 169 -29.28 -2.95 10.34
N MET B 170 -30.21 -2.52 11.20
CA MET B 170 -31.10 -3.46 11.92
C MET B 170 -31.99 -4.24 10.95
N CYS B 171 -32.38 -3.62 9.84
CA CYS B 171 -33.15 -4.25 8.76
C CYS B 171 -32.43 -5.49 8.16
N MET B 172 -31.13 -5.66 8.46
CA MET B 172 -30.30 -6.77 7.98
C MET B 172 -29.86 -7.69 9.13
N VAL B 173 -29.74 -7.15 10.34
CA VAL B 173 -29.26 -7.88 11.52
C VAL B 173 -30.39 -8.60 12.22
N MET B 174 -31.49 -7.87 12.48
CA MET B 174 -32.65 -8.46 13.10
C MET B 174 -33.37 -9.46 12.23
N ARG B 175 -32.85 -9.72 10.99
CA ARG B 175 -33.35 -10.68 10.00
C ARG B 175 -32.38 -11.90 9.89
N GLY B 176 -31.07 -11.66 10.00
CA GLY B 176 -30.03 -12.67 9.90
C GLY B 176 -28.90 -12.38 8.91
N ASN B 181 -23.93 -10.06 11.96
CA ASN B 181 -22.53 -9.56 11.94
C ASN B 181 -22.13 -8.60 10.79
N SER B 182 -22.96 -8.45 9.75
CA SER B 182 -22.59 -7.65 8.58
C SER B 182 -22.61 -6.11 8.76
N LYS B 183 -21.61 -5.42 8.19
CA LYS B 183 -21.54 -3.96 8.27
C LYS B 183 -21.51 -3.35 6.88
N THR B 184 -22.10 -2.16 6.72
CA THR B 184 -22.09 -1.46 5.46
C THR B 184 -21.10 -0.31 5.53
N VAL B 185 -20.21 -0.24 4.56
CA VAL B 185 -19.24 0.81 4.50
C VAL B 185 -19.41 1.54 3.15
N THR B 186 -19.58 2.86 3.20
CA THR B 186 -19.71 3.67 2.00
C THR B 186 -18.60 4.70 2.03
N SER B 187 -18.03 4.99 0.88
CA SER B 187 -16.88 5.88 0.83
C SER B 187 -16.90 6.83 -0.37
N THR B 188 -16.87 8.12 -0.10
CA THR B 188 -16.80 9.15 -1.13
C THR B 188 -15.43 9.80 -1.10
N MET B 189 -14.72 9.82 -2.24
CA MET B 189 -13.39 10.40 -2.33
C MET B 189 -13.47 11.44 -3.45
N LEU B 190 -13.25 12.72 -3.12
CA LEU B 190 -13.34 13.81 -4.10
C LEU B 190 -12.02 14.58 -4.20
N GLY B 191 -11.79 15.22 -5.35
CA GLY B 191 -10.60 16.04 -5.57
C GLY B 191 -9.34 15.22 -5.46
N VAL B 192 -8.33 15.74 -4.72
CA VAL B 192 -7.05 15.05 -4.56
C VAL B 192 -7.19 13.71 -3.80
N PHE B 193 -8.23 13.54 -2.99
CA PHE B 193 -8.47 12.27 -2.31
C PHE B 193 -8.82 11.17 -3.36
N ARG B 194 -9.45 11.56 -4.48
CA ARG B 194 -9.75 10.65 -5.57
C ARG B 194 -8.49 10.46 -6.44
N GLU B 195 -7.86 11.56 -6.87
CA GLU B 195 -6.77 11.52 -7.83
C GLU B 195 -5.41 11.03 -7.34
N ASP B 196 -5.00 11.42 -6.14
CA ASP B 196 -3.66 11.11 -5.66
C ASP B 196 -3.63 9.84 -4.81
N PRO B 197 -2.86 8.83 -5.23
CA PRO B 197 -2.80 7.58 -4.43
C PRO B 197 -2.20 7.82 -3.06
N LYS B 198 -1.23 8.76 -2.94
CA LYS B 198 -0.61 9.04 -1.66
C LYS B 198 -1.60 9.64 -0.71
N THR B 199 -2.39 10.60 -1.17
CA THR B 199 -3.41 11.29 -0.37
C THR B 199 -4.48 10.28 0.10
N ARG B 200 -5.00 9.43 -0.81
CA ARG B 200 -6.05 8.49 -0.42
C ARG B 200 -5.55 7.45 0.58
N GLU B 201 -4.34 6.96 0.39
CA GLU B 201 -3.73 5.98 1.26
C GLU B 201 -3.50 6.59 2.67
N GLU B 202 -3.05 7.86 2.71
CA GLU B 202 -2.82 8.57 3.94
C GLU B 202 -4.11 8.70 4.75
N PHE B 203 -5.21 9.10 4.10
CA PHE B 203 -6.49 9.27 4.77
C PHE B 203 -6.99 7.94 5.33
N LEU B 204 -6.94 6.87 4.50
CA LEU B 204 -7.42 5.55 4.90
C LEU B 204 -6.59 4.95 6.01
N THR B 205 -5.28 5.24 6.06
CA THR B 205 -4.43 4.72 7.14
C THR B 205 -4.72 5.47 8.45
N LEU B 206 -4.81 6.81 8.36
CA LEU B 206 -5.04 7.65 9.52
C LEU B 206 -6.41 7.51 10.14
N ILE B 207 -7.45 7.05 9.39
CA ILE B 207 -8.76 6.85 10.00
C ILE B 207 -8.87 5.52 10.80
N ARG B 208 -7.84 4.67 10.76
CA ARG B 208 -7.84 3.43 11.53
C ARG B 208 -7.52 3.73 13.01
N PRO C 17 -36.14 -24.56 -11.42
CA PRO C 17 -35.71 -24.56 -10.01
C PRO C 17 -36.41 -25.64 -9.20
N ARG C 18 -35.79 -26.03 -8.08
CA ARG C 18 -36.34 -27.04 -7.20
C ARG C 18 -37.60 -26.48 -6.54
N SER C 19 -38.66 -27.27 -6.46
CA SER C 19 -39.90 -26.81 -5.84
C SER C 19 -40.14 -27.45 -4.46
N GLU C 20 -41.08 -26.90 -3.67
CA GLU C 20 -41.43 -27.53 -2.40
C GLU C 20 -42.10 -28.90 -2.60
N GLU C 21 -42.68 -29.17 -3.79
CA GLU C 21 -43.29 -30.45 -4.12
C GLU C 21 -42.18 -31.49 -4.30
N ASP C 22 -41.10 -31.11 -5.00
CA ASP C 22 -39.93 -31.97 -5.19
C ASP C 22 -39.30 -32.35 -3.84
N ASN C 23 -39.33 -31.42 -2.87
CA ASN C 23 -38.81 -31.63 -1.53
C ASN C 23 -39.65 -32.65 -0.78
N GLU C 24 -40.99 -32.51 -0.83
CA GLU C 24 -41.87 -33.46 -0.14
C GLU C 24 -41.73 -34.86 -0.74
N LEU C 25 -41.64 -34.93 -2.05
CA LEU C 25 -41.50 -36.19 -2.76
C LEU C 25 -40.18 -36.89 -2.46
N ASN C 26 -39.08 -36.13 -2.34
CA ASN C 26 -37.76 -36.72 -2.11
C ASN C 26 -37.36 -36.87 -0.65
N LEU C 27 -38.10 -36.27 0.27
CA LEU C 27 -37.78 -36.39 1.69
C LEU C 27 -37.70 -37.85 2.17
N PRO C 28 -38.65 -38.77 1.82
CA PRO C 28 -38.52 -40.16 2.28
C PRO C 28 -37.32 -40.87 1.67
N ASN C 29 -36.97 -40.55 0.41
CA ASN C 29 -35.79 -41.15 -0.23
C ASN C 29 -34.49 -40.69 0.47
N LEU C 30 -34.45 -39.42 0.90
CA LEU C 30 -33.32 -38.88 1.62
C LEU C 30 -33.22 -39.56 2.98
N ALA C 31 -34.35 -39.67 3.71
CA ALA C 31 -34.40 -40.31 5.03
C ALA C 31 -33.99 -41.78 4.94
N ALA C 32 -34.39 -42.47 3.88
CA ALA C 32 -34.02 -43.87 3.66
C ALA C 32 -32.50 -44.01 3.47
N ALA C 33 -31.89 -43.10 2.69
CA ALA C 33 -30.45 -43.12 2.47
C ALA C 33 -29.69 -42.82 3.77
N TYR C 34 -30.20 -41.88 4.59
CA TYR C 34 -29.56 -41.57 5.87
C TYR C 34 -29.71 -42.71 6.87
N SER C 35 -30.83 -43.44 6.82
CA SER C 35 -31.03 -44.62 7.68
C SER C 35 -30.03 -45.70 7.26
N SER C 36 -29.84 -45.91 5.94
CA SER C 36 -28.88 -46.84 5.39
C SER C 36 -27.46 -46.49 5.86
N ILE C 37 -27.06 -45.19 5.81
CA ILE C 37 -25.76 -44.69 6.27
C ILE C 37 -25.54 -45.02 7.75
N LEU C 38 -26.53 -44.73 8.61
CA LEU C 38 -26.46 -45.06 10.04
C LEU C 38 -26.15 -46.55 10.26
N SER C 39 -26.75 -47.44 9.46
CA SER C 39 -26.52 -48.88 9.60
C SER C 39 -25.15 -49.27 9.06
N SER C 40 -24.76 -48.73 7.91
CA SER C 40 -23.48 -49.04 7.30
C SER C 40 -22.29 -48.56 8.12
N LEU C 41 -22.46 -47.53 8.97
CA LEU C 41 -21.39 -47.03 9.83
C LEU C 41 -21.11 -47.90 11.07
N GLY C 42 -21.97 -48.84 11.35
CA GLY C 42 -21.84 -49.69 12.53
C GLY C 42 -22.68 -49.22 13.70
N GLU C 43 -23.49 -48.18 13.49
CA GLU C 43 -24.33 -47.64 14.52
C GLU C 43 -25.67 -48.36 14.62
N ASN C 44 -26.36 -48.13 15.74
CA ASN C 44 -27.67 -48.68 16.02
C ASN C 44 -28.71 -47.62 15.69
N PRO C 45 -29.40 -47.69 14.53
CA PRO C 45 -30.41 -46.65 14.23
C PRO C 45 -31.65 -46.67 15.15
N GLN C 46 -31.73 -47.64 16.07
CA GLN C 46 -32.85 -47.77 17.00
C GLN C 46 -32.63 -47.10 18.34
N ARG C 47 -31.38 -46.66 18.65
CA ARG C 47 -31.14 -45.98 19.93
C ARG C 47 -31.82 -44.62 19.96
N GLN C 48 -32.17 -44.16 21.15
CA GLN C 48 -32.84 -42.88 21.40
C GLN C 48 -32.33 -41.71 20.52
N GLY C 49 -31.01 -41.47 20.56
CA GLY C 49 -30.38 -40.38 19.81
C GLY C 49 -30.38 -40.49 18.30
N LEU C 50 -30.51 -41.72 17.75
CA LEU C 50 -30.51 -41.91 16.30
C LEU C 50 -31.90 -42.11 15.71
N LEU C 51 -32.94 -42.37 16.56
CA LEU C 51 -34.32 -42.66 16.15
C LEU C 51 -34.87 -41.79 15.02
N LYS C 52 -34.88 -40.46 15.17
CA LYS C 52 -35.41 -39.56 14.15
C LYS C 52 -34.34 -39.00 13.19
N THR C 53 -33.04 -39.29 13.44
CA THR C 53 -31.91 -38.84 12.64
C THR C 53 -32.13 -38.97 11.13
N PRO C 54 -32.65 -40.08 10.55
CA PRO C 54 -32.85 -40.12 9.09
C PRO C 54 -33.69 -38.94 8.56
N TRP C 55 -34.73 -38.54 9.30
CA TRP C 55 -35.57 -37.41 8.89
C TRP C 55 -34.94 -36.07 9.18
N ARG C 56 -34.27 -35.90 10.35
CA ARG C 56 -33.62 -34.62 10.69
C ARG C 56 -32.44 -34.32 9.74
N ALA C 57 -31.61 -35.32 9.41
CA ALA C 57 -30.49 -35.20 8.49
C ALA C 57 -30.99 -34.88 7.09
N ALA C 58 -32.10 -35.51 6.67
CA ALA C 58 -32.68 -35.28 5.35
C ALA C 58 -33.23 -33.86 5.23
N SER C 59 -33.95 -33.38 6.27
CA SER C 59 -34.48 -32.02 6.25
C SER C 59 -33.35 -31.00 6.32
N ALA C 60 -32.28 -31.30 7.09
CA ALA C 60 -31.14 -30.40 7.20
C ALA C 60 -30.45 -30.29 5.84
N MET C 61 -30.18 -31.42 5.16
CA MET C 61 -29.53 -31.42 3.84
C MET C 61 -30.38 -30.71 2.78
N GLN C 62 -31.72 -30.72 2.93
CA GLN C 62 -32.59 -29.97 2.02
C GLN C 62 -32.46 -28.47 2.28
N PHE C 63 -32.41 -28.08 3.55
CA PHE C 63 -32.25 -26.68 3.92
C PHE C 63 -30.88 -26.15 3.47
N PHE C 64 -29.81 -26.94 3.63
CA PHE C 64 -28.47 -26.55 3.22
C PHE C 64 -28.37 -26.34 1.70
N THR C 65 -29.27 -26.94 0.93
CA THR C 65 -29.29 -26.84 -0.53
C THR C 65 -30.56 -26.11 -1.04
N LYS C 66 -31.20 -25.28 -0.19
CA LYS C 66 -32.39 -24.52 -0.57
C LYS C 66 -32.16 -23.50 -1.69
N GLY C 67 -30.89 -23.18 -1.97
CA GLY C 67 -30.52 -22.26 -3.03
C GLY C 67 -30.95 -22.76 -4.41
N TYR C 68 -31.06 -24.09 -4.59
CA TYR C 68 -31.52 -24.64 -5.87
C TYR C 68 -33.02 -24.31 -6.11
N GLN C 69 -33.76 -23.87 -5.07
CA GLN C 69 -35.17 -23.49 -5.17
C GLN C 69 -35.38 -22.04 -5.66
N GLU C 70 -34.31 -21.25 -5.76
CA GLU C 70 -34.41 -19.86 -6.15
C GLU C 70 -33.71 -19.54 -7.46
N THR C 71 -34.11 -18.45 -8.10
CA THR C 71 -33.45 -17.96 -9.31
C THR C 71 -32.91 -16.54 -9.04
N ILE C 72 -31.86 -16.14 -9.75
CA ILE C 72 -31.31 -14.79 -9.59
C ILE C 72 -32.34 -13.71 -10.01
N SER C 73 -33.24 -14.04 -10.94
CA SER C 73 -34.29 -13.14 -11.39
C SER C 73 -35.28 -12.79 -10.27
N ASP C 74 -35.77 -13.78 -9.49
CA ASP C 74 -36.72 -13.49 -8.42
C ASP C 74 -36.06 -12.78 -7.23
N VAL C 75 -34.78 -13.09 -6.96
CA VAL C 75 -34.00 -12.44 -5.90
C VAL C 75 -33.85 -10.93 -6.18
N LEU C 76 -33.76 -10.56 -7.46
CA LEU C 76 -33.59 -9.18 -7.87
C LEU C 76 -34.88 -8.46 -8.30
N ASN C 77 -36.04 -8.85 -7.74
CA ASN C 77 -37.31 -8.18 -8.04
C ASN C 77 -37.40 -6.90 -7.21
N ASP C 78 -37.32 -5.72 -7.87
CA ASP C 78 -37.38 -4.41 -7.21
C ASP C 78 -36.26 -4.22 -6.17
N ALA C 79 -35.08 -4.75 -6.49
CA ALA C 79 -33.80 -4.64 -5.79
C ALA C 79 -32.95 -3.49 -6.39
N ILE C 80 -33.25 -3.07 -7.63
CA ILE C 80 -32.53 -2.04 -8.34
C ILE C 80 -33.10 -0.63 -8.10
N PHE C 81 -32.22 0.34 -7.92
CA PHE C 81 -32.60 1.73 -7.70
C PHE C 81 -31.75 2.58 -8.62
N ASP C 82 -32.39 3.44 -9.44
CA ASP C 82 -31.65 4.33 -10.32
C ASP C 82 -31.21 5.51 -9.48
N GLU C 83 -29.90 5.68 -9.30
CA GLU C 83 -29.40 6.79 -8.51
C GLU C 83 -28.06 7.32 -9.03
N ASP C 84 -27.79 8.59 -8.74
CA ASP C 84 -26.56 9.25 -9.15
C ASP C 84 -25.60 9.26 -7.99
N HIS C 85 -25.09 8.08 -7.63
CA HIS C 85 -24.16 7.96 -6.52
C HIS C 85 -22.76 7.63 -7.01
N ASP C 86 -21.81 8.50 -6.73
CA ASP C 86 -20.43 8.23 -7.08
C ASP C 86 -19.64 7.96 -5.78
N GLU C 87 -19.73 6.73 -5.29
CA GLU C 87 -19.06 6.32 -4.06
C GLU C 87 -18.92 4.81 -4.02
N MET C 88 -17.92 4.32 -3.27
CA MET C 88 -17.76 2.89 -3.13
C MET C 88 -18.77 2.38 -2.10
N VAL C 89 -19.49 1.32 -2.44
CA VAL C 89 -20.46 0.72 -1.54
C VAL C 89 -19.95 -0.66 -1.17
N ILE C 90 -19.84 -0.94 0.14
CA ILE C 90 -19.36 -2.22 0.64
C ILE C 90 -20.29 -2.83 1.66
N VAL C 91 -20.54 -4.13 1.58
CA VAL C 91 -21.24 -4.85 2.65
C VAL C 91 -20.24 -5.92 3.07
N LYS C 92 -19.70 -5.80 4.28
CA LYS C 92 -18.71 -6.74 4.76
C LYS C 92 -19.22 -7.66 5.90
N ASP C 93 -18.52 -8.77 6.15
CA ASP C 93 -18.83 -9.74 7.19
C ASP C 93 -20.20 -10.38 7.00
N ILE C 94 -20.56 -10.71 5.76
CA ILE C 94 -21.83 -11.40 5.50
C ILE C 94 -21.58 -12.85 5.83
N ASP C 95 -22.29 -13.42 6.82
CA ASP C 95 -22.10 -14.81 7.19
C ASP C 95 -22.45 -15.73 6.05
N MET C 96 -21.62 -16.75 5.86
CA MET C 96 -21.76 -17.63 4.74
C MET C 96 -21.62 -19.06 5.19
N PHE C 97 -22.58 -19.91 4.76
CA PHE C 97 -22.59 -21.31 5.09
C PHE C 97 -22.83 -22.03 3.78
N SER C 98 -21.87 -22.85 3.38
CA SER C 98 -22.02 -23.63 2.16
C SER C 98 -21.66 -25.12 2.43
N MET C 99 -21.79 -25.95 1.43
CA MET C 99 -21.53 -27.37 1.55
C MET C 99 -20.49 -27.76 0.50
N CYS C 100 -19.41 -28.43 0.91
CA CYS C 100 -18.40 -28.89 -0.05
C CYS C 100 -19.03 -29.95 -0.98
N GLU C 101 -18.93 -29.76 -2.30
CA GLU C 101 -19.51 -30.72 -3.23
C GLU C 101 -18.69 -32.00 -3.36
N HIS C 102 -17.42 -31.97 -3.00
CA HIS C 102 -16.57 -33.15 -3.05
C HIS C 102 -16.78 -34.09 -1.88
N HIS C 103 -16.95 -33.56 -0.64
CA HIS C 103 -17.03 -34.39 0.55
C HIS C 103 -18.36 -34.34 1.32
N LEU C 104 -19.27 -33.41 0.97
CA LEU C 104 -20.56 -33.20 1.63
C LEU C 104 -20.42 -32.80 3.09
N VAL C 105 -19.38 -32.02 3.39
CA VAL C 105 -19.05 -31.48 4.71
C VAL C 105 -19.13 -29.95 4.56
N PRO C 106 -19.63 -29.19 5.54
CA PRO C 106 -19.70 -27.73 5.39
C PRO C 106 -18.38 -26.97 5.28
N PHE C 107 -18.45 -25.84 4.60
CA PHE C 107 -17.39 -24.85 4.59
C PHE C 107 -18.10 -23.56 4.95
N VAL C 108 -17.56 -22.86 5.94
CA VAL C 108 -18.25 -21.73 6.52
C VAL C 108 -17.32 -20.55 6.68
N GLY C 109 -17.90 -19.37 6.62
CA GLY C 109 -17.13 -18.16 6.83
C GLY C 109 -17.88 -16.88 6.57
N LYS C 110 -17.24 -15.97 5.83
CA LYS C 110 -17.74 -14.64 5.55
C LYS C 110 -17.48 -14.22 4.11
N VAL C 111 -18.37 -13.35 3.59
CA VAL C 111 -18.25 -12.72 2.28
C VAL C 111 -18.19 -11.20 2.48
N HIS C 112 -17.31 -10.53 1.73
CA HIS C 112 -17.17 -9.07 1.72
C HIS C 112 -17.37 -8.64 0.29
N ILE C 113 -18.38 -7.79 0.03
CA ILE C 113 -18.67 -7.34 -1.33
C ILE C 113 -18.50 -5.83 -1.45
N GLY C 114 -17.92 -5.40 -2.55
CA GLY C 114 -17.74 -3.98 -2.84
C GLY C 114 -18.10 -3.71 -4.29
N TYR C 115 -18.58 -2.51 -4.57
CA TYR C 115 -18.88 -2.12 -5.93
C TYR C 115 -18.91 -0.63 -6.09
N LEU C 116 -18.62 -0.16 -7.31
CA LEU C 116 -18.66 1.23 -7.63
C LEU C 116 -19.76 1.34 -8.65
N PRO C 117 -20.90 1.91 -8.28
CA PRO C 117 -22.00 1.98 -9.24
C PRO C 117 -21.81 3.01 -10.37
N ASN C 118 -22.69 2.98 -11.38
CA ASN C 118 -22.74 4.05 -12.34
C ASN C 118 -24.16 4.55 -12.40
N LYS C 119 -25.07 3.84 -13.10
CA LYS C 119 -26.45 4.29 -13.17
C LYS C 119 -27.38 3.63 -12.18
N GLN C 120 -26.94 2.56 -11.48
CA GLN C 120 -27.84 1.83 -10.58
C GLN C 120 -27.18 1.25 -9.32
N VAL C 121 -27.93 1.27 -8.21
CA VAL C 121 -27.51 0.69 -6.95
C VAL C 121 -28.45 -0.46 -6.57
N LEU C 122 -27.94 -1.38 -5.78
CA LEU C 122 -28.70 -2.54 -5.35
C LEU C 122 -29.06 -2.34 -3.89
N GLY C 123 -30.24 -2.82 -3.47
CA GLY C 123 -30.64 -2.74 -2.06
C GLY C 123 -29.65 -3.54 -1.23
N LEU C 124 -29.10 -2.96 -0.15
CA LEU C 124 -28.05 -3.62 0.64
C LEU C 124 -28.37 -5.05 1.04
N SER C 125 -29.62 -5.34 1.43
CA SER C 125 -30.00 -6.71 1.80
C SER C 125 -29.96 -7.68 0.62
N LYS C 126 -30.19 -7.19 -0.60
CA LYS C 126 -30.18 -8.03 -1.81
C LYS C 126 -28.80 -8.61 -2.11
N LEU C 127 -27.73 -7.94 -1.69
CA LEU C 127 -26.38 -8.45 -1.86
C LEU C 127 -26.21 -9.73 -1.02
N ALA C 128 -26.78 -9.75 0.19
CA ALA C 128 -26.74 -10.90 1.07
C ALA C 128 -27.63 -12.02 0.51
N ARG C 129 -28.79 -11.66 -0.07
CA ARG C 129 -29.67 -12.62 -0.72
C ARG C 129 -28.95 -13.31 -1.91
N ILE C 130 -28.03 -12.60 -2.62
CA ILE C 130 -27.25 -13.20 -3.70
C ILE C 130 -26.28 -14.23 -3.10
N VAL C 131 -25.64 -13.91 -1.97
CA VAL C 131 -24.73 -14.82 -1.27
C VAL C 131 -25.50 -16.08 -0.84
N GLU C 132 -26.73 -15.90 -0.36
CA GLU C 132 -27.61 -17.00 0.05
C GLU C 132 -27.96 -17.98 -1.08
N ILE C 133 -28.45 -17.49 -2.23
CA ILE C 133 -28.86 -18.38 -3.35
C ILE C 133 -27.71 -19.31 -3.82
N TYR C 134 -26.48 -18.76 -3.96
CA TYR C 134 -25.35 -19.54 -4.43
C TYR C 134 -24.65 -20.38 -3.35
N SER C 135 -24.57 -19.88 -2.11
CA SER C 135 -23.89 -20.63 -1.05
C SER C 135 -24.74 -21.82 -0.58
N ARG C 136 -26.09 -21.70 -0.62
CA ARG C 136 -26.95 -22.80 -0.19
C ARG C 136 -27.10 -23.86 -1.27
N ARG C 137 -25.98 -24.44 -1.72
CA ARG C 137 -25.86 -25.46 -2.75
C ARG C 137 -24.60 -26.32 -2.47
N LEU C 138 -24.38 -27.39 -3.23
CA LEU C 138 -23.15 -28.19 -3.18
C LEU C 138 -22.18 -27.35 -4.03
N GLN C 139 -21.12 -26.87 -3.39
CA GLN C 139 -20.24 -25.91 -4.00
C GLN C 139 -18.74 -26.17 -3.83
N VAL C 140 -17.94 -25.33 -4.52
CA VAL C 140 -16.52 -25.13 -4.35
C VAL C 140 -16.39 -23.62 -4.17
N GLN C 141 -15.59 -23.17 -3.20
CA GLN C 141 -15.47 -21.75 -2.91
C GLN C 141 -15.20 -20.84 -4.12
N GLU C 142 -14.36 -21.31 -5.07
CA GLU C 142 -14.03 -20.55 -6.27
C GLU C 142 -15.24 -20.27 -7.13
N ARG C 143 -16.13 -21.27 -7.30
CA ARG C 143 -17.32 -21.09 -8.12
C ARG C 143 -18.27 -20.14 -7.44
N LEU C 144 -18.49 -20.33 -6.12
CA LEU C 144 -19.35 -19.48 -5.29
C LEU C 144 -18.91 -17.98 -5.41
N THR C 145 -17.60 -17.71 -5.28
CA THR C 145 -17.06 -16.35 -5.37
C THR C 145 -17.40 -15.72 -6.73
N LYS C 146 -17.18 -16.48 -7.80
CA LYS C 146 -17.44 -16.01 -9.16
C LYS C 146 -18.93 -15.75 -9.38
N GLN C 147 -19.79 -16.67 -8.95
CA GLN C 147 -21.23 -16.51 -9.14
C GLN C 147 -21.77 -15.23 -8.50
N ILE C 148 -21.33 -14.89 -7.30
CA ILE C 148 -21.74 -13.67 -6.63
C ILE C 148 -21.28 -12.43 -7.44
N ALA C 149 -20.01 -12.38 -7.84
CA ALA C 149 -19.49 -11.27 -8.61
C ALA C 149 -20.18 -11.11 -9.97
N VAL C 150 -20.44 -12.22 -10.66
CA VAL C 150 -21.10 -12.20 -11.97
C VAL C 150 -22.54 -11.70 -11.82
N ALA C 151 -23.25 -12.13 -10.75
CA ALA C 151 -24.62 -11.70 -10.52
C ALA C 151 -24.69 -10.21 -10.28
N ILE C 152 -23.76 -9.64 -9.50
CA ILE C 152 -23.73 -8.21 -9.25
C ILE C 152 -23.38 -7.41 -10.53
N THR C 153 -22.39 -7.90 -11.28
CA THR C 153 -21.95 -7.24 -12.51
C THR C 153 -23.08 -7.20 -13.52
N GLU C 154 -23.82 -8.29 -13.65
CA GLU C 154 -24.91 -8.38 -14.63
C GLU C 154 -26.16 -7.61 -14.19
N ALA C 155 -26.45 -7.59 -12.89
CA ALA C 155 -27.61 -6.86 -12.38
C ALA C 155 -27.43 -5.33 -12.44
N LEU C 156 -26.21 -4.82 -12.24
CA LEU C 156 -26.01 -3.38 -12.18
C LEU C 156 -25.17 -2.75 -13.24
N ARG C 157 -24.37 -3.53 -14.01
CA ARG C 157 -23.38 -2.99 -14.96
C ARG C 157 -22.53 -1.87 -14.33
N PRO C 158 -21.91 -2.15 -13.18
CA PRO C 158 -21.18 -1.10 -12.47
C PRO C 158 -19.80 -0.84 -13.04
N ALA C 159 -19.12 0.20 -12.55
CA ALA C 159 -17.74 0.47 -12.96
C ALA C 159 -16.81 -0.66 -12.46
N GLY C 160 -17.14 -1.26 -11.32
CA GLY C 160 -16.34 -2.35 -10.76
C GLY C 160 -17.00 -3.06 -9.62
N VAL C 161 -16.58 -4.31 -9.37
CA VAL C 161 -17.05 -5.14 -8.29
C VAL C 161 -15.86 -5.88 -7.67
N GLY C 162 -15.90 -6.03 -6.37
CA GLY C 162 -14.96 -6.83 -5.62
C GLY C 162 -15.71 -7.83 -4.77
N VAL C 163 -15.29 -9.10 -4.78
CA VAL C 163 -15.91 -10.13 -3.94
C VAL C 163 -14.81 -10.96 -3.27
N VAL C 164 -14.80 -10.99 -1.95
CA VAL C 164 -13.82 -11.73 -1.17
C VAL C 164 -14.56 -12.69 -0.26
N VAL C 165 -14.28 -13.99 -0.38
CA VAL C 165 -14.85 -15.01 0.48
C VAL C 165 -13.72 -15.58 1.35
N GLU C 166 -13.93 -15.66 2.65
CA GLU C 166 -12.99 -16.22 3.64
C GLU C 166 -13.74 -17.37 4.31
N ALA C 167 -13.20 -18.59 4.25
CA ALA C 167 -13.88 -19.75 4.79
C ALA C 167 -12.97 -20.82 5.42
N THR C 168 -13.53 -21.63 6.34
CA THR C 168 -12.88 -22.78 6.95
C THR C 168 -13.57 -23.99 6.33
N HIS C 169 -12.81 -24.90 5.71
CA HIS C 169 -13.39 -26.10 5.10
C HIS C 169 -13.31 -27.30 6.11
N MET C 170 -14.44 -27.86 6.54
CA MET C 170 -14.38 -28.98 7.51
C MET C 170 -13.69 -30.23 6.93
N CYS C 171 -13.62 -30.35 5.59
CA CYS C 171 -12.92 -31.49 4.99
C CYS C 171 -11.36 -31.29 5.01
N MET C 172 -10.87 -30.10 5.44
CA MET C 172 -9.44 -29.76 5.58
C MET C 172 -9.01 -29.69 7.08
N VAL C 173 -9.98 -29.44 7.96
CA VAL C 173 -9.80 -29.30 9.40
C VAL C 173 -10.10 -30.69 10.07
N MET C 174 -11.14 -31.36 9.56
CA MET C 174 -11.75 -32.66 9.86
C MET C 174 -12.88 -32.48 10.91
N LYS C 179 -3.35 -27.34 8.76
CA LYS C 179 -4.49 -28.25 8.83
C LYS C 179 -5.70 -27.63 9.56
N MET C 180 -5.65 -27.49 10.90
CA MET C 180 -6.81 -26.99 11.64
C MET C 180 -6.97 -25.46 11.61
N ASN C 181 -5.86 -24.75 11.64
CA ASN C 181 -5.88 -23.30 11.60
C ASN C 181 -6.06 -22.67 10.20
N SER C 182 -6.02 -23.47 9.12
CA SER C 182 -6.02 -22.94 7.77
C SER C 182 -7.34 -22.36 7.28
N LYS C 183 -7.27 -21.23 6.57
CA LYS C 183 -8.44 -20.58 5.98
C LYS C 183 -8.24 -20.41 4.48
N THR C 184 -9.33 -20.49 3.71
CA THR C 184 -9.28 -20.28 2.28
C THR C 184 -9.87 -18.94 1.94
N VAL C 185 -9.12 -18.14 1.21
CA VAL C 185 -9.59 -16.84 0.79
C VAL C 185 -9.60 -16.82 -0.73
N THR C 186 -10.75 -16.47 -1.31
CA THR C 186 -10.86 -16.34 -2.76
C THR C 186 -11.27 -14.90 -3.03
N SER C 187 -10.73 -14.30 -4.10
CA SER C 187 -10.99 -12.91 -4.38
C SER C 187 -11.17 -12.62 -5.85
N THR C 188 -12.34 -12.06 -6.20
CA THR C 188 -12.65 -11.65 -7.56
C THR C 188 -12.64 -10.12 -7.64
N MET C 189 -11.83 -9.56 -8.56
CA MET C 189 -11.74 -8.11 -8.73
C MET C 189 -12.05 -7.80 -10.19
N LEU C 190 -13.15 -7.10 -10.45
CA LEU C 190 -13.59 -6.79 -11.82
C LEU C 190 -13.68 -5.29 -12.05
N GLY C 191 -13.55 -4.89 -13.34
CA GLY C 191 -13.65 -3.49 -13.73
C GLY C 191 -12.61 -2.64 -13.05
N VAL C 192 -13.01 -1.49 -12.52
CA VAL C 192 -12.07 -0.59 -11.85
C VAL C 192 -11.41 -1.23 -10.57
N PHE C 193 -12.02 -2.24 -9.92
CA PHE C 193 -11.40 -2.93 -8.79
C PHE C 193 -10.15 -3.74 -9.27
N ARG C 194 -10.16 -4.18 -10.53
CA ARG C 194 -9.02 -4.85 -11.13
C ARG C 194 -8.00 -3.79 -11.63
N GLU C 195 -8.46 -2.79 -12.39
CA GLU C 195 -7.59 -1.84 -13.07
C GLU C 195 -6.96 -0.75 -12.23
N ASP C 196 -7.69 -0.16 -11.29
CA ASP C 196 -7.19 0.97 -10.54
C ASP C 196 -6.56 0.54 -9.20
N PRO C 197 -5.26 0.82 -9.01
CA PRO C 197 -4.62 0.42 -7.74
C PRO C 197 -5.26 1.10 -6.53
N LYS C 198 -5.71 2.35 -6.69
CA LYS C 198 -6.33 3.10 -5.61
C LYS C 198 -7.65 2.48 -5.24
N THR C 199 -8.45 2.09 -6.23
CA THR C 199 -9.75 1.45 -5.95
C THR C 199 -9.56 0.12 -5.21
N ARG C 200 -8.63 -0.73 -5.69
CA ARG C 200 -8.45 -2.02 -5.07
C ARG C 200 -7.93 -1.92 -3.64
N GLU C 201 -7.00 -0.99 -3.40
CA GLU C 201 -6.41 -0.76 -2.10
C GLU C 201 -7.47 -0.22 -1.13
N GLU C 202 -8.34 0.68 -1.62
CA GLU C 202 -9.41 1.25 -0.82
C GLU C 202 -10.37 0.16 -0.35
N PHE C 203 -10.80 -0.72 -1.25
CA PHE C 203 -11.71 -1.81 -0.93
C PHE C 203 -11.09 -2.76 0.10
N LEU C 204 -9.81 -3.17 -0.15
CA LEU C 204 -9.14 -4.10 0.73
C LEU C 204 -8.89 -3.51 2.11
N THR C 205 -8.68 -2.17 2.21
CA THR C 205 -8.49 -1.54 3.51
C THR C 205 -9.82 -1.46 4.27
N LEU C 206 -10.88 -1.05 3.58
CA LEU C 206 -12.19 -0.86 4.17
C LEU C 206 -12.86 -2.15 4.59
N ILE C 207 -12.52 -3.31 3.99
CA ILE C 207 -13.10 -4.58 4.43
C ILE C 207 -12.43 -5.17 5.68
N ARG C 208 -11.25 -4.65 6.05
CA ARG C 208 -10.54 -5.18 7.19
C ARG C 208 -10.70 -4.27 8.41
N ARG D 16 14.59 -43.17 -5.60
CA ARG D 16 13.27 -43.73 -5.31
C ARG D 16 12.76 -43.31 -3.93
N PRO D 17 11.43 -43.11 -3.76
CA PRO D 17 10.92 -42.72 -2.44
C PRO D 17 11.09 -43.78 -1.35
N ARG D 18 11.10 -43.32 -0.10
CA ARG D 18 11.22 -44.17 1.08
C ARG D 18 9.97 -45.03 1.19
N LEU D 25 11.87 -51.98 9.05
CA LEU D 25 13.23 -52.21 8.57
C LEU D 25 14.25 -51.33 9.31
N ASN D 26 14.13 -50.00 9.22
CA ASN D 26 15.07 -49.08 9.86
C ASN D 26 14.70 -48.66 11.27
N LEU D 27 13.48 -48.96 11.72
CA LEU D 27 13.05 -48.62 13.06
C LEU D 27 13.98 -49.17 14.16
N PRO D 28 14.44 -50.45 14.13
CA PRO D 28 15.35 -50.92 15.19
C PRO D 28 16.71 -50.23 15.14
N ASN D 29 17.20 -49.88 13.94
CA ASN D 29 18.48 -49.17 13.83
C ASN D 29 18.37 -47.77 14.44
N LEU D 30 17.22 -47.10 14.24
CA LEU D 30 16.94 -45.79 14.79
C LEU D 30 16.85 -45.89 16.31
N ALA D 31 16.10 -46.89 16.83
CA ALA D 31 15.95 -47.11 18.26
C ALA D 31 17.28 -47.39 18.93
N ALA D 32 18.16 -48.13 18.26
CA ALA D 32 19.49 -48.43 18.78
C ALA D 32 20.34 -47.15 18.90
N ALA D 33 20.25 -46.28 17.91
CA ALA D 33 20.98 -45.00 17.93
C ALA D 33 20.45 -44.09 19.04
N TYR D 34 19.12 -44.07 19.24
CA TYR D 34 18.52 -43.25 20.31
C TYR D 34 18.85 -43.80 21.71
N SER D 35 18.98 -45.13 21.82
CA SER D 35 19.38 -45.76 23.08
C SER D 35 20.84 -45.37 23.37
N SER D 36 21.71 -45.38 22.35
CA SER D 36 23.09 -44.96 22.45
C SER D 36 23.18 -43.48 22.91
N ILE D 37 22.37 -42.59 22.33
CA ILE D 37 22.30 -41.17 22.68
C ILE D 37 21.96 -40.97 24.15
N LEU D 38 20.96 -41.71 24.64
CA LEU D 38 20.54 -41.66 26.04
C LEU D 38 21.72 -41.97 26.98
N SER D 39 22.53 -42.96 26.62
CA SER D 39 23.68 -43.35 27.40
C SER D 39 24.81 -42.33 27.31
N SER D 40 25.08 -41.83 26.11
CA SER D 40 26.13 -40.85 25.89
C SER D 40 25.86 -39.51 26.57
N LEU D 41 24.59 -39.18 26.85
CA LEU D 41 24.23 -37.93 27.53
C LEU D 41 24.44 -37.96 29.05
N GLY D 42 24.72 -39.14 29.61
CA GLY D 42 24.87 -39.29 31.05
C GLY D 42 23.60 -39.67 31.77
N GLU D 43 22.57 -40.05 31.02
CA GLU D 43 21.26 -40.43 31.55
C GLU D 43 21.17 -41.99 31.62
N ASN D 44 20.38 -42.52 32.56
CA ASN D 44 20.22 -43.96 32.72
C ASN D 44 19.06 -44.40 31.84
N PRO D 45 19.31 -45.10 30.72
CA PRO D 45 18.19 -45.48 29.83
C PRO D 45 17.16 -46.45 30.41
N GLN D 46 17.45 -47.01 31.58
CA GLN D 46 16.61 -48.03 32.21
C GLN D 46 15.56 -47.51 33.18
N ARG D 47 15.56 -46.20 33.48
CA ARG D 47 14.53 -45.66 34.36
C ARG D 47 13.17 -45.66 33.67
N GLN D 48 12.10 -45.74 34.46
CA GLN D 48 10.73 -45.81 33.95
C GLN D 48 10.41 -44.86 32.78
N GLY D 49 10.72 -43.58 32.92
CA GLY D 49 10.44 -42.60 31.88
C GLY D 49 11.24 -42.70 30.59
N LEU D 50 12.38 -43.38 30.64
CA LEU D 50 13.28 -43.52 29.51
C LEU D 50 13.26 -44.90 28.82
N LEU D 51 12.52 -45.88 29.39
CA LEU D 51 12.46 -47.27 28.89
C LEU D 51 11.99 -47.43 27.44
N LYS D 52 10.88 -46.79 27.07
CA LYS D 52 10.36 -46.87 25.72
C LYS D 52 10.81 -45.72 24.79
N THR D 53 11.61 -44.78 25.32
CA THR D 53 12.14 -43.61 24.61
C THR D 53 12.89 -43.98 23.30
N PRO D 54 13.81 -44.98 23.24
CA PRO D 54 14.46 -45.30 21.95
C PRO D 54 13.47 -45.55 20.81
N TRP D 55 12.37 -46.27 21.11
CA TRP D 55 11.36 -46.54 20.10
C TRP D 55 10.45 -45.33 19.81
N ARG D 56 10.05 -44.57 20.84
CA ARG D 56 9.19 -43.41 20.65
C ARG D 56 9.90 -42.30 19.87
N ALA D 57 11.18 -42.05 20.19
CA ALA D 57 11.99 -41.06 19.48
C ALA D 57 12.22 -41.49 18.04
N ALA D 58 12.43 -42.79 17.80
CA ALA D 58 12.65 -43.32 16.46
C ALA D 58 11.38 -43.20 15.61
N SER D 59 10.21 -43.53 16.18
CA SER D 59 8.94 -43.40 15.45
C SER D 59 8.63 -41.93 15.18
N ALA D 60 8.95 -41.05 16.13
CA ALA D 60 8.73 -39.61 15.96
C ALA D 60 9.59 -39.09 14.82
N MET D 61 10.90 -39.41 14.80
CA MET D 61 11.82 -38.98 13.74
C MET D 61 11.44 -39.55 12.37
N GLN D 62 10.78 -40.72 12.32
CA GLN D 62 10.31 -41.27 11.05
C GLN D 62 9.10 -40.47 10.56
N PHE D 63 8.19 -40.15 11.48
CA PHE D 63 7.03 -39.36 11.14
C PHE D 63 7.43 -37.95 10.68
N PHE D 64 8.41 -37.33 11.36
CA PHE D 64 8.90 -36.00 10.99
C PHE D 64 9.54 -35.97 9.61
N THR D 65 9.99 -37.12 9.10
CA THR D 65 10.61 -37.24 7.79
C THR D 65 9.79 -38.08 6.82
N LYS D 66 8.49 -38.25 7.06
CA LYS D 66 7.63 -39.05 6.15
C LYS D 66 7.39 -38.40 4.76
N GLY D 67 7.94 -37.20 4.54
CA GLY D 67 7.88 -36.53 3.25
C GLY D 67 8.74 -37.24 2.22
N TYR D 68 9.82 -37.93 2.67
CA TYR D 68 10.67 -38.72 1.78
C TYR D 68 9.91 -39.95 1.21
N GLN D 69 8.77 -40.33 1.80
CA GLN D 69 7.96 -41.46 1.32
C GLN D 69 6.99 -41.07 0.18
N GLU D 70 6.83 -39.78 -0.09
CA GLU D 70 5.89 -39.30 -1.09
C GLU D 70 6.56 -38.62 -2.26
N THR D 71 5.87 -38.62 -3.39
CA THR D 71 6.32 -37.90 -4.57
C THR D 71 5.27 -36.83 -4.92
N ILE D 72 5.66 -35.78 -5.63
CA ILE D 72 4.72 -34.74 -6.01
C ILE D 72 3.58 -35.31 -6.92
N SER D 73 3.88 -36.36 -7.68
CA SER D 73 2.92 -37.03 -8.54
C SER D 73 1.80 -37.70 -7.73
N ASP D 74 2.14 -38.31 -6.58
CA ASP D 74 1.18 -38.95 -5.68
C ASP D 74 0.21 -37.91 -5.11
N VAL D 75 0.72 -36.75 -4.75
CA VAL D 75 -0.07 -35.66 -4.23
C VAL D 75 -1.07 -35.14 -5.30
N LEU D 76 -0.65 -35.08 -6.57
CA LEU D 76 -1.49 -34.56 -7.64
C LEU D 76 -2.59 -35.50 -8.16
N ASN D 77 -2.74 -36.71 -7.61
CA ASN D 77 -3.82 -37.62 -7.98
C ASN D 77 -5.16 -36.96 -7.58
N ASP D 78 -6.14 -36.87 -8.50
CA ASP D 78 -7.44 -36.23 -8.29
C ASP D 78 -7.35 -34.79 -7.75
N ALA D 79 -6.25 -34.08 -8.08
CA ALA D 79 -6.02 -32.75 -7.55
C ALA D 79 -6.30 -31.62 -8.54
N ILE D 80 -6.22 -31.89 -9.84
CA ILE D 80 -6.39 -30.85 -10.85
C ILE D 80 -7.86 -30.78 -11.35
N PHE D 81 -8.35 -29.53 -11.55
CA PHE D 81 -9.70 -29.26 -12.02
C PHE D 81 -9.62 -28.22 -13.11
N ASP D 82 -10.17 -28.49 -14.29
CA ASP D 82 -10.16 -27.52 -15.39
C ASP D 82 -11.31 -26.57 -15.13
N GLU D 83 -11.01 -25.29 -14.88
CA GLU D 83 -12.05 -24.32 -14.59
C GLU D 83 -11.71 -22.92 -15.05
N ASP D 84 -12.75 -22.15 -15.37
CA ASP D 84 -12.61 -20.77 -15.84
C ASP D 84 -12.78 -19.84 -14.64
N HIS D 85 -11.81 -19.85 -13.72
CA HIS D 85 -11.88 -19.00 -12.55
C HIS D 85 -10.86 -17.91 -12.65
N ASP D 86 -11.32 -16.67 -12.80
CA ASP D 86 -10.38 -15.55 -12.84
C ASP D 86 -10.42 -14.85 -11.49
N GLU D 87 -9.72 -15.45 -10.54
CA GLU D 87 -9.69 -14.96 -9.17
C GLU D 87 -8.44 -15.40 -8.44
N MET D 88 -8.06 -14.65 -7.38
CA MET D 88 -6.92 -15.06 -6.57
C MET D 88 -7.39 -16.11 -5.56
N VAL D 89 -6.65 -17.21 -5.46
CA VAL D 89 -6.98 -18.29 -4.54
C VAL D 89 -5.88 -18.35 -3.50
N ILE D 90 -6.24 -18.28 -2.22
CA ILE D 90 -5.28 -18.31 -1.13
C ILE D 90 -5.66 -19.36 -0.10
N VAL D 91 -4.67 -20.10 0.43
CA VAL D 91 -4.87 -20.95 1.57
C VAL D 91 -3.85 -20.44 2.57
N LYS D 92 -4.32 -19.82 3.65
CA LYS D 92 -3.44 -19.24 4.65
C LYS D 92 -3.46 -19.98 5.98
N ASP D 93 -2.44 -19.77 6.82
CA ASP D 93 -2.28 -20.39 8.13
C ASP D 93 -2.21 -21.92 8.07
N ILE D 94 -1.48 -22.43 7.09
CA ILE D 94 -1.28 -23.88 6.98
C ILE D 94 -0.21 -24.20 8.00
N ASP D 95 -0.53 -25.02 9.02
CA ASP D 95 0.48 -25.38 10.02
C ASP D 95 1.63 -26.14 9.39
N MET D 96 2.84 -25.80 9.79
CA MET D 96 4.01 -26.37 9.18
C MET D 96 4.98 -26.78 10.24
N PHE D 97 5.46 -28.01 10.14
CA PHE D 97 6.42 -28.54 11.10
C PHE D 97 7.52 -29.17 10.28
N SER D 98 8.72 -28.67 10.45
CA SER D 98 9.88 -29.18 9.72
C SER D 98 11.03 -29.48 10.67
N MET D 99 12.12 -30.01 10.14
CA MET D 99 13.27 -30.36 10.93
C MET D 99 14.47 -29.65 10.37
N CYS D 100 15.23 -28.97 11.22
CA CYS D 100 16.44 -28.29 10.75
C CYS D 100 17.48 -29.34 10.33
N GLU D 101 18.01 -29.25 9.09
CA GLU D 101 19.01 -30.23 8.64
C GLU D 101 20.40 -30.02 9.29
N HIS D 102 20.65 -28.85 9.88
CA HIS D 102 21.92 -28.57 10.53
C HIS D 102 22.00 -29.16 11.95
N HIS D 103 20.93 -29.05 12.76
CA HIS D 103 20.96 -29.49 14.15
C HIS D 103 19.98 -30.60 14.51
N LEU D 104 19.08 -30.99 13.59
CA LEU D 104 18.06 -32.03 13.86
C LEU D 104 17.10 -31.64 14.98
N VAL D 105 16.77 -30.34 15.04
CA VAL D 105 15.84 -29.72 16.00
C VAL D 105 14.72 -29.12 15.14
N PRO D 106 13.45 -29.19 15.59
CA PRO D 106 12.37 -28.65 14.74
C PRO D 106 12.33 -27.14 14.50
N PHE D 107 11.79 -26.75 13.36
CA PHE D 107 11.43 -25.39 13.05
C PHE D 107 9.95 -25.50 12.67
N VAL D 108 9.13 -24.70 13.32
N VAL D 108 9.12 -24.71 13.35
CA VAL D 108 7.69 -24.79 13.20
CA VAL D 108 7.67 -24.79 13.29
C VAL D 108 7.09 -23.44 12.91
C VAL D 108 7.07 -23.44 12.95
N GLY D 109 5.94 -23.44 12.26
CA GLY D 109 5.23 -22.21 11.94
C GLY D 109 4.03 -22.40 11.06
N LYS D 110 3.91 -21.52 10.05
CA LYS D 110 2.79 -21.45 9.13
C LYS D 110 3.26 -21.13 7.72
N VAL D 111 2.50 -21.61 6.74
CA VAL D 111 2.68 -21.33 5.32
C VAL D 111 1.39 -20.65 4.81
N HIS D 112 1.55 -19.62 3.99
CA HIS D 112 0.45 -18.93 3.32
C HIS D 112 0.73 -19.04 1.83
N ILE D 113 -0.20 -19.64 1.08
CA ILE D 113 -0.01 -19.79 -0.36
C ILE D 113 -1.09 -19.04 -1.14
N GLY D 114 -0.71 -18.40 -2.23
CA GLY D 114 -1.66 -17.75 -3.10
C GLY D 114 -1.29 -18.03 -4.54
N TYR D 115 -2.27 -18.08 -5.41
CA TYR D 115 -2.03 -18.23 -6.85
C TYR D 115 -3.14 -17.66 -7.67
N LEU D 116 -2.83 -17.31 -8.92
CA LEU D 116 -3.82 -16.81 -9.84
C LEU D 116 -3.84 -17.83 -10.94
N PRO D 117 -4.91 -18.61 -11.03
CA PRO D 117 -4.94 -19.67 -12.05
C PRO D 117 -5.05 -19.19 -13.48
N ASN D 118 -4.59 -20.04 -14.40
CA ASN D 118 -4.72 -19.78 -15.81
C ASN D 118 -5.97 -20.60 -16.19
N LYS D 119 -5.84 -21.89 -16.52
CA LYS D 119 -7.01 -22.69 -16.86
C LYS D 119 -7.27 -23.86 -15.90
N GLN D 120 -6.42 -24.04 -14.89
CA GLN D 120 -6.59 -25.12 -13.94
C GLN D 120 -6.46 -24.67 -12.49
N VAL D 121 -7.31 -25.23 -11.63
CA VAL D 121 -7.23 -25.01 -10.21
C VAL D 121 -6.85 -26.32 -9.51
N LEU D 122 -6.25 -26.20 -8.35
CA LEU D 122 -5.83 -27.33 -7.55
C LEU D 122 -6.83 -27.47 -6.40
N GLY D 123 -7.14 -28.71 -5.98
CA GLY D 123 -8.01 -28.95 -4.83
C GLY D 123 -7.42 -28.27 -3.61
N LEU D 124 -8.21 -27.46 -2.87
CA LEU D 124 -7.67 -26.68 -1.73
C LEU D 124 -6.83 -27.49 -0.75
N SER D 125 -7.24 -28.72 -0.44
CA SER D 125 -6.47 -29.56 0.49
C SER D 125 -5.12 -29.98 -0.09
N LYS D 126 -4.99 -30.07 -1.44
CA LYS D 126 -3.76 -30.46 -2.12
C LYS D 126 -2.63 -29.45 -1.95
N LEU D 127 -2.96 -28.19 -1.72
CA LEU D 127 -1.96 -27.16 -1.42
C LEU D 127 -1.28 -27.47 -0.09
N ALA D 128 -2.06 -27.93 0.90
CA ALA D 128 -1.53 -28.32 2.21
C ALA D 128 -0.71 -29.59 2.08
N ARG D 129 -1.15 -30.54 1.23
CA ARG D 129 -0.42 -31.78 0.98
C ARG D 129 0.93 -31.46 0.35
N ILE D 130 1.03 -30.41 -0.50
CA ILE D 130 2.30 -29.95 -1.06
C ILE D 130 3.23 -29.47 0.05
N VAL D 131 2.72 -28.65 0.98
CA VAL D 131 3.48 -28.17 2.14
C VAL D 131 4.01 -29.35 2.97
N GLU D 132 3.14 -30.35 3.21
N GLU D 132 3.15 -30.34 3.21
CA GLU D 132 3.43 -31.56 3.96
CA GLU D 132 3.48 -31.55 3.97
C GLU D 132 4.60 -32.40 3.39
C GLU D 132 4.62 -32.38 3.38
N ILE D 133 4.60 -32.69 2.07
CA ILE D 133 5.66 -33.49 1.45
C ILE D 133 7.08 -32.88 1.61
N TYR D 134 7.22 -31.56 1.41
CA TYR D 134 8.52 -30.92 1.51
C TYR D 134 8.93 -30.54 2.95
N SER D 135 7.96 -30.16 3.81
CA SER D 135 8.29 -29.76 5.17
C SER D 135 8.63 -30.96 6.04
N ARG D 136 8.06 -32.14 5.77
CA ARG D 136 8.35 -33.35 6.53
C ARG D 136 9.64 -34.01 6.05
N ARG D 137 10.75 -33.26 6.13
CA ARG D 137 12.08 -33.66 5.69
C ARG D 137 13.12 -32.84 6.47
N LEU D 138 14.40 -33.21 6.36
CA LEU D 138 15.50 -32.42 6.92
C LEU D 138 15.64 -31.25 5.96
N GLN D 139 15.40 -30.02 6.45
CA GLN D 139 15.30 -28.84 5.63
C GLN D 139 16.04 -27.59 6.09
N VAL D 140 16.03 -26.57 5.20
CA VAL D 140 16.38 -25.17 5.41
C VAL D 140 15.16 -24.42 4.90
N GLN D 141 14.65 -23.45 5.66
CA GLN D 141 13.42 -22.74 5.31
C GLN D 141 13.38 -22.20 3.87
N GLU D 142 14.51 -21.68 3.37
CA GLU D 142 14.62 -21.14 2.01
C GLU D 142 14.35 -22.19 0.95
N ARG D 143 14.89 -23.42 1.12
CA ARG D 143 14.69 -24.49 0.14
C ARG D 143 13.22 -24.92 0.16
N LEU D 144 12.66 -25.08 1.36
CA LEU D 144 11.28 -25.48 1.59
C LEU D 144 10.33 -24.50 0.88
N THR D 145 10.54 -23.19 1.04
CA THR D 145 9.71 -22.16 0.42
C THR D 145 9.72 -22.30 -1.12
N LYS D 146 10.92 -22.47 -1.69
CA LYS D 146 11.11 -22.61 -3.10
C LYS D 146 10.44 -23.88 -3.65
N GLN D 147 10.63 -25.03 -2.97
CA GLN D 147 10.03 -26.29 -3.39
C GLN D 147 8.52 -26.21 -3.49
N ILE D 148 7.84 -25.58 -2.51
CA ILE D 148 6.39 -25.41 -2.55
C ILE D 148 5.98 -24.56 -3.77
N ALA D 149 6.62 -23.39 -3.97
CA ALA D 149 6.28 -22.52 -5.09
C ALA D 149 6.53 -23.20 -6.44
N VAL D 150 7.65 -23.95 -6.55
CA VAL D 150 8.00 -24.64 -7.80
C VAL D 150 6.99 -25.74 -8.10
N ALA D 151 6.55 -26.48 -7.05
CA ALA D 151 5.58 -27.53 -7.26
C ALA D 151 4.25 -26.98 -7.75
N ILE D 152 3.79 -25.85 -7.21
CA ILE D 152 2.52 -25.25 -7.65
C ILE D 152 2.64 -24.72 -9.09
N THR D 153 3.78 -24.08 -9.39
CA THR D 153 4.02 -23.50 -10.70
C THR D 153 4.02 -24.59 -11.77
N GLU D 154 4.69 -25.70 -11.48
CA GLU D 154 4.81 -26.80 -12.43
C GLU D 154 3.53 -27.61 -12.59
N ALA D 155 2.74 -27.76 -11.51
CA ALA D 155 1.48 -28.50 -11.58
C ALA D 155 0.37 -27.77 -12.33
N LEU D 156 0.32 -26.44 -12.24
CA LEU D 156 -0.78 -25.68 -12.83
C LEU D 156 -0.43 -24.69 -13.91
N ARG D 157 0.86 -24.31 -14.05
CA ARG D 157 1.28 -23.25 -14.98
C ARG D 157 0.40 -21.96 -14.82
N PRO D 158 0.28 -21.47 -13.57
CA PRO D 158 -0.62 -20.33 -13.33
C PRO D 158 -0.01 -19.01 -13.75
N ALA D 159 -0.82 -17.94 -13.75
CA ALA D 159 -0.33 -16.60 -14.07
C ALA D 159 0.70 -16.13 -12.97
N GLY D 160 0.59 -16.65 -11.75
CA GLY D 160 1.50 -16.26 -10.67
C GLY D 160 1.30 -17.02 -9.40
N VAL D 161 2.34 -17.02 -8.52
CA VAL D 161 2.34 -17.76 -7.26
C VAL D 161 2.98 -16.93 -6.14
N GLY D 162 2.45 -17.04 -4.94
CA GLY D 162 3.03 -16.39 -3.77
C GLY D 162 3.11 -17.41 -2.67
N VAL D 163 4.31 -17.59 -2.07
CA VAL D 163 4.48 -18.52 -0.96
C VAL D 163 5.21 -17.80 0.16
N VAL D 164 4.61 -17.73 1.35
CA VAL D 164 5.22 -17.09 2.52
C VAL D 164 5.27 -18.11 3.66
N VAL D 165 6.47 -18.37 4.18
CA VAL D 165 6.67 -19.28 5.30
C VAL D 165 7.15 -18.45 6.49
N GLU D 166 6.48 -18.61 7.65
CA GLU D 166 6.82 -17.93 8.91
C GLU D 166 7.14 -19.02 9.89
N ALA D 167 8.34 -19.02 10.47
CA ALA D 167 8.71 -20.10 11.38
C ALA D 167 9.62 -19.68 12.54
N THR D 168 9.57 -20.45 13.64
CA THR D 168 10.44 -20.30 14.80
C THR D 168 11.42 -21.47 14.75
N HIS D 169 12.72 -21.19 14.81
CA HIS D 169 13.75 -22.23 14.77
C HIS D 169 14.19 -22.56 16.19
N MET D 170 14.01 -23.82 16.63
CA MET D 170 14.38 -24.21 18.01
C MET D 170 15.87 -24.25 18.24
N CYS D 171 16.70 -24.38 17.17
CA CYS D 171 18.15 -24.34 17.32
C CYS D 171 18.59 -22.97 17.84
N MET D 172 17.91 -21.89 17.41
CA MET D 172 18.15 -20.53 17.91
C MET D 172 17.56 -20.32 19.33
N VAL D 173 16.64 -21.22 19.77
CA VAL D 173 15.92 -21.30 21.04
C VAL D 173 14.89 -20.16 21.17
N ASN D 181 11.96 -16.24 20.46
CA ASN D 181 11.21 -15.01 20.16
C ASN D 181 11.35 -14.50 18.70
N SER D 182 12.56 -14.59 18.10
CA SER D 182 12.74 -14.14 16.71
C SER D 182 12.11 -15.13 15.71
N LYS D 183 11.51 -14.61 14.63
CA LYS D 183 10.88 -15.44 13.62
C LYS D 183 11.53 -15.25 12.26
N THR D 184 11.58 -16.31 11.45
CA THR D 184 12.13 -16.24 10.11
C THR D 184 11.00 -16.27 9.12
N VAL D 185 10.98 -15.31 8.21
CA VAL D 185 9.96 -15.23 7.19
C VAL D 185 10.65 -15.29 5.84
N THR D 186 10.24 -16.24 5.00
CA THR D 186 10.77 -16.36 3.65
C THR D 186 9.58 -16.18 2.70
N SER D 187 9.81 -15.50 1.59
CA SER D 187 8.75 -15.18 0.67
C SER D 187 9.15 -15.31 -0.79
N THR D 188 8.44 -16.15 -1.53
CA THR D 188 8.66 -16.33 -2.95
C THR D 188 7.48 -15.73 -3.70
N MET D 189 7.72 -14.83 -4.66
CA MET D 189 6.68 -14.21 -5.45
C MET D 189 7.04 -14.49 -6.92
N LEU D 190 6.18 -15.20 -7.67
CA LEU D 190 6.45 -15.57 -9.06
C LEU D 190 5.38 -15.07 -10.00
N GLY D 191 5.74 -14.83 -11.28
CA GLY D 191 4.79 -14.41 -12.30
C GLY D 191 4.17 -13.07 -11.96
N VAL D 192 2.85 -12.98 -12.06
CA VAL D 192 2.14 -11.73 -11.74
C VAL D 192 2.27 -11.29 -10.23
N PHE D 193 2.55 -12.22 -9.31
CA PHE D 193 2.76 -11.87 -7.91
C PHE D 193 4.05 -11.07 -7.76
N ARG D 194 5.03 -11.34 -8.63
CA ARG D 194 6.26 -10.59 -8.65
C ARG D 194 6.06 -9.25 -9.42
N GLU D 195 5.47 -9.30 -10.61
CA GLU D 195 5.38 -8.15 -11.51
C GLU D 195 4.32 -7.11 -11.21
N ASP D 196 3.15 -7.52 -10.76
CA ASP D 196 2.04 -6.57 -10.58
C ASP D 196 1.97 -6.07 -9.14
N PRO D 197 2.11 -4.75 -8.93
CA PRO D 197 2.03 -4.25 -7.53
C PRO D 197 0.67 -4.47 -6.90
N LYS D 198 -0.40 -4.43 -7.71
CA LYS D 198 -1.75 -4.63 -7.21
C LYS D 198 -1.95 -6.06 -6.75
N THR D 199 -1.46 -7.02 -7.53
CA THR D 199 -1.54 -8.43 -7.20
C THR D 199 -0.77 -8.73 -5.89
N ARG D 200 0.50 -8.23 -5.78
CA ARG D 200 1.30 -8.53 -4.59
C ARG D 200 0.70 -7.91 -3.33
N GLU D 201 0.18 -6.70 -3.45
CA GLU D 201 -0.43 -6.00 -2.33
C GLU D 201 -1.70 -6.75 -1.88
N GLU D 202 -2.51 -7.21 -2.84
CA GLU D 202 -3.73 -7.93 -2.55
C GLU D 202 -3.43 -9.21 -1.78
N PHE D 203 -2.42 -9.96 -2.22
CA PHE D 203 -2.05 -11.22 -1.55
C PHE D 203 -1.58 -10.96 -0.11
N LEU D 204 -0.68 -9.96 0.06
CA LEU D 204 -0.12 -9.65 1.35
C LEU D 204 -1.17 -9.10 2.32
N THR D 205 -2.21 -8.41 1.80
CA THR D 205 -3.26 -7.89 2.68
C THR D 205 -4.18 -9.05 3.12
N LEU D 206 -4.58 -9.90 2.16
CA LEU D 206 -5.47 -11.01 2.41
C LEU D 206 -4.87 -12.10 3.28
N ILE D 207 -3.53 -12.24 3.35
CA ILE D 207 -2.95 -13.27 4.22
C ILE D 207 -2.86 -12.83 5.69
N ARG D 208 -3.20 -11.55 6.01
CA ARG D 208 -3.19 -11.05 7.38
C ARG D 208 -4.58 -11.26 7.97
N PRO E 17 40.22 -4.88 19.02
CA PRO E 17 39.12 -5.07 19.97
C PRO E 17 39.56 -5.10 21.43
N ARG E 18 38.63 -4.78 22.33
CA ARG E 18 38.82 -4.82 23.77
C ARG E 18 39.04 -6.29 24.16
N SER E 19 40.01 -6.57 25.02
CA SER E 19 40.30 -7.95 25.44
C SER E 19 39.78 -8.24 26.84
N GLU E 20 39.71 -9.52 27.23
CA GLU E 20 39.32 -9.87 28.59
C GLU E 20 40.38 -9.41 29.61
N GLU E 21 41.65 -9.20 29.19
CA GLU E 21 42.70 -8.69 30.07
C GLU E 21 42.42 -7.23 30.37
N ASP E 22 42.04 -6.44 29.35
CA ASP E 22 41.66 -5.03 29.51
C ASP E 22 40.50 -4.90 30.50
N ASN E 23 39.55 -5.85 30.46
CA ASN E 23 38.41 -5.86 31.36
C ASN E 23 38.84 -6.09 32.79
N GLU E 24 39.70 -7.08 33.03
CA GLU E 24 40.18 -7.37 34.39
C GLU E 24 40.94 -6.19 34.94
N LEU E 25 41.80 -5.60 34.13
CA LEU E 25 42.58 -4.44 34.51
C LEU E 25 41.76 -3.19 34.83
N ASN E 26 40.68 -2.96 34.07
CA ASN E 26 39.86 -1.77 34.30
C ASN E 26 38.70 -1.94 35.27
N LEU E 27 38.39 -3.18 35.66
CA LEU E 27 37.32 -3.43 36.60
C LEU E 27 37.49 -2.64 37.94
N PRO E 28 38.68 -2.58 38.59
CA PRO E 28 38.79 -1.79 39.82
C PRO E 28 38.63 -0.30 39.59
N ASN E 29 39.05 0.22 38.45
CA ASN E 29 38.88 1.65 38.13
C ASN E 29 37.38 1.96 37.95
N LEU E 30 36.62 1.03 37.35
CA LEU E 30 35.19 1.18 37.14
C LEU E 30 34.50 1.14 38.51
N ALA E 31 34.85 0.16 39.36
CA ALA E 31 34.28 0.03 40.70
C ALA E 31 34.58 1.27 41.55
N ALA E 32 35.77 1.84 41.43
CA ALA E 32 36.15 3.05 42.17
C ALA E 32 35.28 4.23 41.74
N ALA E 33 35.01 4.37 40.42
CA ALA E 33 34.16 5.44 39.91
C ALA E 33 32.70 5.25 40.37
N TYR E 34 32.21 4.00 40.40
CA TYR E 34 30.85 3.74 40.86
C TYR E 34 30.71 3.98 42.38
N SER E 35 31.78 3.72 43.14
CA SER E 35 31.79 3.99 44.58
C SER E 35 31.77 5.52 44.79
N SER E 36 32.52 6.27 43.97
CA SER E 36 32.52 7.73 44.00
C SER E 36 31.11 8.28 43.70
N ILE E 37 30.43 7.74 42.66
CA ILE E 37 29.06 8.14 42.29
C ILE E 37 28.09 7.91 43.47
N LEU E 38 28.22 6.77 44.17
CA LEU E 38 27.35 6.48 45.33
C LEU E 38 27.49 7.52 46.45
N SER E 39 28.71 8.02 46.67
CA SER E 39 28.99 9.02 47.70
C SER E 39 28.61 10.44 47.23
N SER E 40 28.74 10.72 45.93
CA SER E 40 28.36 12.01 45.39
C SER E 40 26.83 12.19 45.29
N LEU E 41 26.06 11.09 45.20
CA LEU E 41 24.60 11.18 45.15
C LEU E 41 23.93 11.41 46.51
N GLY E 42 24.71 11.36 47.59
CA GLY E 42 24.19 11.49 48.95
C GLY E 42 23.88 10.16 49.61
N GLU E 43 24.24 9.05 48.94
CA GLU E 43 23.99 7.72 49.49
C GLU E 43 25.13 7.26 50.40
N ASN E 44 24.92 6.15 51.12
CA ASN E 44 25.87 5.56 52.04
C ASN E 44 26.45 4.29 51.41
N PRO E 45 27.65 4.35 50.81
CA PRO E 45 28.22 3.13 50.19
C PRO E 45 28.56 2.01 51.17
N GLN E 46 28.46 2.27 52.48
CA GLN E 46 28.76 1.26 53.48
C GLN E 46 27.55 0.45 53.92
N ARG E 47 26.32 0.88 53.57
CA ARG E 47 25.13 0.12 53.96
C ARG E 47 25.10 -1.23 53.22
N GLN E 48 24.50 -2.23 53.83
CA GLN E 48 24.44 -3.59 53.32
C GLN E 48 24.11 -3.73 51.81
N GLY E 49 23.02 -3.12 51.38
CA GLY E 49 22.60 -3.18 49.98
C GLY E 49 23.49 -2.49 48.96
N LEU E 50 24.36 -1.57 49.40
CA LEU E 50 25.25 -0.86 48.49
C LEU E 50 26.70 -1.31 48.53
N LEU E 51 27.08 -2.20 49.47
CA LEU E 51 28.47 -2.67 49.65
C LEU E 51 29.10 -3.29 48.40
N LYS E 52 28.38 -4.17 47.71
CA LYS E 52 28.89 -4.81 46.50
C LYS E 52 28.49 -4.10 45.19
N THR E 53 27.69 -3.01 45.28
CA THR E 53 27.22 -2.22 44.14
C THR E 53 28.37 -1.69 43.25
N PRO E 54 29.48 -1.09 43.77
CA PRO E 54 30.54 -0.64 42.86
C PRO E 54 31.04 -1.73 41.90
N TRP E 55 31.15 -2.98 42.38
CA TRP E 55 31.65 -4.07 41.54
C TRP E 55 30.55 -4.72 40.66
N ARG E 56 29.28 -4.71 41.12
CA ARG E 56 28.17 -5.24 40.33
C ARG E 56 27.84 -4.26 39.18
N ALA E 57 27.85 -2.95 39.45
CA ALA E 57 27.60 -1.93 38.44
C ALA E 57 28.72 -1.90 37.39
N ALA E 58 29.97 -2.09 37.83
CA ALA E 58 31.13 -2.11 36.93
C ALA E 58 31.08 -3.34 36.02
N SER E 59 30.74 -4.53 36.58
CA SER E 59 30.65 -5.74 35.77
C SER E 59 29.46 -5.66 34.80
N ALA E 60 28.35 -5.05 35.23
CA ALA E 60 27.18 -4.89 34.39
C ALA E 60 27.54 -3.97 33.20
N MET E 61 28.17 -2.82 33.45
CA MET E 61 28.55 -1.88 32.40
C MET E 61 29.56 -2.50 31.41
N GLN E 62 30.40 -3.43 31.88
CA GLN E 62 31.34 -4.12 30.99
C GLN E 62 30.56 -5.09 30.09
N PHE E 63 29.59 -5.81 30.65
CA PHE E 63 28.77 -6.74 29.91
C PHE E 63 27.93 -5.98 28.86
N PHE E 64 27.35 -4.83 29.22
CA PHE E 64 26.55 -4.02 28.31
C PHE E 64 27.35 -3.50 27.13
N THR E 65 28.68 -3.43 27.27
CA THR E 65 29.58 -2.96 26.23
C THR E 65 30.52 -4.06 25.72
N LYS E 66 30.13 -5.35 25.84
CA LYS E 66 30.99 -6.46 25.39
C LYS E 66 31.17 -6.56 23.86
N GLY E 67 30.36 -5.81 23.10
CA GLY E 67 30.44 -5.77 21.65
C GLY E 67 31.74 -5.14 21.18
N TYR E 68 32.41 -4.32 22.05
CA TYR E 68 33.72 -3.75 21.68
C TYR E 68 34.80 -4.86 21.62
N GLN E 69 34.54 -6.03 22.23
CA GLN E 69 35.44 -7.17 22.21
C GLN E 69 35.38 -8.00 20.92
N GLU E 70 34.46 -7.64 20.03
CA GLU E 70 34.27 -8.38 18.80
C GLU E 70 34.53 -7.56 17.56
N THR E 71 34.83 -8.25 16.46
CA THR E 71 35.04 -7.66 15.14
C THR E 71 34.11 -8.37 14.16
N ILE E 72 33.63 -7.68 13.12
CA ILE E 72 32.72 -8.27 12.13
C ILE E 72 33.35 -9.43 11.36
N SER E 73 34.68 -9.42 11.22
CA SER E 73 35.44 -10.44 10.51
C SER E 73 35.31 -11.80 11.20
N ASP E 74 35.36 -11.80 12.55
CA ASP E 74 35.23 -13.02 13.33
C ASP E 74 33.88 -13.69 13.11
N VAL E 75 32.80 -12.92 12.98
CA VAL E 75 31.47 -13.50 12.77
C VAL E 75 31.05 -13.55 11.30
N HIS E 85 19.04 -18.83 -4.60
CA HIS E 85 17.78 -18.53 -3.93
C HIS E 85 17.25 -17.18 -4.31
N ASP E 86 16.08 -17.16 -4.93
CA ASP E 86 15.46 -15.89 -5.30
C ASP E 86 14.20 -15.74 -4.43
N GLU E 87 14.40 -15.26 -3.22
CA GLU E 87 13.32 -15.05 -2.26
C GLU E 87 13.72 -14.07 -1.21
N MET E 88 12.74 -13.36 -0.64
CA MET E 88 13.04 -12.43 0.43
C MET E 88 13.26 -13.22 1.72
N VAL E 89 14.35 -12.92 2.42
CA VAL E 89 14.67 -13.58 3.67
C VAL E 89 14.57 -12.54 4.78
N ILE E 90 13.75 -12.82 5.80
CA ILE E 90 13.54 -11.90 6.91
C ILE E 90 13.73 -12.60 8.25
N VAL E 91 14.41 -11.94 9.19
CA VAL E 91 14.49 -12.41 10.56
C VAL E 91 13.92 -11.24 11.36
N LYS E 92 12.73 -11.43 11.94
CA LYS E 92 12.08 -10.36 12.67
C LYS E 92 12.03 -10.59 14.19
N ASP E 93 11.78 -9.54 14.97
CA ASP E 93 11.69 -9.58 16.43
C ASP E 93 12.97 -10.08 17.10
N ILE E 94 14.12 -9.63 16.61
CA ILE E 94 15.39 -9.96 17.23
C ILE E 94 15.52 -9.03 18.41
N ASP E 95 15.58 -9.58 19.66
CA ASP E 95 15.70 -8.72 20.84
C ASP E 95 16.98 -7.94 20.83
N MET E 96 16.89 -6.67 21.21
CA MET E 96 18.01 -5.78 21.15
C MET E 96 18.10 -4.97 22.46
N PHE E 97 19.30 -4.90 23.03
CA PHE E 97 19.55 -4.10 24.22
C PHE E 97 20.78 -3.30 23.87
N SER E 98 20.68 -1.99 24.00
CA SER E 98 21.82 -1.13 23.77
C SER E 98 21.92 -0.06 24.88
N MET E 99 22.97 0.77 24.87
CA MET E 99 23.18 1.80 25.89
C MET E 99 23.27 3.16 25.24
N CYS E 100 22.53 4.14 25.72
CA CYS E 100 22.61 5.50 25.20
C CYS E 100 24.00 6.07 25.46
N GLU E 101 24.71 6.53 24.42
CA GLU E 101 26.03 7.12 24.64
C GLU E 101 25.94 8.54 25.22
N HIS E 102 24.80 9.23 25.08
CA HIS E 102 24.63 10.56 25.61
C HIS E 102 24.37 10.56 27.11
N HIS E 103 23.53 9.63 27.58
CA HIS E 103 23.14 9.61 28.97
C HIS E 103 23.53 8.38 29.77
N LEU E 104 24.06 7.34 29.13
CA LEU E 104 24.48 6.08 29.75
C LEU E 104 23.33 5.35 30.46
N VAL E 105 22.16 5.41 29.84
CA VAL E 105 20.92 4.73 30.28
C VAL E 105 20.52 3.81 29.10
N PRO E 106 19.98 2.60 29.35
CA PRO E 106 19.64 1.71 28.23
C PRO E 106 18.52 2.14 27.31
N PHE E 107 18.61 1.67 26.07
CA PHE E 107 17.54 1.74 25.11
C PHE E 107 17.34 0.31 24.63
N VAL E 108 16.10 -0.16 24.67
CA VAL E 108 15.82 -1.57 24.43
C VAL E 108 14.68 -1.73 23.45
N GLY E 109 14.72 -2.82 22.69
CA GLY E 109 13.67 -3.09 21.73
C GLY E 109 13.91 -4.30 20.87
N LYS E 110 13.64 -4.14 19.55
CA LYS E 110 13.70 -5.19 18.55
C LYS E 110 14.29 -4.68 17.25
N VAL E 111 14.92 -5.61 16.51
CA VAL E 111 15.46 -5.38 15.17
C VAL E 111 14.75 -6.38 14.21
N HIS E 112 14.38 -5.89 13.02
CA HIS E 112 13.79 -6.67 11.95
C HIS E 112 14.69 -6.49 10.74
N ILE E 113 15.21 -7.60 10.21
CA ILE E 113 16.12 -7.54 9.08
C ILE E 113 15.57 -8.29 7.88
N GLY E 114 15.71 -7.71 6.71
CA GLY E 114 15.30 -8.34 5.48
C GLY E 114 16.37 -8.18 4.41
N TYR E 115 16.44 -9.12 3.49
CA TYR E 115 17.36 -9.01 2.36
C TYR E 115 16.96 -9.90 1.22
N LEU E 116 17.37 -9.51 0.02
CA LEU E 116 17.11 -10.28 -1.18
C LEU E 116 18.47 -10.69 -1.66
N PRO E 117 18.83 -11.96 -1.51
CA PRO E 117 20.19 -12.36 -1.88
C PRO E 117 20.48 -12.33 -3.37
N ASN E 118 21.78 -12.21 -3.70
CA ASN E 118 22.25 -12.29 -5.07
C ASN E 118 22.79 -13.72 -5.16
N LYS E 119 24.05 -13.99 -4.78
CA LYS E 119 24.58 -15.35 -4.83
C LYS E 119 24.96 -15.93 -3.47
N GLN E 120 25.06 -15.11 -2.40
CA GLN E 120 25.35 -15.67 -1.07
C GLN E 120 24.35 -15.23 0.01
N VAL E 121 24.01 -16.18 0.88
CA VAL E 121 23.08 -16.06 1.99
C VAL E 121 23.83 -16.14 3.32
N LEU E 122 23.24 -15.61 4.36
CA LEU E 122 23.82 -15.60 5.68
C LEU E 122 23.09 -16.63 6.54
N GLY E 123 23.82 -17.31 7.43
CA GLY E 123 23.23 -18.24 8.39
C GLY E 123 22.30 -17.46 9.30
N LEU E 124 21.08 -17.95 9.51
CA LEU E 124 20.06 -17.25 10.30
C LEU E 124 20.55 -16.74 11.66
N SER E 125 21.37 -17.52 12.37
CA SER E 125 21.91 -17.07 13.66
C SER E 125 22.94 -15.96 13.51
N LYS E 126 23.68 -15.93 12.39
CA LYS E 126 24.74 -14.93 12.18
C LYS E 126 24.25 -13.48 12.21
N LEU E 127 23.00 -13.20 11.77
CA LEU E 127 22.54 -11.81 11.83
C LEU E 127 22.17 -11.41 13.24
N ALA E 128 21.75 -12.36 14.11
CA ALA E 128 21.55 -12.03 15.53
C ALA E 128 22.91 -11.65 16.15
N ARG E 129 23.99 -12.33 15.72
CA ARG E 129 25.38 -12.04 16.13
C ARG E 129 25.85 -10.66 15.63
N ILE E 130 25.31 -10.17 14.49
CA ILE E 130 25.64 -8.84 13.93
C ILE E 130 24.94 -7.79 14.78
N VAL E 131 23.66 -8.02 15.13
CA VAL E 131 22.87 -7.14 15.99
C VAL E 131 23.55 -7.04 17.38
N GLU E 132 24.07 -8.18 17.87
CA GLU E 132 24.77 -8.28 19.15
C GLU E 132 26.07 -7.44 19.21
N ILE E 133 27.00 -7.59 18.22
CA ILE E 133 28.28 -6.87 18.22
C ILE E 133 28.09 -5.34 18.28
N TYR E 134 27.16 -4.80 17.48
CA TYR E 134 26.95 -3.36 17.43
C TYR E 134 26.06 -2.81 18.56
N SER E 135 25.03 -3.57 19.00
CA SER E 135 24.14 -3.07 20.03
C SER E 135 24.79 -3.06 21.41
N ARG E 136 25.69 -4.01 21.70
CA ARG E 136 26.37 -4.05 22.99
C ARG E 136 27.56 -3.11 23.02
N ARG E 137 27.27 -1.82 22.92
CA ARG E 137 28.23 -0.71 22.87
C ARG E 137 27.48 0.57 23.29
N LEU E 138 28.21 1.67 23.48
CA LEU E 138 27.62 2.97 23.75
C LEU E 138 27.18 3.44 22.37
N GLN E 139 25.89 3.65 22.20
CA GLN E 139 25.32 3.92 20.87
C GLN E 139 24.29 5.04 20.81
N VAL E 140 23.93 5.37 19.59
CA VAL E 140 22.79 6.12 19.15
C VAL E 140 22.10 5.16 18.19
N GLN E 141 20.77 5.02 18.33
CA GLN E 141 20.00 4.09 17.50
C GLN E 141 20.27 4.21 15.98
N GLU E 142 20.45 5.43 15.47
CA GLU E 142 20.72 5.68 14.06
C GLU E 142 22.00 5.01 13.60
N ARG E 143 23.07 5.09 14.40
CA ARG E 143 24.35 4.49 14.03
C ARG E 143 24.23 2.98 14.06
N LEU E 144 23.58 2.43 15.10
CA LEU E 144 23.34 1.00 15.26
C LEU E 144 22.60 0.42 14.03
N THR E 145 21.50 1.06 13.60
CA THR E 145 20.72 0.59 12.44
C THR E 145 21.60 0.54 11.18
N LYS E 146 22.40 1.61 10.95
CA LYS E 146 23.29 1.70 9.81
C LYS E 146 24.36 0.61 9.83
N GLN E 147 25.01 0.42 10.98
CA GLN E 147 26.05 -0.60 11.13
C GLN E 147 25.57 -2.00 10.78
N ILE E 148 24.36 -2.37 11.20
CA ILE E 148 23.80 -3.67 10.87
C ILE E 148 23.59 -3.79 9.35
N ALA E 149 22.94 -2.80 8.73
CA ALA E 149 22.71 -2.81 7.29
C ALA E 149 23.99 -2.85 6.47
N VAL E 150 25.01 -2.05 6.88
CA VAL E 150 26.29 -1.98 6.19
C VAL E 150 27.01 -3.33 6.29
N ALA E 151 26.96 -3.98 7.47
CA ALA E 151 27.61 -5.26 7.67
C ALA E 151 26.99 -6.32 6.77
N ILE E 152 25.65 -6.37 6.68
CA ILE E 152 24.99 -7.36 5.82
C ILE E 152 25.29 -7.08 4.34
N THR E 153 25.24 -5.79 3.96
CA THR E 153 25.48 -5.39 2.57
C THR E 153 26.87 -5.77 2.14
N GLU E 154 27.89 -5.46 2.94
CA GLU E 154 29.27 -5.80 2.60
C GLU E 154 29.52 -7.29 2.62
N ALA E 155 28.99 -8.01 3.61
CA ALA E 155 29.24 -9.45 3.69
C ALA E 155 28.67 -10.21 2.50
N LEU E 156 27.48 -9.84 2.05
CA LEU E 156 26.75 -10.59 1.04
C LEU E 156 26.66 -9.98 -0.34
N ARG E 157 26.78 -8.64 -0.44
CA ARG E 157 26.56 -7.88 -1.68
C ARG E 157 25.24 -8.28 -2.35
N PRO E 158 24.12 -8.19 -1.60
CA PRO E 158 22.84 -8.66 -2.14
C PRO E 158 22.13 -7.60 -2.99
N ALA E 159 20.95 -7.96 -3.52
CA ALA E 159 20.17 -7.04 -4.32
C ALA E 159 19.61 -5.91 -3.44
N GLY E 160 19.37 -6.18 -2.17
CA GLY E 160 18.84 -5.19 -1.25
C GLY E 160 18.79 -5.65 0.18
N VAL E 161 18.77 -4.71 1.12
CA VAL E 161 18.70 -4.95 2.56
C VAL E 161 17.73 -3.96 3.16
N GLY E 162 17.01 -4.40 4.19
CA GLY E 162 16.14 -3.56 4.99
C GLY E 162 16.42 -3.81 6.45
N VAL E 163 16.67 -2.74 7.24
CA VAL E 163 16.90 -2.89 8.66
C VAL E 163 16.02 -1.90 9.41
N VAL E 164 15.15 -2.39 10.29
CA VAL E 164 14.25 -1.57 11.09
C VAL E 164 14.52 -1.87 12.57
N VAL E 165 14.85 -0.83 13.35
CA VAL E 165 15.04 -0.95 14.78
C VAL E 165 13.92 -0.16 15.48
N GLU E 166 13.25 -0.79 16.46
CA GLU E 166 12.19 -0.19 17.27
C GLU E 166 12.69 -0.26 18.70
N ALA E 167 12.76 0.88 19.40
CA ALA E 167 13.27 0.89 20.76
C ALA E 167 12.62 1.92 21.68
N THR E 168 12.63 1.62 23.01
CA THR E 168 12.20 2.54 24.06
C THR E 168 13.48 3.08 24.67
N HIS E 169 13.63 4.40 24.73
CA HIS E 169 14.82 5.00 25.31
C HIS E 169 14.52 5.41 26.77
N MET E 170 15.31 4.95 27.74
CA MET E 170 15.06 5.30 29.15
C MET E 170 15.39 6.77 29.45
N CYS E 171 16.28 7.38 28.66
CA CYS E 171 16.59 8.79 28.83
C CYS E 171 15.41 9.70 28.36
N MET E 172 14.35 9.12 27.74
CA MET E 172 13.16 9.82 27.28
C MET E 172 11.91 9.46 28.10
N VAL E 173 11.90 8.27 28.68
CA VAL E 173 10.77 7.76 29.45
C VAL E 173 10.90 8.20 30.94
N MET E 174 12.12 8.22 31.46
CA MET E 174 12.38 8.67 32.81
C MET E 174 12.69 10.19 32.72
N ARG E 175 11.68 10.94 32.22
CA ARG E 175 11.64 12.38 31.98
C ARG E 175 10.39 12.61 31.10
N GLY E 176 9.21 12.67 31.71
CA GLY E 176 7.96 13.00 31.05
C GLY E 176 7.31 12.17 29.94
N VAL E 177 8.01 11.85 28.82
CA VAL E 177 7.40 11.12 27.71
C VAL E 177 7.96 9.70 27.58
N SER E 182 6.61 6.77 24.39
CA SER E 182 7.15 7.06 23.06
C SER E 182 8.17 6.02 22.60
N LYS E 183 8.17 5.68 21.31
CA LYS E 183 9.11 4.72 20.75
C LYS E 183 9.90 5.33 19.60
N THR E 184 11.17 4.95 19.44
CA THR E 184 11.97 5.42 18.33
C THR E 184 12.10 4.31 17.29
N VAL E 185 11.80 4.63 16.05
CA VAL E 185 11.91 3.67 14.96
C VAL E 185 12.89 4.24 13.95
N THR E 186 13.92 3.48 13.60
CA THR E 186 14.88 3.87 12.59
C THR E 186 14.83 2.82 11.48
N SER E 187 14.94 3.27 10.23
CA SER E 187 14.79 2.35 9.11
C SER E 187 15.75 2.64 7.97
N THR E 188 16.58 1.65 7.64
CA THR E 188 17.52 1.72 6.53
C THR E 188 17.04 0.82 5.40
N MET E 189 16.86 1.35 4.20
CA MET E 189 16.40 0.59 3.04
C MET E 189 17.46 0.78 1.96
N LEU E 190 18.12 -0.30 1.53
CA LEU E 190 19.18 -0.22 0.53
C LEU E 190 18.88 -1.09 -0.67
N GLY E 191 19.44 -0.74 -1.84
CA GLY E 191 19.28 -1.53 -3.04
C GLY E 191 17.84 -1.59 -3.48
N VAL E 192 17.36 -2.77 -3.86
CA VAL E 192 15.97 -2.95 -4.30
C VAL E 192 14.93 -2.62 -3.18
N PHE E 193 15.31 -2.68 -1.90
CA PHE E 193 14.42 -2.29 -0.80
C PHE E 193 14.17 -0.76 -0.83
N ARG E 194 15.12 0.00 -1.35
CA ARG E 194 14.96 1.44 -1.54
C ARG E 194 14.20 1.70 -2.87
N GLU E 195 14.66 1.10 -3.97
CA GLU E 195 14.16 1.39 -5.32
C GLU E 195 12.81 0.83 -5.71
N ASP E 196 12.48 -0.38 -5.25
CA ASP E 196 11.24 -1.02 -5.71
C ASP E 196 10.12 -0.85 -4.66
N PRO E 197 9.01 -0.19 -5.03
CA PRO E 197 7.91 -0.01 -4.07
C PRO E 197 7.32 -1.35 -3.63
N LYS E 198 7.28 -2.35 -4.53
CA LYS E 198 6.72 -3.66 -4.21
C LYS E 198 7.57 -4.36 -3.17
N THR E 199 8.90 -4.30 -3.34
CA THR E 199 9.84 -4.91 -2.40
C THR E 199 9.75 -4.27 -1.02
N ARG E 200 9.73 -2.93 -0.96
CA ARG E 200 9.69 -2.24 0.33
C ARG E 200 8.37 -2.52 1.07
N GLU E 201 7.26 -2.51 0.34
CA GLU E 201 5.93 -2.76 0.89
C GLU E 201 5.87 -4.19 1.43
N GLU E 202 6.42 -5.16 0.68
CA GLU E 202 6.44 -6.56 1.08
C GLU E 202 7.20 -6.72 2.41
N PHE E 203 8.39 -6.12 2.53
CA PHE E 203 9.18 -6.22 3.73
C PHE E 203 8.44 -5.61 4.93
N LEU E 204 7.90 -4.40 4.74
CA LEU E 204 7.21 -3.71 5.84
C LEU E 204 5.93 -4.45 6.27
N THR E 205 5.25 -5.14 5.33
CA THR E 205 4.06 -5.91 5.69
C THR E 205 4.45 -7.18 6.47
N LEU E 206 5.45 -7.89 5.97
CA LEU E 206 5.91 -9.13 6.55
C LEU E 206 6.56 -8.99 7.90
N ILE E 207 7.10 -7.80 8.26
CA ILE E 207 7.70 -7.64 9.58
C ILE E 207 6.66 -7.36 10.68
N ARG E 208 5.39 -7.15 10.33
CA ARG E 208 4.36 -6.91 11.33
C ARG E 208 4.09 -8.27 12.03
N GLY F 1 8.69 -1.72 -45.45
CA GLY F 1 10.12 -1.50 -45.37
C GLY F 1 10.86 -2.81 -45.14
N SER F 2 11.66 -2.86 -44.09
CA SER F 2 12.43 -4.06 -43.78
C SER F 2 11.58 -5.18 -43.21
N HIS F 3 12.14 -6.39 -43.28
CA HIS F 3 11.64 -7.61 -42.70
C HIS F 3 11.88 -7.42 -41.18
N MET F 4 10.85 -7.61 -40.36
CA MET F 4 11.00 -7.43 -38.90
C MET F 4 11.46 -6.01 -38.53
N PRO F 5 10.66 -4.97 -38.81
CA PRO F 5 11.15 -3.60 -38.56
C PRO F 5 11.17 -3.15 -37.12
N TYR F 6 10.28 -3.68 -36.25
CA TYR F 6 10.24 -3.21 -34.85
C TYR F 6 10.94 -4.11 -33.86
N LEU F 7 11.44 -3.50 -32.81
CA LEU F 7 12.17 -4.19 -31.77
C LEU F 7 11.82 -3.58 -30.45
N LEU F 8 11.60 -4.42 -29.46
CA LEU F 8 11.33 -3.96 -28.11
C LEU F 8 12.42 -4.51 -27.20
N ILE F 9 13.06 -3.64 -26.45
CA ILE F 9 14.03 -4.06 -25.43
C ILE F 9 13.64 -3.44 -24.08
N SER F 10 14.10 -4.03 -22.98
CA SER F 10 13.77 -3.48 -21.67
C SER F 10 14.81 -3.79 -20.61
N THR F 11 14.77 -3.02 -19.53
CA THR F 11 15.56 -3.29 -18.33
C THR F 11 14.74 -2.84 -17.12
N GLN F 12 15.00 -3.43 -15.97
CA GLN F 12 14.38 -2.95 -14.73
C GLN F 12 15.34 -1.88 -14.26
N ILE F 13 14.82 -0.87 -13.53
CA ILE F 13 15.71 0.09 -12.92
C ILE F 13 16.49 -0.66 -11.80
N ARG F 14 17.81 -0.41 -11.64
CA ARG F 14 18.57 0.68 -12.23
C ARG F 14 18.94 0.50 -13.70
N MET F 15 18.86 1.58 -14.50
CA MET F 15 19.19 1.54 -15.93
C MET F 15 20.67 1.31 -16.23
N GLU F 16 21.55 1.58 -15.26
CA GLU F 16 22.99 1.45 -15.44
C GLU F 16 23.47 0.01 -15.46
N VAL F 17 22.59 -0.95 -15.15
CA VAL F 17 22.97 -2.32 -15.03
C VAL F 17 21.95 -3.22 -15.72
N GLY F 18 22.44 -4.34 -16.23
CA GLY F 18 21.60 -5.34 -16.86
C GLY F 18 20.93 -6.25 -15.83
N PRO F 19 20.21 -7.30 -16.25
CA PRO F 19 20.03 -7.77 -17.64
C PRO F 19 19.14 -6.86 -18.47
N THR F 20 19.25 -6.99 -19.78
CA THR F 20 18.40 -6.29 -20.72
C THR F 20 17.65 -7.40 -21.48
N MET F 21 16.32 -7.32 -21.50
CA MET F 21 15.50 -8.25 -22.24
C MET F 21 15.52 -7.79 -23.69
N VAL F 22 15.91 -8.67 -24.61
CA VAL F 22 16.05 -8.28 -26.02
C VAL F 22 15.18 -9.06 -26.99
N GLY F 23 14.30 -9.94 -26.50
CA GLY F 23 13.47 -10.71 -27.43
C GLY F 23 12.49 -11.69 -26.85
N ASP F 24 11.55 -12.10 -27.67
CA ASP F 24 10.52 -13.08 -27.36
C ASP F 24 10.81 -14.39 -28.16
N GLU F 25 10.00 -15.44 -28.01
CA GLU F 25 10.21 -16.72 -28.73
C GLU F 25 10.34 -16.57 -30.24
N GLN F 26 9.63 -15.61 -30.82
CA GLN F 26 9.64 -15.44 -32.27
C GLN F 26 10.65 -14.39 -32.77
N SER F 27 11.62 -14.03 -31.93
CA SER F 27 12.66 -13.08 -32.31
C SER F 27 13.64 -13.68 -33.32
N ASP F 28 14.25 -12.83 -34.14
CA ASP F 28 15.25 -13.20 -35.14
C ASP F 28 16.45 -13.84 -34.42
N PRO F 29 16.71 -15.14 -34.65
CA PRO F 29 17.79 -15.82 -33.93
C PRO F 29 19.19 -15.30 -34.23
N GLU F 30 19.40 -14.78 -35.44
CA GLU F 30 20.69 -14.24 -35.83
C GLU F 30 20.98 -12.94 -35.08
N LEU F 31 19.99 -12.06 -34.94
CA LEU F 31 20.14 -10.83 -34.17
C LEU F 31 20.39 -11.16 -32.68
N MET F 32 19.68 -12.17 -32.14
CA MET F 32 19.87 -12.59 -30.76
C MET F 32 21.29 -13.12 -30.54
N GLN F 33 21.80 -13.91 -31.50
CA GLN F 33 23.16 -14.43 -31.46
C GLN F 33 24.19 -13.29 -31.54
N HIS F 34 23.93 -12.30 -32.39
CA HIS F 34 24.79 -11.13 -32.54
C HIS F 34 24.90 -10.33 -31.23
N LEU F 35 23.79 -10.18 -30.52
CA LEU F 35 23.79 -9.48 -29.23
C LEU F 35 24.40 -10.32 -28.08
N GLY F 36 24.73 -11.58 -28.34
CA GLY F 36 25.24 -12.49 -27.32
C GLY F 36 24.15 -12.92 -26.36
N ALA F 37 22.88 -12.92 -26.81
CA ALA F 37 21.73 -13.26 -25.97
C ALA F 37 21.52 -14.75 -25.72
N SER F 38 20.89 -15.08 -24.60
CA SER F 38 20.55 -16.44 -24.21
C SER F 38 19.03 -16.55 -24.09
N LYS F 39 18.48 -17.71 -24.40
CA LYS F 39 17.04 -17.94 -24.32
C LYS F 39 16.73 -18.67 -23.02
N ARG F 40 15.70 -18.22 -22.29
CA ARG F 40 15.31 -18.88 -21.05
C ARG F 40 13.82 -18.66 -20.77
N ARG F 41 13.25 -19.54 -19.98
CA ARG F 41 11.88 -19.37 -19.51
C ARG F 41 12.05 -19.17 -18.02
N ALA F 42 12.01 -17.92 -17.56
CA ALA F 42 12.19 -17.62 -16.14
C ALA F 42 11.09 -18.29 -15.31
N LEU F 43 11.44 -18.76 -14.09
CA LEU F 43 10.48 -19.43 -13.23
C LEU F 43 9.30 -18.51 -12.91
N GLY F 44 8.09 -18.98 -13.13
CA GLY F 44 6.89 -18.19 -12.95
C GLY F 44 6.33 -17.66 -14.26
N ASN F 45 7.11 -17.73 -15.34
CA ASN F 45 6.66 -17.27 -16.66
C ASN F 45 6.28 -18.42 -17.52
N ASN F 46 5.26 -18.22 -18.35
CA ASN F 46 4.79 -19.22 -19.30
C ASN F 46 5.19 -18.83 -20.73
N PHE F 47 6.40 -18.26 -20.88
CA PHE F 47 6.95 -17.83 -22.16
C PHE F 47 8.47 -17.77 -22.07
N TYR F 48 9.12 -17.89 -23.21
CA TYR F 48 10.57 -17.77 -23.33
C TYR F 48 10.93 -16.32 -23.67
N GLU F 49 12.11 -15.93 -23.22
CA GLU F 49 12.64 -14.61 -23.48
C GLU F 49 14.13 -14.73 -23.84
N TYR F 50 14.63 -13.72 -24.54
CA TYR F 50 16.04 -13.58 -24.81
C TYR F 50 16.52 -12.44 -23.95
N TYR F 51 17.69 -12.59 -23.35
CA TYR F 51 18.27 -11.57 -22.49
C TYR F 51 19.78 -11.52 -22.67
N VAL F 52 20.39 -10.40 -22.26
CA VAL F 52 21.83 -10.19 -22.22
C VAL F 52 22.20 -9.61 -20.84
N ASP F 53 23.43 -9.78 -20.40
CA ASP F 53 23.88 -9.23 -19.12
C ASP F 53 24.15 -7.73 -19.20
N ASP F 54 24.36 -7.20 -20.40
CA ASP F 54 24.70 -5.81 -20.64
C ASP F 54 23.62 -4.84 -20.22
N PRO F 55 24.03 -3.63 -19.75
CA PRO F 55 23.05 -2.59 -19.51
C PRO F 55 22.49 -2.08 -20.86
N PRO F 56 21.30 -1.46 -20.84
CA PRO F 56 20.67 -1.05 -22.10
C PRO F 56 21.46 -0.12 -22.99
N ARG F 57 22.29 0.79 -22.45
CA ARG F 57 23.07 1.69 -23.28
C ARG F 57 23.98 0.93 -24.26
N ILE F 58 24.56 -0.18 -23.81
CA ILE F 58 25.44 -1.00 -24.66
C ILE F 58 24.66 -1.74 -25.75
N VAL F 59 23.48 -2.24 -25.41
CA VAL F 59 22.60 -2.89 -26.37
C VAL F 59 22.14 -1.87 -27.42
N LEU F 60 21.78 -0.65 -26.99
CA LEU F 60 21.33 0.39 -27.91
C LEU F 60 22.40 0.73 -28.95
N ASP F 61 23.68 0.83 -28.54
CA ASP F 61 24.78 1.09 -29.47
C ASP F 61 24.96 -0.04 -30.49
N LYS F 62 24.77 -1.30 -30.05
CA LYS F 62 24.87 -2.48 -30.91
C LYS F 62 23.74 -2.47 -31.92
N LEU F 63 22.52 -2.14 -31.48
CA LEU F 63 21.37 -2.09 -32.37
C LEU F 63 21.49 -0.96 -33.40
N GLU F 64 22.18 0.14 -33.05
CA GLU F 64 22.41 1.23 -33.99
C GLU F 64 23.27 0.73 -35.16
N ARG F 65 24.27 -0.11 -34.86
CA ARG F 65 25.15 -0.69 -35.87
C ARG F 65 24.42 -1.72 -36.75
N ARG F 66 23.26 -2.22 -36.31
CA ARG F 66 22.40 -3.11 -37.07
C ARG F 66 21.28 -2.36 -37.84
N GLY F 67 21.32 -1.03 -37.82
CA GLY F 67 20.35 -0.22 -38.55
C GLY F 67 19.10 0.18 -37.78
N PHE F 68 19.08 -0.08 -36.46
CA PHE F 68 17.93 0.30 -35.65
C PHE F 68 18.08 1.70 -35.07
N ARG F 69 16.97 2.40 -34.88
CA ARG F 69 16.95 3.70 -34.23
C ARG F 69 15.87 3.71 -33.15
N VAL F 70 16.13 4.37 -32.03
CA VAL F 70 15.15 4.46 -30.95
C VAL F 70 14.05 5.42 -31.41
N LEU F 71 12.81 4.94 -31.40
CA LEU F 71 11.65 5.77 -31.71
C LEU F 71 11.06 6.30 -30.42
N SER F 72 11.04 5.46 -29.36
CA SER F 72 10.43 5.85 -28.12
C SER F 72 11.04 5.08 -26.95
N MET F 73 11.01 5.70 -25.79
CA MET F 73 11.45 5.10 -24.54
C MET F 73 10.38 5.41 -23.50
N THR F 74 9.97 4.42 -22.70
CA THR F 74 8.98 4.66 -21.67
C THR F 74 9.22 3.84 -20.40
N GLY F 75 8.65 4.31 -19.29
CA GLY F 75 8.66 3.57 -18.06
C GLY F 75 7.30 2.91 -17.88
N VAL F 76 7.30 1.72 -17.30
CA VAL F 76 6.07 1.02 -16.96
C VAL F 76 6.43 0.20 -15.74
N GLY F 77 5.83 0.51 -14.60
CA GLY F 77 6.20 -0.12 -13.33
C GLY F 77 7.65 0.20 -12.98
N GLN F 78 8.48 -0.82 -12.83
CA GLN F 78 9.93 -0.61 -12.59
C GLN F 78 10.75 -0.86 -13.89
N THR F 79 10.07 -1.00 -15.05
CA THR F 79 10.68 -1.35 -16.32
C THR F 79 10.87 -0.14 -17.23
N LEU F 80 12.03 -0.04 -17.83
CA LEU F 80 12.32 0.96 -18.85
C LEU F 80 12.23 0.17 -20.16
N VAL F 81 11.40 0.62 -21.11
CA VAL F 81 11.23 -0.04 -22.39
C VAL F 81 11.65 0.87 -23.52
N TRP F 82 12.38 0.36 -24.51
CA TRP F 82 12.74 1.09 -25.71
C TRP F 82 12.10 0.40 -26.90
N CYS F 83 11.52 1.21 -27.80
CA CYS F 83 10.90 0.77 -29.02
C CYS F 83 11.82 1.25 -30.13
N LEU F 84 12.43 0.31 -30.88
CA LEU F 84 13.33 0.63 -31.98
C LEU F 84 12.77 0.22 -33.30
N HIS F 85 13.28 0.86 -34.38
CA HIS F 85 12.80 0.58 -35.71
C HIS F 85 13.95 0.57 -36.73
N LYS F 86 13.88 -0.34 -37.74
CA LYS F 86 14.83 -0.34 -38.83
C LYS F 86 14.13 -0.16 -40.14
N GLU F 87 14.70 0.70 -41.00
CA GLU F 87 14.17 0.92 -42.33
C GLU F 87 14.58 -0.26 -43.22
N MET G 4 -9.43 7.49 -40.98
CA MET G 4 -9.05 6.89 -39.69
C MET G 4 -7.50 6.84 -39.51
N PRO G 5 -6.86 7.99 -39.34
CA PRO G 5 -5.39 8.00 -39.27
C PRO G 5 -4.78 7.46 -37.98
N TYR G 6 -5.45 7.59 -36.82
CA TYR G 6 -4.83 7.19 -35.56
C TYR G 6 -5.23 5.81 -35.07
N LEU G 7 -4.32 5.16 -34.39
CA LEU G 7 -4.51 3.82 -33.88
C LEU G 7 -3.89 3.71 -32.52
N LEU G 8 -4.58 3.08 -31.59
CA LEU G 8 -4.05 2.85 -30.25
C LEU G 8 -4.02 1.35 -30.01
N ILE G 9 -2.87 0.82 -29.60
CA ILE G 9 -2.75 -0.60 -29.24
C ILE G 9 -2.11 -0.69 -27.86
N SER G 10 -2.32 -1.81 -27.15
CA SER G 10 -1.75 -1.96 -25.82
C SER G 10 -1.52 -3.41 -25.44
N THR G 11 -0.66 -3.60 -24.44
CA THR G 11 -0.45 -4.90 -23.82
C THR G 11 -0.12 -4.66 -22.35
N GLN G 12 -0.44 -5.64 -21.48
CA GLN G 12 -0.02 -5.54 -20.09
C GLN G 12 1.42 -6.05 -20.04
N ILE G 13 2.19 -5.66 -19.02
CA ILE G 13 3.50 -6.29 -18.71
C ILE G 13 3.17 -7.81 -18.47
N ARG G 14 3.91 -8.77 -19.05
CA ARG G 14 5.15 -8.64 -19.80
C ARG G 14 4.93 -8.33 -21.27
N MET G 15 5.80 -7.48 -21.86
CA MET G 15 5.68 -7.08 -23.26
C MET G 15 5.96 -8.22 -24.26
N GLU G 16 6.65 -9.28 -23.81
CA GLU G 16 7.02 -10.39 -24.69
C GLU G 16 5.86 -11.29 -25.06
N VAL G 17 4.71 -11.12 -24.41
CA VAL G 17 3.59 -11.98 -24.57
C VAL G 17 2.29 -11.18 -24.70
N GLY G 18 1.38 -11.73 -25.48
CA GLY G 18 0.07 -11.14 -25.65
C GLY G 18 -0.86 -11.45 -24.47
N PRO G 19 -2.15 -11.11 -24.53
CA PRO G 19 -2.84 -10.48 -25.66
C PRO G 19 -2.45 -9.03 -25.88
N THR G 20 -2.70 -8.55 -27.09
CA THR G 20 -2.49 -7.15 -27.43
C THR G 20 -3.89 -6.62 -27.78
N MET G 21 -4.34 -5.56 -27.12
CA MET G 21 -5.60 -4.91 -27.43
C MET G 21 -5.37 -4.06 -28.69
N VAL G 22 -6.21 -4.23 -29.70
CA VAL G 22 -6.03 -3.53 -30.97
C VAL G 22 -7.22 -2.69 -31.40
N GLY G 23 -8.28 -2.60 -30.59
CA GLY G 23 -9.44 -1.80 -30.99
C GLY G 23 -10.61 -1.69 -30.03
N ASP G 24 -11.48 -0.73 -30.30
CA ASP G 24 -12.70 -0.46 -29.57
C ASP G 24 -13.93 -0.80 -30.48
N GLU G 25 -15.18 -0.65 -29.99
CA GLU G 25 -16.38 -0.98 -30.80
C GLU G 25 -16.43 -0.30 -32.15
N GLN G 26 -15.91 0.93 -32.24
CA GLN G 26 -15.96 1.68 -33.49
C GLN G 26 -14.71 1.53 -34.37
N SER G 27 -13.90 0.49 -34.11
CA SER G 27 -12.69 0.25 -34.90
C SER G 27 -13.03 -0.25 -36.30
N ASP G 28 -12.13 -0.03 -37.25
CA ASP G 28 -12.26 -0.44 -38.64
C ASP G 28 -12.31 -1.98 -38.68
N PRO G 29 -13.45 -2.56 -39.09
CA PRO G 29 -13.58 -4.04 -39.06
C PRO G 29 -12.65 -4.80 -40.00
N GLU G 30 -12.27 -4.17 -41.11
CA GLU G 30 -11.37 -4.79 -42.07
C GLU G 30 -9.94 -4.87 -41.49
N LEU G 31 -9.50 -3.80 -40.82
CA LEU G 31 -8.18 -3.82 -40.16
C LEU G 31 -8.16 -4.86 -39.02
N MET G 32 -9.25 -4.96 -38.26
CA MET G 32 -9.36 -5.94 -37.19
C MET G 32 -9.31 -7.35 -37.73
N GLN G 33 -9.98 -7.60 -38.86
CA GLN G 33 -9.96 -8.90 -39.53
C GLN G 33 -8.56 -9.21 -40.08
N HIS G 34 -7.87 -8.20 -40.64
CA HIS G 34 -6.52 -8.34 -41.14
C HIS G 34 -5.55 -8.75 -40.02
N LEU G 35 -5.70 -8.17 -38.83
CA LEU G 35 -4.83 -8.52 -37.70
C LEU G 35 -5.19 -9.89 -37.06
N GLY G 36 -6.28 -10.52 -37.50
CA GLY G 36 -6.77 -11.75 -36.92
C GLY G 36 -7.41 -11.52 -35.57
N ALA G 37 -7.94 -10.32 -35.33
CA ALA G 37 -8.53 -9.96 -34.04
C ALA G 37 -9.93 -10.52 -33.79
N SER G 38 -10.26 -10.70 -32.50
CA SER G 38 -11.57 -11.14 -32.07
C SER G 38 -12.22 -10.06 -31.20
N LYS G 39 -13.54 -9.97 -31.25
CA LYS G 39 -14.26 -8.95 -30.48
C LYS G 39 -14.85 -9.62 -29.24
N ARG G 40 -14.71 -8.98 -28.09
CA ARG G 40 -15.27 -9.53 -26.85
C ARG G 40 -15.57 -8.41 -25.86
N ARG G 41 -16.47 -8.69 -24.92
CA ARG G 41 -16.75 -7.78 -23.84
C ARG G 41 -16.30 -8.54 -22.61
N ALA G 42 -15.10 -8.25 -22.11
CA ALA G 42 -14.56 -8.96 -20.96
C ALA G 42 -15.43 -8.72 -19.73
N LEU G 43 -15.55 -9.73 -18.85
CA LEU G 43 -16.37 -9.62 -17.66
C LEU G 43 -15.86 -8.48 -16.76
N GLY G 44 -16.77 -7.61 -16.34
CA GLY G 44 -16.41 -6.42 -15.58
C GLY G 44 -16.36 -5.16 -16.43
N ASN G 45 -16.31 -5.31 -17.77
CA ASN G 45 -16.27 -4.17 -18.69
C ASN G 45 -17.64 -3.92 -19.30
N ASN G 46 -17.95 -2.64 -19.51
CA ASN G 46 -19.20 -2.21 -20.16
C ASN G 46 -18.91 -1.70 -21.57
N PHE G 47 -17.99 -2.37 -22.27
CA PHE G 47 -17.58 -2.02 -23.63
C PHE G 47 -16.95 -3.24 -24.28
N TYR G 48 -17.00 -3.27 -25.60
CA TYR G 48 -16.38 -4.30 -26.42
C TYR G 48 -14.97 -3.85 -26.81
N GLU G 49 -14.10 -4.82 -27.02
CA GLU G 49 -12.71 -4.58 -27.40
C GLU G 49 -12.32 -5.62 -28.45
N TYR G 50 -11.31 -5.29 -29.23
CA TYR G 50 -10.70 -6.20 -30.18
C TYR G 50 -9.33 -6.53 -29.64
N TYR G 51 -8.96 -7.79 -29.71
CA TYR G 51 -7.67 -8.25 -29.21
C TYR G 51 -7.10 -9.34 -30.12
N VAL G 52 -5.79 -9.58 -30.01
CA VAL G 52 -5.09 -10.67 -30.68
C VAL G 52 -4.22 -11.38 -29.63
N ASP G 53 -3.86 -12.63 -29.89
CA ASP G 53 -2.99 -13.39 -28.97
C ASP G 53 -1.53 -12.97 -29.08
N ASP G 54 -1.15 -12.34 -30.20
CA ASP G 54 0.22 -11.95 -30.48
C ASP G 54 0.78 -10.94 -29.53
N PRO G 55 2.10 -11.03 -29.27
CA PRO G 55 2.74 -9.98 -28.49
C PRO G 55 2.82 -8.69 -29.34
N PRO G 56 2.98 -7.52 -28.70
CA PRO G 56 2.93 -6.26 -29.46
C PRO G 56 3.97 -6.09 -30.57
N ARG G 57 5.18 -6.69 -30.46
CA ARG G 57 6.19 -6.57 -31.51
C ARG G 57 5.65 -7.09 -32.85
N ILE G 58 4.88 -8.19 -32.82
CA ILE G 58 4.31 -8.77 -34.02
C ILE G 58 3.19 -7.92 -34.62
N VAL G 59 2.36 -7.32 -33.75
CA VAL G 59 1.29 -6.43 -34.20
C VAL G 59 1.92 -5.16 -34.81
N LEU G 60 2.99 -4.63 -34.21
CA LEU G 60 3.66 -3.45 -34.71
C LEU G 60 4.21 -3.68 -36.14
N ASP G 61 4.82 -4.84 -36.40
CA ASP G 61 5.31 -5.18 -37.74
C ASP G 61 4.18 -5.29 -38.75
N LYS G 62 3.01 -5.82 -38.34
CA LYS G 62 1.83 -5.95 -39.21
C LYS G 62 1.29 -4.59 -39.54
N LEU G 63 1.21 -3.70 -38.54
CA LEU G 63 0.74 -2.33 -38.75
C LEU G 63 1.67 -1.52 -39.64
N GLU G 64 2.98 -1.80 -39.60
CA GLU G 64 3.94 -1.14 -40.47
C GLU G 64 3.65 -1.48 -41.93
N ARG G 65 3.28 -2.75 -42.20
CA ARG G 65 2.93 -3.20 -43.55
C ARG G 65 1.56 -2.63 -44.01
N ARG G 66 0.75 -2.10 -43.09
CA ARG G 66 -0.51 -1.42 -43.41
C ARG G 66 -0.32 0.12 -43.50
N GLY G 67 0.91 0.61 -43.43
CA GLY G 67 1.21 2.03 -43.55
C GLY G 67 1.23 2.82 -42.27
N PHE G 68 1.20 2.14 -41.11
CA PHE G 68 1.23 2.84 -39.83
C PHE G 68 2.65 2.99 -39.30
N ARG G 69 2.85 4.04 -38.54
CA ARG G 69 4.11 4.34 -37.94
C ARG G 69 3.87 4.70 -36.44
N VAL G 70 4.73 4.20 -35.54
CA VAL G 70 4.63 4.52 -34.13
C VAL G 70 5.01 5.97 -33.93
N LEU G 71 4.13 6.76 -33.33
CA LEU G 71 4.43 8.15 -32.99
C LEU G 71 4.88 8.21 -31.53
N SER G 72 4.26 7.41 -30.65
CA SER G 72 4.57 7.42 -29.25
C SER G 72 4.32 6.08 -28.60
N MET G 73 5.04 5.79 -27.55
CA MET G 73 4.86 4.63 -26.71
C MET G 73 4.89 5.10 -25.26
N THR G 74 3.96 4.62 -24.42
CA THR G 74 3.95 5.03 -23.02
C THR G 74 3.49 3.92 -22.08
N GLY G 75 3.82 4.06 -20.81
CA GLY G 75 3.34 3.13 -19.80
C GLY G 75 2.30 3.84 -18.97
N VAL G 76 1.23 3.13 -18.59
CA VAL G 76 0.20 3.67 -17.72
C VAL G 76 -0.26 2.48 -16.85
N GLY G 77 0.08 2.52 -15.55
CA GLY G 77 -0.15 1.41 -14.64
C GLY G 77 0.70 0.22 -15.07
N GLN G 78 0.08 -0.91 -15.38
CA GLN G 78 0.79 -2.08 -15.90
C GLN G 78 0.69 -2.19 -17.45
N THR G 79 0.11 -1.18 -18.13
CA THR G 79 -0.16 -1.23 -19.55
C THR G 79 0.89 -0.46 -20.35
N LEU G 80 1.36 -1.04 -21.44
CA LEU G 80 2.23 -0.39 -22.42
C LEU G 80 1.27 -0.02 -23.55
N VAL G 81 1.25 1.25 -23.95
CA VAL G 81 0.37 1.73 -25.02
C VAL G 81 1.20 2.28 -26.14
N TRP G 82 0.82 2.01 -27.40
CA TRP G 82 1.46 2.59 -28.59
C TRP G 82 0.41 3.39 -29.33
N CYS G 83 0.78 4.60 -29.76
CA CYS G 83 -0.04 5.48 -30.55
C CYS G 83 0.57 5.47 -31.94
N LEU G 84 -0.19 4.99 -32.94
CA LEU G 84 0.29 4.91 -34.32
C LEU G 84 -0.49 5.85 -35.23
N HIS G 85 0.16 6.26 -36.31
CA HIS G 85 -0.46 7.14 -37.27
C HIS G 85 -0.23 6.64 -38.68
N LYS G 86 -1.26 6.76 -39.51
CA LYS G 86 -1.21 6.32 -40.89
C LYS G 86 -0.47 7.34 -41.68
N GLU G 87 0.87 7.16 -41.72
CA GLU G 87 1.82 8.00 -42.45
C GLU G 87 2.92 7.13 -43.11
N MET H 4 -3.16 29.69 -30.63
CA MET H 4 -3.43 28.53 -29.77
C MET H 4 -2.88 27.22 -30.39
N PRO H 5 -1.54 27.07 -30.48
CA PRO H 5 -0.98 25.90 -31.16
C PRO H 5 -1.01 24.60 -30.38
N TYR H 6 -0.99 24.63 -29.03
CA TYR H 6 -0.97 23.38 -28.26
C TYR H 6 -2.32 22.94 -27.71
N LEU H 7 -2.49 21.66 -27.61
CA LEU H 7 -3.72 21.07 -27.14
C LEU H 7 -3.40 19.87 -26.27
N LEU H 8 -4.11 19.75 -25.15
CA LEU H 8 -3.92 18.61 -24.27
C LEU H 8 -5.25 17.88 -24.17
N ILE H 9 -5.25 16.59 -24.38
CA ILE H 9 -6.44 15.75 -24.19
C ILE H 9 -6.08 14.56 -23.30
N SER H 10 -7.08 13.95 -22.65
CA SER H 10 -6.80 12.83 -21.77
C SER H 10 -7.96 11.87 -21.61
N THR H 11 -7.66 10.66 -21.15
CA THR H 11 -8.67 9.70 -20.76
C THR H 11 -8.09 8.84 -19.62
N GLN H 12 -8.94 8.28 -18.78
CA GLN H 12 -8.49 7.34 -17.77
C GLN H 12 -8.43 5.98 -18.44
N ILE H 13 -7.63 5.04 -17.91
CA ILE H 13 -7.68 3.63 -18.32
C ILE H 13 -9.15 3.18 -18.02
N ARG H 14 -9.85 2.46 -18.93
CA ARG H 14 -9.38 1.90 -20.18
C ARG H 14 -9.40 2.90 -21.34
N MET H 15 -8.39 2.82 -22.24
CA MET H 15 -8.30 3.74 -23.39
C MET H 15 -9.39 3.53 -24.44
N GLU H 16 -10.03 2.34 -24.42
CA GLU H 16 -11.05 1.99 -25.42
C GLU H 16 -12.37 2.72 -25.22
N VAL H 17 -12.50 3.42 -24.09
CA VAL H 17 -13.76 4.01 -23.71
C VAL H 17 -13.55 5.41 -23.17
N GLY H 18 -14.53 6.25 -23.40
CA GLY H 18 -14.50 7.62 -22.88
C GLY H 18 -14.95 7.67 -21.43
N PRO H 19 -15.14 8.86 -20.83
CA PRO H 19 -14.98 10.19 -21.45
C PRO H 19 -13.53 10.54 -21.77
N THR H 20 -13.37 11.50 -22.69
CA THR H 20 -12.07 12.05 -23.03
C THR H 20 -12.17 13.52 -22.64
N MET H 21 -11.24 14.02 -21.83
CA MET H 21 -11.15 15.44 -21.46
C MET H 21 -10.50 16.16 -22.63
N VAL H 22 -11.15 17.19 -23.15
CA VAL H 22 -10.64 17.91 -24.33
C VAL H 22 -10.37 19.39 -24.13
N GLY H 23 -10.55 19.91 -22.92
CA GLY H 23 -10.30 21.34 -22.70
C GLY H 23 -10.48 21.87 -21.30
N ASP H 24 -9.97 23.07 -21.10
CA ASP H 24 -10.03 23.82 -19.86
C ASP H 24 -10.96 25.06 -20.08
N GLU H 25 -11.17 25.92 -19.06
CA GLU H 25 -12.04 27.10 -19.17
C GLU H 25 -11.65 28.04 -20.30
N GLN H 26 -10.36 28.13 -20.60
CA GLN H 26 -9.88 29.03 -21.66
C GLN H 26 -9.72 28.36 -23.03
N SER H 27 -10.35 27.20 -23.24
CA SER H 27 -10.28 26.52 -24.52
C SER H 27 -11.10 27.22 -25.59
N ASP H 28 -10.73 27.05 -26.86
CA ASP H 28 -11.40 27.61 -28.03
C ASP H 28 -12.81 27.02 -28.08
N PRO H 29 -13.85 27.85 -27.91
CA PRO H 29 -15.23 27.32 -27.87
C PRO H 29 -15.72 26.71 -29.17
N GLU H 30 -15.18 27.17 -30.30
CA GLU H 30 -15.57 26.64 -31.60
C GLU H 30 -15.02 25.21 -31.78
N LEU H 31 -13.78 24.98 -31.37
CA LEU H 31 -13.19 23.64 -31.44
C LEU H 31 -13.95 22.69 -30.48
N MET H 32 -14.33 23.18 -29.27
CA MET H 32 -15.09 22.39 -28.31
C MET H 32 -16.45 22.02 -28.88
N GLN H 33 -17.11 22.98 -29.55
CA GLN H 33 -18.41 22.74 -30.19
C GLN H 33 -18.26 21.72 -31.34
N HIS H 34 -17.19 21.83 -32.14
CA HIS H 34 -16.91 20.91 -33.23
C HIS H 34 -16.75 19.46 -32.71
N LEU H 35 -16.05 19.30 -31.57
CA LEU H 35 -15.88 17.97 -30.96
C LEU H 35 -17.14 17.43 -30.26
N GLY H 36 -18.20 18.24 -30.18
CA GLY H 36 -19.42 17.86 -29.49
C GLY H 36 -19.24 17.88 -27.99
N ALA H 37 -18.28 18.67 -27.47
CA ALA H 37 -17.96 18.71 -26.04
C ALA H 37 -18.93 19.50 -25.19
N SER H 38 -19.01 19.13 -23.91
CA SER H 38 -19.83 19.79 -22.89
C SER H 38 -18.91 20.33 -21.79
N LYS H 39 -19.28 21.45 -21.18
CA LYS H 39 -18.48 22.06 -20.12
C LYS H 39 -19.09 21.70 -18.78
N ARG H 40 -18.27 21.29 -17.82
CA ARG H 40 -18.73 20.94 -16.48
C ARG H 40 -17.66 21.15 -15.42
N ARG H 41 -18.09 21.33 -14.16
CA ARG H 41 -17.16 21.43 -13.05
C ARG H 41 -17.48 20.19 -12.23
N ALA H 42 -16.67 19.14 -12.36
CA ALA H 42 -16.90 17.90 -11.64
C ALA H 42 -16.79 18.13 -10.13
N LEU H 43 -17.62 17.42 -9.35
CA LEU H 43 -17.65 17.55 -7.89
C LEU H 43 -16.27 17.27 -7.30
N GLY H 44 -15.78 18.19 -6.49
CA GLY H 44 -14.44 18.07 -5.91
C GLY H 44 -13.37 18.87 -6.66
N ASN H 45 -13.72 19.37 -7.86
CA ASN H 45 -12.79 20.20 -8.64
C ASN H 45 -13.19 21.67 -8.51
N ASN H 46 -12.18 22.54 -8.53
CA ASN H 46 -12.37 23.99 -8.48
C ASN H 46 -12.07 24.61 -9.84
N PHE H 47 -12.42 23.90 -10.92
CA PHE H 47 -12.19 24.32 -12.29
C PHE H 47 -13.19 23.64 -13.20
N TYR H 48 -13.43 24.26 -14.36
CA TYR H 48 -14.29 23.71 -15.39
C TYR H 48 -13.44 22.96 -16.41
N GLU H 49 -14.04 21.97 -17.02
CA GLU H 49 -13.40 21.15 -18.03
C GLU H 49 -14.38 20.92 -19.19
N TYR H 50 -13.86 20.62 -20.37
CA TYR H 50 -14.65 20.21 -21.50
C TYR H 50 -14.38 18.73 -21.70
N TYR H 51 -15.41 17.96 -21.97
CA TYR H 51 -15.28 16.53 -22.15
C TYR H 51 -16.23 16.04 -23.24
N VAL H 52 -15.94 14.86 -23.78
CA VAL H 52 -16.79 14.17 -24.75
C VAL H 52 -16.96 12.73 -24.27
N ASP H 53 -18.02 12.06 -24.70
CA ASP H 53 -18.25 10.66 -24.35
C ASP H 53 -17.35 9.70 -25.15
N ASP H 54 -16.81 10.17 -26.29
CA ASP H 54 -16.01 9.38 -27.20
C ASP H 54 -14.69 8.91 -26.60
N PRO H 55 -14.24 7.72 -27.02
CA PRO H 55 -12.90 7.28 -26.62
C PRO H 55 -11.84 8.16 -27.35
N PRO H 56 -10.61 8.22 -26.82
CA PRO H 56 -9.59 9.11 -27.41
C PRO H 56 -9.24 8.88 -28.88
N ARG H 57 -9.32 7.64 -29.40
CA ARG H 57 -9.01 7.39 -30.81
C ARG H 57 -9.91 8.24 -31.74
N ILE H 58 -11.18 8.38 -31.37
CA ILE H 58 -12.15 9.13 -32.17
C ILE H 58 -11.87 10.65 -32.11
N VAL H 59 -11.49 11.14 -30.95
CA VAL H 59 -11.13 12.54 -30.77
C VAL H 59 -9.86 12.84 -31.57
N LEU H 60 -8.87 11.93 -31.53
CA LEU H 60 -7.61 12.12 -32.26
C LEU H 60 -7.86 12.26 -33.77
N ASP H 61 -8.74 11.43 -34.34
CA ASP H 61 -9.06 11.51 -35.76
C ASP H 61 -9.74 12.84 -36.12
N LYS H 62 -10.61 13.35 -35.25
CA LYS H 62 -11.31 14.62 -35.43
C LYS H 62 -10.30 15.76 -35.38
N LEU H 63 -9.37 15.72 -34.42
CA LEU H 63 -8.33 16.76 -34.32
C LEU H 63 -7.39 16.77 -35.51
N GLU H 64 -7.16 15.60 -36.13
CA GLU H 64 -6.32 15.51 -37.32
C GLU H 64 -6.96 16.29 -38.47
N ARG H 65 -8.29 16.20 -38.58
CA ARG H 65 -9.04 16.93 -39.61
C ARG H 65 -9.07 18.44 -39.35
N ARG H 66 -8.77 18.87 -38.11
CA ARG H 66 -8.63 20.28 -37.76
C ARG H 66 -7.15 20.78 -37.82
N GLY H 67 -6.26 19.99 -38.39
CA GLY H 67 -4.87 20.37 -38.53
C GLY H 67 -3.96 20.09 -37.36
N PHE H 68 -4.39 19.30 -36.39
CA PHE H 68 -3.55 18.97 -35.23
C PHE H 68 -2.79 17.69 -35.45
N ARG H 69 -1.62 17.60 -34.82
CA ARG H 69 -0.80 16.40 -34.85
C ARG H 69 -0.30 16.00 -33.43
N VAL H 70 -0.32 14.71 -33.13
CA VAL H 70 0.16 14.21 -31.86
C VAL H 70 1.68 14.38 -31.81
N LEU H 71 2.17 15.10 -30.82
CA LEU H 71 3.59 15.25 -30.58
C LEU H 71 4.03 14.21 -29.56
N SER H 72 3.21 13.98 -28.53
CA SER H 72 3.57 13.09 -27.46
C SER H 72 2.34 12.48 -26.80
N MET H 73 2.52 11.29 -26.25
CA MET H 73 1.50 10.60 -25.48
C MET H 73 2.18 10.06 -24.23
N THR H 74 1.56 10.23 -23.06
CA THR H 74 2.14 9.74 -21.82
C THR H 74 1.11 9.24 -20.81
N GLY H 75 1.55 8.39 -19.90
CA GLY H 75 0.73 7.96 -18.79
C GLY H 75 1.15 8.71 -17.54
N VAL H 76 0.18 9.08 -16.70
CA VAL H 76 0.43 9.72 -15.41
C VAL H 76 -0.70 9.22 -14.49
N GLY H 77 -0.34 8.41 -13.49
CA GLY H 77 -1.32 7.72 -12.64
C GLY H 77 -2.12 6.75 -13.48
N GLN H 78 -3.45 6.93 -13.52
CA GLN H 78 -4.34 6.13 -14.38
C GLN H 78 -4.74 6.89 -15.65
N THR H 79 -4.13 8.06 -15.93
CA THR H 79 -4.49 8.92 -17.03
C THR H 79 -3.54 8.79 -18.20
N LEU H 80 -4.09 8.71 -19.40
CA LEU H 80 -3.35 8.73 -20.64
C LEU H 80 -3.53 10.17 -21.16
N VAL H 81 -2.44 10.86 -21.46
CA VAL H 81 -2.50 12.24 -21.93
C VAL H 81 -1.85 12.32 -23.31
N TRP H 82 -2.46 13.08 -24.24
CA TRP H 82 -1.89 13.37 -25.55
C TRP H 82 -1.64 14.87 -25.65
N CYS H 83 -0.46 15.25 -26.15
CA CYS H 83 -0.06 16.63 -26.39
C CYS H 83 -0.08 16.78 -27.91
N LEU H 84 -0.94 17.65 -28.43
CA LEU H 84 -1.07 17.89 -29.87
C LEU H 84 -0.63 19.30 -30.23
N HIS H 85 -0.11 19.46 -31.46
CA HIS H 85 0.36 20.76 -31.94
C HIS H 85 -0.27 21.02 -33.31
N LYS H 86 -0.78 22.24 -33.51
CA LYS H 86 -1.43 22.61 -34.73
C LYS H 86 -0.41 22.88 -35.78
N GLU H 87 -0.38 21.98 -36.78
CA GLU H 87 0.49 22.00 -37.95
C GLU H 87 -0.31 22.49 -39.19
N GLY I 1 23.41 25.13 -30.57
CA GLY I 1 22.59 26.16 -31.20
C GLY I 1 22.42 27.39 -30.35
N SER I 2 21.24 27.58 -29.76
CA SER I 2 20.98 28.75 -28.94
C SER I 2 21.59 28.65 -27.54
N HIS I 3 21.63 29.80 -26.86
CA HIS I 3 22.06 30.00 -25.49
C HIS I 3 20.91 29.41 -24.66
N MET I 4 21.20 28.51 -23.73
CA MET I 4 20.13 27.89 -22.93
C MET I 4 19.03 27.21 -23.80
N PRO I 5 19.38 26.16 -24.57
CA PRO I 5 18.38 25.56 -25.47
C PRO I 5 17.27 24.75 -24.81
N TYR I 6 17.53 24.10 -23.68
CA TYR I 6 16.51 23.23 -23.06
C TYR I 6 15.70 23.89 -21.95
N LEU I 7 14.47 23.46 -21.83
CA LEU I 7 13.57 23.98 -20.83
C LEU I 7 12.72 22.85 -20.30
N LEU I 8 12.55 22.80 -18.97
CA LEU I 8 11.70 21.80 -18.37
C LEU I 8 10.59 22.52 -17.63
N ILE I 9 9.34 22.14 -17.89
CA ILE I 9 8.19 22.68 -17.15
C ILE I 9 7.36 21.52 -16.63
N SER I 10 6.57 21.77 -15.57
CA SER I 10 5.75 20.70 -15.02
C SER I 10 4.47 21.21 -14.36
N THR I 11 3.52 20.31 -14.19
CA THR I 11 2.32 20.56 -13.40
C THR I 11 1.92 19.25 -12.72
N GLN I 12 1.23 19.33 -11.61
CA GLN I 12 0.67 18.14 -10.97
C GLN I 12 -0.68 17.91 -11.67
N ILE I 13 -1.16 16.66 -11.69
CA ILE I 13 -2.50 16.42 -12.22
C ILE I 13 -3.51 17.09 -11.20
N ARG I 14 -4.55 17.82 -11.63
CA ARG I 14 -5.09 17.89 -12.98
C ARG I 14 -4.34 18.84 -13.90
N MET I 15 -4.16 18.44 -15.17
CA MET I 15 -3.44 19.25 -16.17
C MET I 15 -4.19 20.55 -16.56
N GLU I 16 -5.50 20.60 -16.32
CA GLU I 16 -6.32 21.75 -16.70
C GLU I 16 -6.09 22.97 -15.81
N VAL I 17 -5.35 22.80 -14.71
CA VAL I 17 -5.17 23.85 -13.73
C VAL I 17 -3.71 23.95 -13.28
N GLY I 18 -3.29 25.16 -12.96
CA GLY I 18 -1.95 25.41 -12.44
C GLY I 18 -1.85 25.07 -10.95
N PRO I 19 -0.72 25.37 -10.27
CA PRO I 19 0.48 26.05 -10.80
C PRO I 19 1.28 25.20 -11.80
N THR I 20 2.10 25.87 -12.58
CA THR I 20 3.01 25.23 -13.51
C THR I 20 4.42 25.67 -13.08
N MET I 21 5.30 24.70 -12.80
CA MET I 21 6.67 24.99 -12.43
C MET I 21 7.40 25.30 -13.73
N VAL I 22 8.08 26.44 -13.79
CA VAL I 22 8.76 26.86 -15.03
C VAL I 22 10.26 27.09 -14.89
N GLY I 23 10.84 26.86 -13.72
CA GLY I 23 12.28 27.06 -13.57
C GLY I 23 12.91 26.70 -12.25
N ASP I 24 14.24 26.64 -12.27
CA ASP I 24 15.11 26.37 -11.14
C ASP I 24 15.90 27.67 -10.81
N GLU I 25 16.76 27.67 -9.77
CA GLU I 25 17.53 28.88 -9.39
C GLU I 25 18.35 29.48 -10.50
N GLN I 26 18.85 28.62 -11.43
CA GLN I 26 19.69 29.14 -12.50
C GLN I 26 18.95 29.42 -13.79
N SER I 27 17.61 29.52 -13.74
CA SER I 27 16.81 29.82 -14.92
C SER I 27 17.01 31.25 -15.40
N ASP I 28 16.82 31.49 -16.71
CA ASP I 28 16.92 32.79 -17.34
C ASP I 28 15.90 33.74 -16.72
N PRO I 29 16.37 34.78 -16.01
CA PRO I 29 15.43 35.69 -15.31
C PRO I 29 14.49 36.47 -16.21
N GLU I 30 14.93 36.75 -17.43
CA GLU I 30 14.12 37.49 -18.38
C GLU I 30 12.95 36.63 -18.88
N LEU I 31 13.21 35.35 -19.17
CA LEU I 31 12.15 34.43 -19.58
C LEU I 31 11.16 34.21 -18.43
N MET I 32 11.66 34.11 -17.19
CA MET I 32 10.80 33.94 -16.02
C MET I 32 9.91 35.16 -15.82
N GLN I 33 10.46 36.36 -16.02
CA GLN I 33 9.72 37.61 -15.92
C GLN I 33 8.67 37.69 -17.03
N HIS I 34 9.01 37.26 -18.25
CA HIS I 34 8.11 37.24 -19.39
C HIS I 34 6.91 36.35 -19.13
N LEU I 35 7.13 35.18 -18.50
CA LEU I 35 6.04 34.26 -18.15
C LEU I 35 5.20 34.74 -16.96
N GLY I 36 5.59 35.82 -16.30
CA GLY I 36 4.93 36.30 -15.09
C GLY I 36 5.20 35.41 -13.89
N ALA I 37 6.36 34.72 -13.90
CA ALA I 37 6.70 33.77 -12.83
C ALA I 37 7.22 34.42 -11.56
N SER I 38 7.04 33.75 -10.42
CA SER I 38 7.54 34.19 -9.13
C SER I 38 8.53 33.14 -8.60
N LYS I 39 9.52 33.59 -7.85
CA LYS I 39 10.52 32.69 -7.29
C LYS I 39 10.17 32.42 -5.82
N ARG I 40 10.23 31.15 -5.41
CA ARG I 40 9.95 30.78 -4.02
C ARG I 40 10.68 29.52 -3.64
N ARG I 41 10.89 29.35 -2.33
CA ARG I 41 11.47 28.12 -1.80
C ARG I 41 10.32 27.53 -0.99
N ALA I 42 9.59 26.56 -1.56
CA ALA I 42 8.46 25.96 -0.88
C ALA I 42 8.93 25.26 0.40
N LEU I 43 8.12 25.34 1.47
CA LEU I 43 8.46 24.72 2.75
C LEU I 43 8.69 23.20 2.57
N GLY I 44 9.83 22.71 3.04
CA GLY I 44 10.20 21.32 2.84
C GLY I 44 11.21 21.11 1.72
N ASN I 45 11.42 22.14 0.88
CA ASN I 45 12.39 22.07 -0.21
C ASN I 45 13.64 22.83 0.16
N ASN I 46 14.78 22.34 -0.30
CA ASN I 46 16.07 22.97 -0.11
C ASN I 46 16.56 23.57 -1.43
N PHE I 47 15.64 24.13 -2.23
CA PHE I 47 15.93 24.75 -3.51
C PHE I 47 14.81 25.74 -3.84
N TYR I 48 15.14 26.73 -4.67
CA TYR I 48 14.20 27.71 -5.15
C TYR I 48 13.64 27.23 -6.51
N GLU I 49 12.42 27.65 -6.79
CA GLU I 49 11.73 27.31 -8.01
C GLU I 49 10.99 28.53 -8.52
N TYR I 50 10.72 28.54 -9.83
CA TYR I 50 9.92 29.56 -10.46
C TYR I 50 8.61 28.88 -10.82
N TYR I 51 7.49 29.55 -10.58
CA TYR I 51 6.18 28.98 -10.88
C TYR I 51 5.24 30.08 -11.40
N VAL I 52 4.17 29.68 -12.07
CA VAL I 52 3.11 30.56 -12.54
C VAL I 52 1.77 29.93 -12.11
N ASP I 53 0.73 30.74 -11.99
CA ASP I 53 -0.60 30.22 -11.65
C ASP I 53 -1.28 29.53 -12.84
N ASP I 54 -0.84 29.83 -14.07
CA ASP I 54 -1.43 29.33 -15.29
C ASP I 54 -1.35 27.84 -15.45
N PRO I 55 -2.36 27.24 -16.11
CA PRO I 55 -2.24 25.82 -16.46
C PRO I 55 -1.18 25.66 -17.57
N PRO I 56 -0.62 24.44 -17.73
CA PRO I 56 0.47 24.25 -18.68
C PRO I 56 0.16 24.59 -20.15
N ARG I 57 -1.08 24.42 -20.61
CA ARG I 57 -1.43 24.76 -22.00
C ARG I 57 -1.12 26.22 -22.32
N ILE I 58 -1.37 27.12 -21.36
CA ILE I 58 -1.11 28.55 -21.54
C ILE I 58 0.39 28.88 -21.55
N VAL I 59 1.16 28.21 -20.70
CA VAL I 59 2.60 28.37 -20.65
C VAL I 59 3.21 27.86 -21.95
N LEU I 60 2.72 26.70 -22.46
CA LEU I 60 3.22 26.12 -23.70
C LEU I 60 3.05 27.07 -24.87
N ASP I 61 1.89 27.76 -24.98
CA ASP I 61 1.64 28.71 -26.05
C ASP I 61 2.58 29.91 -25.96
N LYS I 62 2.89 30.37 -24.74
CA LYS I 62 3.80 31.49 -24.51
C LYS I 62 5.22 31.09 -24.92
N LEU I 63 5.64 29.87 -24.56
CA LEU I 63 6.96 29.37 -24.92
C LEU I 63 7.12 29.18 -26.43
N GLU I 64 6.02 28.84 -27.13
CA GLU I 64 6.04 28.71 -28.59
C GLU I 64 6.38 30.05 -29.23
N ARG I 65 5.82 31.14 -28.68
CA ARG I 65 6.08 32.50 -29.16
C ARG I 65 7.52 32.95 -28.83
N ARG I 66 8.20 32.31 -27.90
CA ARG I 66 9.60 32.54 -27.58
C ARG I 66 10.56 31.60 -28.37
N GLY I 67 10.05 30.83 -29.33
CA GLY I 67 10.86 29.93 -30.14
C GLY I 67 11.05 28.53 -29.61
N PHE I 68 10.35 28.16 -28.53
CA PHE I 68 10.48 26.80 -27.98
C PHE I 68 9.49 25.84 -28.61
N ARG I 69 9.88 24.57 -28.75
CA ARG I 69 8.98 23.52 -29.18
C ARG I 69 9.05 22.35 -28.19
N VAL I 70 7.91 21.68 -27.99
CA VAL I 70 7.85 20.52 -27.12
C VAL I 70 8.55 19.38 -27.85
N LEU I 71 9.56 18.79 -27.20
CA LEU I 71 10.23 17.60 -27.75
C LEU I 71 9.59 16.36 -27.12
N SER I 72 9.25 16.43 -25.83
CA SER I 72 8.74 15.28 -25.12
C SER I 72 7.86 15.69 -23.95
N MET I 73 6.91 14.85 -23.63
CA MET I 73 6.04 15.05 -22.48
C MET I 73 5.98 13.70 -21.75
N THR I 74 6.09 13.69 -20.42
CA THR I 74 6.01 12.47 -19.66
C THR I 74 5.33 12.62 -18.30
N GLY I 75 4.86 11.53 -17.75
CA GLY I 75 4.32 11.49 -16.41
C GLY I 75 5.35 10.85 -15.48
N VAL I 76 5.46 11.37 -14.26
CA VAL I 76 6.32 10.80 -13.23
C VAL I 76 5.59 11.06 -11.91
N GLY I 77 5.09 9.99 -11.28
CA GLY I 77 4.24 10.10 -10.10
C GLY I 77 2.94 10.77 -10.47
N GLN I 78 2.62 11.89 -9.83
CA GLN I 78 1.44 12.71 -10.17
C GLN I 78 1.83 13.93 -11.05
N THR I 79 3.08 14.01 -11.49
CA THR I 79 3.61 15.16 -12.25
C THR I 79 3.64 14.91 -13.76
N LEU I 80 3.20 15.89 -14.53
CA LEU I 80 3.29 15.90 -15.98
C LEU I 80 4.47 16.83 -16.25
N VAL I 81 5.46 16.36 -17.03
CA VAL I 81 6.65 17.15 -17.34
C VAL I 81 6.74 17.33 -18.84
N TRP I 82 7.11 18.55 -19.31
CA TRP I 82 7.35 18.82 -20.72
C TRP I 82 8.81 19.24 -20.86
N CYS I 83 9.48 18.69 -21.85
CA CYS I 83 10.85 19.02 -22.20
C CYS I 83 10.76 19.80 -23.50
N LEU I 84 11.17 21.07 -23.47
CA LEU I 84 11.14 21.95 -24.64
C LEU I 84 12.54 22.32 -25.10
N HIS I 85 12.66 22.62 -26.40
CA HIS I 85 13.93 22.97 -26.98
C HIS I 85 13.77 24.20 -27.87
N LYS I 86 14.75 25.13 -27.81
CA LYS I 86 14.80 26.33 -28.63
C LYS I 86 15.87 26.08 -29.69
N SER J 2 28.55 6.35 -36.23
CA SER J 2 29.05 7.02 -35.02
C SER J 2 29.50 6.06 -33.89
N HIS J 3 30.44 6.55 -33.06
CA HIS J 3 31.00 5.80 -31.93
C HIS J 3 30.24 6.23 -30.69
N MET J 4 29.77 5.25 -29.88
CA MET J 4 28.97 5.46 -28.66
C MET J 4 27.84 6.50 -28.88
N PRO J 5 26.87 6.20 -29.75
CA PRO J 5 25.86 7.20 -30.07
C PRO J 5 24.80 7.44 -29.00
N TYR J 6 24.46 6.47 -28.16
CA TYR J 6 23.39 6.65 -27.19
C TYR J 6 23.87 7.04 -25.80
N LEU J 7 23.03 7.81 -25.11
CA LEU J 7 23.32 8.28 -23.79
C LEU J 7 22.05 8.24 -22.96
N LEU J 8 22.15 7.80 -21.72
CA LEU J 8 21.03 7.81 -20.80
C LEU J 8 21.41 8.66 -19.63
N ILE J 9 20.56 9.61 -19.26
CA ILE J 9 20.76 10.42 -18.05
C ILE J 9 19.47 10.38 -17.23
N SER J 10 19.58 10.64 -15.91
CA SER J 10 18.40 10.60 -15.06
C SER J 10 18.49 11.49 -13.85
N THR J 11 17.35 11.78 -13.25
CA THR J 11 17.29 12.49 -11.97
C THR J 11 16.03 12.01 -11.26
N GLN J 12 16.02 12.07 -9.94
CA GLN J 12 14.82 11.75 -9.18
C GLN J 12 14.01 13.02 -9.09
N ILE J 13 12.69 12.92 -8.90
CA ILE J 13 11.83 14.07 -8.55
C ILE J 13 12.45 14.66 -7.24
N ARG J 14 12.67 15.98 -7.12
CA ARG J 14 12.25 17.06 -8.02
C ARG J 14 13.25 17.27 -9.17
N MET J 15 12.72 17.59 -10.36
CA MET J 15 13.56 17.81 -11.54
C MET J 15 14.42 19.10 -11.47
N GLU J 16 14.04 20.04 -10.57
CA GLU J 16 14.75 21.32 -10.43
C GLU J 16 16.10 21.20 -9.75
N VAL J 17 16.41 20.03 -9.19
CA VAL J 17 17.60 19.84 -8.43
C VAL J 17 18.29 18.53 -8.79
N GLY J 18 19.60 18.52 -8.64
CA GLY J 18 20.39 17.33 -8.86
C GLY J 18 20.36 16.41 -7.64
N PRO J 19 21.19 15.35 -7.61
CA PRO J 19 22.14 14.93 -8.65
C PRO J 19 21.46 14.42 -9.92
N THR J 20 22.21 14.41 -11.01
CA THR J 20 21.78 13.85 -12.28
C THR J 20 22.77 12.70 -12.55
N MET J 21 22.26 11.50 -12.79
CA MET J 21 23.08 10.35 -13.12
C MET J 21 23.43 10.48 -14.59
N VAL J 22 24.73 10.42 -14.93
CA VAL J 22 25.14 10.61 -16.32
C VAL J 22 25.92 9.44 -16.92
N GLY J 23 26.09 8.34 -16.19
CA GLY J 23 26.83 7.21 -16.73
C GLY J 23 26.97 5.96 -15.88
N ASP J 24 27.38 4.89 -16.54
CA ASP J 24 27.64 3.58 -15.95
C ASP J 24 29.16 3.30 -16.00
N GLU J 25 29.65 2.14 -15.50
CA GLU J 25 31.09 1.83 -15.50
C GLU J 25 31.73 1.90 -16.87
N GLN J 26 31.00 1.55 -17.91
CA GLN J 26 31.55 1.56 -19.27
C GLN J 26 31.32 2.87 -20.04
N SER J 27 30.98 3.95 -19.34
CA SER J 27 30.77 5.24 -19.99
C SER J 27 32.08 5.84 -20.47
N ASP J 28 32.01 6.69 -21.50
CA ASP J 28 33.14 7.41 -22.07
C ASP J 28 33.74 8.32 -20.99
N PRO J 29 34.98 8.04 -20.56
CA PRO J 29 35.59 8.84 -19.47
C PRO J 29 35.83 10.30 -19.79
N GLU J 30 36.05 10.62 -21.06
CA GLU J 30 36.27 11.99 -21.49
C GLU J 30 34.97 12.80 -21.39
N LEU J 31 33.84 12.20 -21.80
CA LEU J 31 32.54 12.87 -21.68
C LEU J 31 32.19 13.08 -20.18
N MET J 32 32.49 12.07 -19.33
CA MET J 32 32.23 12.17 -17.90
C MET J 32 33.07 13.28 -17.29
N GLN J 33 34.34 13.39 -17.70
CA GLN J 33 35.24 14.45 -17.25
C GLN J 33 34.74 15.83 -17.72
N HIS J 34 34.25 15.92 -18.96
CA HIS J 34 33.71 17.15 -19.53
C HIS J 34 32.50 17.65 -18.72
N LEU J 35 31.63 16.73 -18.31
CA LEU J 35 30.45 17.08 -17.51
C LEU J 35 30.78 17.39 -16.03
N GLY J 36 32.04 17.20 -15.62
CA GLY J 36 32.47 17.39 -14.24
C GLY J 36 31.92 16.28 -13.36
N ALA J 37 31.71 15.08 -13.91
CA ALA J 37 31.13 13.95 -13.16
C ALA J 37 32.10 13.21 -12.27
N SER J 38 31.60 12.60 -11.20
CA SER J 38 32.37 11.78 -10.27
C SER J 38 31.85 10.34 -10.32
N LYS J 39 32.73 9.38 -10.10
CA LYS J 39 32.37 7.97 -10.12
C LYS J 39 32.22 7.47 -8.69
N ARG J 40 31.15 6.73 -8.40
CA ARG J 40 30.92 6.20 -7.07
C ARG J 40 30.10 4.93 -7.13
N ARG J 41 30.22 4.10 -6.08
CA ARG J 41 29.39 2.92 -5.94
C ARG J 41 28.57 3.23 -4.71
N ALA J 42 27.32 3.69 -4.90
CA ALA J 42 26.47 4.03 -3.76
C ALA J 42 26.19 2.78 -2.91
N LEU J 43 26.09 2.96 -1.57
CA LEU J 43 25.83 1.86 -0.66
C LEU J 43 24.50 1.18 -1.01
N GLY J 44 24.54 -0.13 -1.15
CA GLY J 44 23.39 -0.91 -1.55
C GLY J 44 23.43 -1.30 -3.02
N ASN J 45 24.30 -0.66 -3.82
CA ASN J 45 24.44 -0.97 -5.23
C ASN J 45 25.67 -1.81 -5.48
N ASN J 46 25.57 -2.72 -6.44
CA ASN J 46 26.67 -3.57 -6.85
C ASN J 46 27.20 -3.13 -8.22
N PHE J 47 27.25 -1.81 -8.44
CA PHE J 47 27.73 -1.20 -9.68
C PHE J 47 28.16 0.23 -9.41
N TYR J 48 29.04 0.73 -10.27
CA TYR J 48 29.51 2.11 -10.22
C TYR J 48 28.66 2.98 -11.16
N GLU J 49 28.53 4.24 -10.79
CA GLU J 49 27.76 5.19 -11.56
C GLU J 49 28.53 6.51 -11.63
N TYR J 50 28.23 7.32 -12.61
CA TYR J 50 28.77 8.66 -12.75
C TYR J 50 27.61 9.60 -12.49
N TYR J 51 27.87 10.66 -11.74
CA TYR J 51 26.84 11.62 -11.39
C TYR J 51 27.43 13.03 -11.35
N VAL J 52 26.55 14.03 -11.46
CA VAL J 52 26.91 15.44 -11.30
C VAL J 52 25.92 16.05 -10.32
N ASP J 53 26.29 17.15 -9.68
CA ASP J 53 25.40 17.83 -8.74
C ASP J 53 24.33 18.65 -9.46
N ASP J 54 24.55 18.99 -10.74
CA ASP J 54 23.68 19.84 -11.53
C ASP J 54 22.31 19.23 -11.75
N PRO J 55 21.28 20.09 -11.82
CA PRO J 55 19.97 19.61 -12.23
C PRO J 55 19.99 19.22 -13.73
N PRO J 56 19.05 18.39 -14.18
CA PRO J 56 19.10 17.89 -15.57
C PRO J 56 19.05 18.95 -16.67
N ARG J 57 18.36 20.08 -16.46
CA ARG J 57 18.31 21.14 -17.48
C ARG J 57 19.73 21.62 -17.86
N ILE J 58 20.65 21.72 -16.88
CA ILE J 58 22.01 22.16 -17.13
C ILE J 58 22.83 21.09 -17.87
N VAL J 59 22.63 19.83 -17.53
CA VAL J 59 23.29 18.72 -18.20
C VAL J 59 22.80 18.62 -19.65
N LEU J 60 21.49 18.80 -19.89
CA LEU J 60 20.93 18.75 -21.22
C LEU J 60 21.56 19.81 -22.13
N ASP J 61 21.74 21.05 -21.62
CA ASP J 61 22.35 22.11 -22.41
C ASP J 61 23.80 21.79 -22.75
N LYS J 62 24.54 21.15 -21.82
CA LYS J 62 25.94 20.76 -22.03
C LYS J 62 26.01 19.67 -23.08
N LEU J 63 25.10 18.67 -23.01
CA LEU J 63 25.06 17.60 -23.99
C LEU J 63 24.69 18.08 -25.39
N GLU J 64 23.85 19.12 -25.47
CA GLU J 64 23.51 19.72 -26.76
C GLU J 64 24.74 20.30 -27.44
N ARG J 65 25.62 20.93 -26.65
CA ARG J 65 26.88 21.50 -27.16
C ARG J 65 27.91 20.40 -27.52
N ARG J 66 27.71 19.17 -27.05
CA ARG J 66 28.54 18.02 -27.42
C ARG J 66 27.95 17.26 -28.64
N GLY J 67 26.88 17.77 -29.24
CA GLY J 67 26.26 17.15 -30.40
C GLY J 67 25.15 16.17 -30.10
N PHE J 68 24.69 16.08 -28.85
CA PHE J 68 23.60 15.15 -28.49
C PHE J 68 22.24 15.82 -28.62
N ARG J 69 21.24 15.04 -28.93
CA ARG J 69 19.87 15.50 -29.05
C ARG J 69 18.99 14.56 -28.17
N VAL J 70 18.02 15.11 -27.45
CA VAL J 70 17.06 14.32 -26.70
C VAL J 70 16.14 13.64 -27.71
N LEU J 71 16.07 12.31 -27.66
CA LEU J 71 15.14 11.54 -28.46
C LEU J 71 13.87 11.31 -27.65
N SER J 72 14.01 11.06 -26.34
CA SER J 72 12.88 10.70 -25.50
C SER J 72 13.11 11.04 -24.06
N MET J 73 12.05 11.35 -23.34
CA MET J 73 12.08 11.60 -21.91
C MET J 73 10.95 10.78 -21.27
N THR J 74 11.22 10.08 -20.17
CA THR J 74 10.18 9.27 -19.52
C THR J 74 10.29 9.22 -18.02
N GLY J 75 9.20 8.88 -17.37
CA GLY J 75 9.21 8.69 -15.93
C GLY J 75 9.14 7.20 -15.64
N VAL J 76 9.86 6.75 -14.62
CA VAL J 76 9.81 5.37 -14.16
C VAL J 76 9.99 5.43 -12.65
N GLY J 77 8.93 5.13 -11.90
CA GLY J 77 8.93 5.30 -10.45
C GLY J 77 9.04 6.77 -10.10
N GLN J 78 10.06 7.16 -9.35
CA GLN J 78 10.32 8.57 -9.06
C GLN J 78 11.44 9.16 -9.94
N THR J 79 11.90 8.41 -10.97
CA THR J 79 13.00 8.80 -11.82
C THR J 79 12.53 9.37 -13.15
N LEU J 80 13.14 10.46 -13.57
CA LEU J 80 12.94 11.06 -14.88
C LEU J 80 14.18 10.63 -15.66
N VAL J 81 13.99 10.01 -16.83
CA VAL J 81 15.09 9.53 -17.66
C VAL J 81 15.05 10.22 -19.00
N TRP J 82 16.21 10.61 -19.54
CA TRP J 82 16.31 11.14 -20.89
C TRP J 82 17.22 10.21 -21.69
N CYS J 83 16.78 9.90 -22.92
CA CYS J 83 17.53 9.11 -23.88
C CYS J 83 18.03 10.09 -24.93
N LEU J 84 19.35 10.21 -25.08
CA LEU J 84 19.96 11.12 -26.05
C LEU J 84 20.75 10.37 -27.11
N HIS J 85 20.87 10.99 -28.27
CA HIS J 85 21.58 10.38 -29.39
C HIS J 85 22.46 11.44 -30.08
N LYS J 86 23.67 11.07 -30.46
CA LYS J 86 24.56 11.97 -31.16
C LYS J 86 23.96 12.43 -32.50
N GLU J 87 23.28 13.62 -32.50
CA GLU J 87 22.55 14.23 -33.61
C GLU J 87 22.86 15.72 -33.76
ZN ZN K . -12.31 24.25 21.78
C1 5RW L . 14.35 9.33 -1.95
C2 5RW L . 15.80 10.89 -3.00
C3 5RW L . 13.70 9.12 -3.14
C4 5RW L . 15.16 10.70 -4.20
C5 5RW L . 15.44 10.18 -1.87
C6 5RW L . 14.12 9.81 -4.23
C7 5RW L . 14.38 7.12 1.94
C8 5RW L . 15.51 6.61 2.59
C9 5RW L . 16.05 8.26 1.24
C10 5RW L . 13.19 6.49 2.34
C11 5RW L . 14.33 5.11 3.82
C12 5RW L . 16.08 10.46 -0.53
N13 5RW L . 14.79 8.13 1.12
N14 5RW L . 15.53 5.66 3.54
N15 5RW L . 16.57 7.38 2.13
N16 5RW L . 13.15 5.49 3.28
N17 5RW L . 14.30 4.15 4.74
O18 5RW L . 12.04 6.79 1.80
F19 5RW L . 13.45 9.61 -5.41
S20 5RW L . 17.16 9.27 0.31
ZN ZN M . -33.54 -1.22 5.48
C1 5RW N . -2.24 20.31 -4.80
C2 5RW N . -2.00 18.04 -5.45
C3 5RW N . -2.72 20.64 -6.07
C4 5RW N . -2.51 18.32 -6.71
C5 5RW N . -1.87 19.02 -4.49
C6 5RW N . -2.87 19.62 -6.99
C7 5RW N . -1.12 16.53 0.62
C8 5RW N . -0.94 17.49 1.60
C9 5RW N . -1.11 18.42 -0.39
C10 5RW N . -1.20 15.21 1.13
C11 5RW N . -0.89 15.96 3.29
C12 5RW N . -1.34 18.66 -3.12
N13 5RW N . -1.22 17.15 -0.58
N14 5RW N . -0.83 17.27 2.93
N15 5RW N . -0.95 18.72 0.94
N16 5RW N . -1.07 14.92 2.46
N17 5RW N . -0.78 15.70 4.60
O18 5RW N . -1.42 14.19 0.35
F19 5RW N . -3.36 19.90 -8.24
S20 5RW N . -1.18 19.68 -1.61
ZN ZN O . -13.97 -30.83 0.35
C1 5RW P . -11.98 7.66 -10.81
C2 5RW P . -13.57 8.41 -12.42
C3 5RW P . -11.27 8.85 -10.94
C4 5RW P . -12.92 9.64 -12.49
C5 5RW P . -13.10 7.41 -11.58
C6 5RW P . -11.79 9.82 -11.75
C7 5RW P . -13.63 5.69 -7.09
C8 5RW P . -14.75 6.35 -6.59
C9 5RW P . -14.72 6.42 -8.79
C10 5RW P . -12.86 5.06 -6.10
C11 5RW P . -14.24 5.89 -4.43
C12 5RW P . -13.89 6.14 -11.41
N13 5RW P . -13.68 5.78 -8.45
N14 5RW P . -15.07 6.49 -5.30
N15 5RW P . -15.46 6.78 -7.71
N16 5RW P . -13.13 5.17 -4.76
N17 5RW P . -14.53 5.97 -3.13
O18 5RW P . -11.77 4.39 -6.38
F19 5RW P . -11.13 11.00 -11.84
S20 5RW P . -15.26 6.80 -10.40
ZN ZN Q . 19.52 -25.53 13.16
C1 5RW R . -3.95 -11.62 -17.03
C2 5RW R . -3.06 -9.42 -16.71
C3 5RW R . -3.77 -11.50 -18.39
C4 5RW R . -2.87 -9.30 -18.08
C5 5RW R . -3.62 -10.57 -16.17
C6 5RW R . -3.23 -10.34 -18.88
C7 5RW R . -5.71 -10.34 -10.77
C8 5RW R . -6.90 -11.06 -10.86
C9 5RW R . -5.78 -11.15 -12.74
C10 5RW R . -5.48 -9.80 -9.49
C11 5RW R . -7.45 -10.74 -8.69
C12 5RW R . -3.87 -10.69 -14.69
N13 5RW R . -5.08 -10.43 -11.97
N14 5RW R . -7.77 -11.30 -9.87
N15 5RW R . -6.90 -11.63 -12.14
N16 5RW R . -6.35 -9.97 -8.43
N17 5RW R . -8.32 -10.89 -7.69
O18 5RW R . -4.40 -9.09 -9.24
F19 5RW R . -3.05 -10.22 -20.22
S20 5RW R . -5.46 -11.55 -14.42
ZN ZN S . 20.01 9.52 25.65
C1 5RW T . 16.94 -8.14 -8.66
C2 5RW T . 15.48 -8.07 -10.54
C3 5RW T . 18.04 -8.03 -9.50
C4 5RW T . 16.57 -7.97 -11.39
C5 5RW T . 15.65 -8.16 -9.16
C6 5RW T . 17.81 -7.96 -10.85
C7 5RW T . 11.68 -9.68 -5.15
C8 5RW T . 11.84 -11.06 -5.09
C9 5RW T . 13.16 -10.19 -6.61
C10 5RW T . 10.73 -9.19 -4.23
C11 5RW T . 10.30 -11.33 -3.44
C12 5RW T . 14.47 -8.38 -8.25
N13 5RW T . 12.52 -9.20 -6.11
N14 5RW T . 11.20 -11.90 -4.27
N15 5RW T . 12.82 -11.37 -6.04
N16 5RW T . 10.02 -10.02 -3.38
N17 5RW T . 9.64 -12.15 -2.63
O18 5RW T . 10.44 -7.88 -4.16
F19 5RW T . 18.89 -7.82 -11.68
S20 5RW T . 14.36 -10.17 -7.89
NA NA U . 18.66 -2.52 -15.20
NA NA V . 1.82 -8.42 -22.54
NA NA W . -10.85 5.89 -20.85
NA NA X . -2.14 20.99 -12.66
NA NA Y . 16.30 15.75 -9.12
#